data_6CEE
# 
_entry.id   6CEE 
# 
_audit_conform.dict_name       mmcif_pdbx.dic 
_audit_conform.dict_version    5.379 
_audit_conform.dict_location   http://mmcif.pdb.org/dictionaries/ascii/mmcif_pdbx.dic 
# 
loop_
_database_2.database_id 
_database_2.database_code 
_database_2.pdbx_database_accession 
_database_2.pdbx_DOI 
PDB   6CEE         pdb_00006cee 10.2210/pdb6cee/pdb 
WWPDB D_1000232616 ?            ?                   
# 
_pdbx_database_status.status_code                     REL 
_pdbx_database_status.status_code_sf                  REL 
_pdbx_database_status.status_code_mr                  ? 
_pdbx_database_status.entry_id                        6CEE 
_pdbx_database_status.recvd_initial_deposition_date   2018-02-11 
_pdbx_database_status.SG_entry                        Y 
_pdbx_database_status.deposit_site                    RCSB 
_pdbx_database_status.process_site                    RCSB 
_pdbx_database_status.status_code_cs                  ? 
_pdbx_database_status.methods_development_category    ? 
_pdbx_database_status.pdb_format_compatible           Y 
_pdbx_database_status.status_code_nmr_data            ? 
# 
loop_
_audit_author.name 
_audit_author.pdbx_ordinal 
_audit_author.identifier_ORCID 
'Harding, R.J.'                        1  ? 
'Halabelian, L.'                       2  ? 
'Ferreira de Freitas, R.'              3  ? 
'Franzoni, I.'                         4  ? 
'Ravichandran, M.'                     5  ? 
'Lautens, M.'                          6  ? 
'Santhakumar, V.'                      7  ? 
'Schapira, M.'                         8  ? 
'Bountra, C.'                          9  ? 
'Edwards, A.M.'                        10 ? 
'Arrowsmith, C.M.'                     11 ? 
'Structural Genomics Consortium (SGC)' 12 ? 
# 
_citation.abstract                  ? 
_citation.abstract_id_CAS           ? 
_citation.book_id_ISBN              ? 
_citation.book_publisher            ? 
_citation.book_publisher_city       ? 
_citation.book_title                ? 
_citation.coordinate_linkage        ? 
_citation.country                   US 
_citation.database_id_Medline       ? 
_citation.details                   ? 
_citation.id                        primary 
_citation.journal_abbrev            'J. Med. Chem.' 
_citation.journal_id_ASTM           JMCMAR 
_citation.journal_id_CSD            0151 
_citation.journal_id_ISSN           1520-4804 
_citation.journal_full              ? 
_citation.journal_issue             ? 
_citation.journal_volume            61 
_citation.language                  ? 
_citation.page_first                4517 
_citation.page_last                 4527 
_citation.title                     
'Identification and Structure-Activity Relationship of HDAC6 Zinc-Finger Ubiquitin Binding Domain Inhibitors.' 
_citation.year                      2018 
_citation.database_id_CSD           ? 
_citation.pdbx_database_id_DOI      10.1021/acs.jmedchem.8b00258 
_citation.pdbx_database_id_PubMed   29741882 
_citation.unpublished_flag          ? 
# 
loop_
_citation_author.citation_id 
_citation_author.name 
_citation_author.ordinal 
_citation_author.identifier_ORCID 
primary 'Ferreira de Freitas, R.' 1  ? 
primary 'Harding, R.J.'           2  ? 
primary 'Franzoni, I.'            3  ? 
primary 'Ravichandran, M.'        4  ? 
primary 'Mann, M.K.'              5  ? 
primary 'Ouyang, H.'              6  ? 
primary 'Lautens, M.'             7  ? 
primary 'Santhakumar, V.'         8  ? 
primary 'Arrowsmith, C.H.'        9  ? 
primary 'Schapira, M.'            10 ? 
# 
_cell.length_a           40.720 
_cell.length_b           44.110 
_cell.length_c           55.910 
_cell.angle_alpha        90.000 
_cell.angle_beta         90.000 
_cell.angle_gamma        90.000 
_cell.entry_id           6CEE 
_cell.Z_PDB              4 
_cell.pdbx_unique_axis   ? 
# 
_symmetry.space_group_name_H-M             'P 21 21 21' 
_symmetry.entry_id                         6CEE 
_symmetry.Int_Tables_number                19 
_symmetry.pdbx_full_space_group_name_H-M   ? 
_symmetry.cell_setting                     ? 
# 
loop_
_entity.id 
_entity.type 
_entity.src_method 
_entity.pdbx_description 
_entity.formula_weight 
_entity.pdbx_number_of_molecules 
_entity.pdbx_ec 
_entity.pdbx_mutation 
_entity.pdbx_fragment 
_entity.details 
1 polymer     man 'Histone deacetylase 6'                                       11932.607 1  3.5.1.98 ? ? ? 
2 non-polymer syn 'ZINC ION'                                                    65.409    3  ?        ? ? ? 
3 non-polymer syn '3-(4-methyl-3-oxo-3,4-dihydroquinoxalin-2-yl)propanoic acid' 232.235   1  ?        ? ? ? 
4 non-polymer syn 'UNKNOWN ATOM OR ION'                                         ?         4  ?        ? ? ? 
5 water       nat water                                                         18.015    87 ?        ? ? ? 
# 
_entity_name_com.entity_id   1 
_entity_name_com.name        HD6 
# 
_entity_poly.entity_id                      1 
_entity_poly.type                           'polypeptide(L)' 
_entity_poly.nstd_linkage                   no 
_entity_poly.nstd_monomer                   no 
_entity_poly.pdbx_seq_one_letter_code       
;GSPLPWCPHLVAVCPIPAAGLDVTQPCGDCGTIQENWVCLSCYQVYCGRYINGHMLQHHGNSGHPLVLSYIDLSAWCYYC
QAYVHHQALLDVKNIAHQNKFGEDMPH
;
_entity_poly.pdbx_seq_one_letter_code_can   
;GSPLPWCPHLVAVCPIPAAGLDVTQPCGDCGTIQENWVCLSCYQVYCGRYINGHMLQHHGNSGHPLVLSYIDLSAWCYYC
QAYVHHQALLDVKNIAHQNKFGEDMPH
;
_entity_poly.pdbx_strand_id                 A 
_entity_poly.pdbx_target_identifier         ? 
# 
loop_
_entity_poly_seq.entity_id 
_entity_poly_seq.num 
_entity_poly_seq.mon_id 
_entity_poly_seq.hetero 
1 1   GLY n 
1 2   SER n 
1 3   PRO n 
1 4   LEU n 
1 5   PRO n 
1 6   TRP n 
1 7   CYS n 
1 8   PRO n 
1 9   HIS n 
1 10  LEU n 
1 11  VAL n 
1 12  ALA n 
1 13  VAL n 
1 14  CYS n 
1 15  PRO n 
1 16  ILE n 
1 17  PRO n 
1 18  ALA n 
1 19  ALA n 
1 20  GLY n 
1 21  LEU n 
1 22  ASP n 
1 23  VAL n 
1 24  THR n 
1 25  GLN n 
1 26  PRO n 
1 27  CYS n 
1 28  GLY n 
1 29  ASP n 
1 30  CYS n 
1 31  GLY n 
1 32  THR n 
1 33  ILE n 
1 34  GLN n 
1 35  GLU n 
1 36  ASN n 
1 37  TRP n 
1 38  VAL n 
1 39  CYS n 
1 40  LEU n 
1 41  SER n 
1 42  CYS n 
1 43  TYR n 
1 44  GLN n 
1 45  VAL n 
1 46  TYR n 
1 47  CYS n 
1 48  GLY n 
1 49  ARG n 
1 50  TYR n 
1 51  ILE n 
1 52  ASN n 
1 53  GLY n 
1 54  HIS n 
1 55  MET n 
1 56  LEU n 
1 57  GLN n 
1 58  HIS n 
1 59  HIS n 
1 60  GLY n 
1 61  ASN n 
1 62  SER n 
1 63  GLY n 
1 64  HIS n 
1 65  PRO n 
1 66  LEU n 
1 67  VAL n 
1 68  LEU n 
1 69  SER n 
1 70  TYR n 
1 71  ILE n 
1 72  ASP n 
1 73  LEU n 
1 74  SER n 
1 75  ALA n 
1 76  TRP n 
1 77  CYS n 
1 78  TYR n 
1 79  TYR n 
1 80  CYS n 
1 81  GLN n 
1 82  ALA n 
1 83  TYR n 
1 84  VAL n 
1 85  HIS n 
1 86  HIS n 
1 87  GLN n 
1 88  ALA n 
1 89  LEU n 
1 90  LEU n 
1 91  ASP n 
1 92  VAL n 
1 93  LYS n 
1 94  ASN n 
1 95  ILE n 
1 96  ALA n 
1 97  HIS n 
1 98  GLN n 
1 99  ASN n 
1 100 LYS n 
1 101 PHE n 
1 102 GLY n 
1 103 GLU n 
1 104 ASP n 
1 105 MET n 
1 106 PRO n 
1 107 HIS n 
# 
_entity_src_gen.entity_id                          1 
_entity_src_gen.pdbx_src_id                        1 
_entity_src_gen.pdbx_alt_source_flag               sample 
_entity_src_gen.pdbx_seq_type                      'Biological sequence' 
_entity_src_gen.pdbx_beg_seq_num                   1 
_entity_src_gen.pdbx_end_seq_num                   107 
_entity_src_gen.gene_src_common_name               Human 
_entity_src_gen.gene_src_genus                     ? 
_entity_src_gen.pdbx_gene_src_gene                 'HDAC6, KIAA0901, JM21' 
_entity_src_gen.gene_src_species                   ? 
_entity_src_gen.gene_src_strain                    ? 
_entity_src_gen.gene_src_tissue                    ? 
_entity_src_gen.gene_src_tissue_fraction           ? 
_entity_src_gen.gene_src_details                   ? 
_entity_src_gen.pdbx_gene_src_fragment             ? 
_entity_src_gen.pdbx_gene_src_scientific_name      'Homo sapiens' 
_entity_src_gen.pdbx_gene_src_ncbi_taxonomy_id     9606 
_entity_src_gen.pdbx_gene_src_variant              ? 
_entity_src_gen.pdbx_gene_src_cell_line            ? 
_entity_src_gen.pdbx_gene_src_atcc                 ? 
_entity_src_gen.pdbx_gene_src_organ                ? 
_entity_src_gen.pdbx_gene_src_organelle            ? 
_entity_src_gen.pdbx_gene_src_cell                 ? 
_entity_src_gen.pdbx_gene_src_cellular_location    ? 
_entity_src_gen.host_org_common_name               ? 
_entity_src_gen.pdbx_host_org_scientific_name      'Escherichia coli' 
_entity_src_gen.pdbx_host_org_ncbi_taxonomy_id     469008 
_entity_src_gen.host_org_genus                     ? 
_entity_src_gen.pdbx_host_org_gene                 ? 
_entity_src_gen.pdbx_host_org_organ                ? 
_entity_src_gen.host_org_species                   ? 
_entity_src_gen.pdbx_host_org_tissue               ? 
_entity_src_gen.pdbx_host_org_tissue_fraction      ? 
_entity_src_gen.pdbx_host_org_strain               'BL21 (DE3) codon plus' 
_entity_src_gen.pdbx_host_org_variant              ? 
_entity_src_gen.pdbx_host_org_cell_line            ? 
_entity_src_gen.pdbx_host_org_atcc                 ? 
_entity_src_gen.pdbx_host_org_culture_collection   ? 
_entity_src_gen.pdbx_host_org_cell                 ? 
_entity_src_gen.pdbx_host_org_organelle            ? 
_entity_src_gen.pdbx_host_org_cellular_location    ? 
_entity_src_gen.pdbx_host_org_vector_type          ? 
_entity_src_gen.pdbx_host_org_vector               ? 
_entity_src_gen.host_org_details                   ? 
_entity_src_gen.expression_system_id               ? 
_entity_src_gen.plasmid_name                       pET28-lic 
_entity_src_gen.plasmid_details                    ? 
_entity_src_gen.pdbx_description                   ? 
# 
_struct_ref.id                         1 
_struct_ref.db_name                    UNP 
_struct_ref.db_code                    HDAC6_HUMAN 
_struct_ref.pdbx_db_accession          Q9UBN7 
_struct_ref.pdbx_db_isoform            ? 
_struct_ref.entity_id                  1 
_struct_ref.pdbx_seq_one_letter_code   
;PLPWCPHLVAVCPIPAAGLDVTQPCGDCGTIQENWVCLSCYQVYCGRYINGHMLQHHGNSGHPLVLSYIDLSAWCYYCQA
YVHHQALLDVKNIAHQNKFGEDMPH
;
_struct_ref.pdbx_align_begin           1109 
# 
_struct_ref_seq.align_id                      1 
_struct_ref_seq.ref_id                        1 
_struct_ref_seq.pdbx_PDB_id_code              6CEE 
_struct_ref_seq.pdbx_strand_id                A 
_struct_ref_seq.seq_align_beg                 3 
_struct_ref_seq.pdbx_seq_align_beg_ins_code   ? 
_struct_ref_seq.seq_align_end                 107 
_struct_ref_seq.pdbx_seq_align_end_ins_code   ? 
_struct_ref_seq.pdbx_db_accession             Q9UBN7 
_struct_ref_seq.db_align_beg                  1109 
_struct_ref_seq.pdbx_db_align_beg_ins_code    ? 
_struct_ref_seq.db_align_end                  1213 
_struct_ref_seq.pdbx_db_align_end_ins_code    ? 
_struct_ref_seq.pdbx_auth_seq_align_beg       1109 
_struct_ref_seq.pdbx_auth_seq_align_end       1213 
# 
loop_
_struct_ref_seq_dif.align_id 
_struct_ref_seq_dif.pdbx_pdb_id_code 
_struct_ref_seq_dif.mon_id 
_struct_ref_seq_dif.pdbx_pdb_strand_id 
_struct_ref_seq_dif.seq_num 
_struct_ref_seq_dif.pdbx_pdb_ins_code 
_struct_ref_seq_dif.pdbx_seq_db_name 
_struct_ref_seq_dif.pdbx_seq_db_accession_code 
_struct_ref_seq_dif.db_mon_id 
_struct_ref_seq_dif.pdbx_seq_db_seq_num 
_struct_ref_seq_dif.details 
_struct_ref_seq_dif.pdbx_auth_seq_num 
_struct_ref_seq_dif.pdbx_ordinal 
1 6CEE GLY A 1 ? UNP Q9UBN7 ? ? 'expression tag' 1107 1 
1 6CEE SER A 2 ? UNP Q9UBN7 ? ? 'expression tag' 1108 2 
# 
loop_
_chem_comp.id 
_chem_comp.type 
_chem_comp.mon_nstd_flag 
_chem_comp.name 
_chem_comp.pdbx_synonyms 
_chem_comp.formula 
_chem_comp.formula_weight 
ALA 'L-peptide linking' y ALANINE                                                       ? 'C3 H7 N O2'     89.093  
ARG 'L-peptide linking' y ARGININE                                                      ? 'C6 H15 N4 O2 1' 175.209 
ASN 'L-peptide linking' y ASPARAGINE                                                    ? 'C4 H8 N2 O3'    132.118 
ASP 'L-peptide linking' y 'ASPARTIC ACID'                                               ? 'C4 H7 N O4'     133.103 
CYS 'L-peptide linking' y CYSTEINE                                                      ? 'C3 H7 N O2 S'   121.158 
EYM non-polymer         . '3-(4-methyl-3-oxo-3,4-dihydroquinoxalin-2-yl)propanoic acid' ? 'C12 H12 N2 O3'  232.235 
GLN 'L-peptide linking' y GLUTAMINE                                                     ? 'C5 H10 N2 O3'   146.144 
GLU 'L-peptide linking' y 'GLUTAMIC ACID'                                               ? 'C5 H9 N O4'     147.129 
GLY 'peptide linking'   y GLYCINE                                                       ? 'C2 H5 N O2'     75.067  
HIS 'L-peptide linking' y HISTIDINE                                                     ? 'C6 H10 N3 O2 1' 156.162 
HOH non-polymer         . WATER                                                         ? 'H2 O'           18.015  
ILE 'L-peptide linking' y ISOLEUCINE                                                    ? 'C6 H13 N O2'    131.173 
LEU 'L-peptide linking' y LEUCINE                                                       ? 'C6 H13 N O2'    131.173 
LYS 'L-peptide linking' y LYSINE                                                        ? 'C6 H15 N2 O2 1' 147.195 
MET 'L-peptide linking' y METHIONINE                                                    ? 'C5 H11 N O2 S'  149.211 
PHE 'L-peptide linking' y PHENYLALANINE                                                 ? 'C9 H11 N O2'    165.189 
PRO 'L-peptide linking' y PROLINE                                                       ? 'C5 H9 N O2'     115.130 
SER 'L-peptide linking' y SERINE                                                        ? 'C3 H7 N O3'     105.093 
THR 'L-peptide linking' y THREONINE                                                     ? 'C4 H9 N O3'     119.119 
TRP 'L-peptide linking' y TRYPTOPHAN                                                    ? 'C11 H12 N2 O2'  204.225 
TYR 'L-peptide linking' y TYROSINE                                                      ? 'C9 H11 N O3'    181.189 
UNX non-polymer         . 'UNKNOWN ATOM OR ION'                                         ? ?                ?       
VAL 'L-peptide linking' y VALINE                                                        ? 'C5 H11 N O2'    117.146 
ZN  non-polymer         . 'ZINC ION'                                                    ? 'Zn 2'           65.409  
# 
_exptl.absorpt_coefficient_mu     ? 
_exptl.absorpt_correction_T_max   ? 
_exptl.absorpt_correction_T_min   ? 
_exptl.absorpt_correction_type    ? 
_exptl.absorpt_process_details    ? 
_exptl.entry_id                   6CEE 
_exptl.crystals_number            1 
_exptl.details                    ? 
_exptl.method                     'X-RAY DIFFRACTION' 
_exptl.method_details             ? 
# 
_exptl_crystal.colour                      ? 
_exptl_crystal.density_diffrn              ? 
_exptl_crystal.density_Matthews            2.09 
_exptl_crystal.density_method              ? 
_exptl_crystal.density_percent_sol         41.07 
_exptl_crystal.description                 ? 
_exptl_crystal.F_000                       ? 
_exptl_crystal.id                          1 
_exptl_crystal.preparation                 ? 
_exptl_crystal.size_max                    ? 
_exptl_crystal.size_mid                    ? 
_exptl_crystal.size_min                    ? 
_exptl_crystal.size_rad                    ? 
_exptl_crystal.colour_lustre               ? 
_exptl_crystal.colour_modifier             ? 
_exptl_crystal.colour_primary              ? 
_exptl_crystal.density_meas                ? 
_exptl_crystal.density_meas_esd            ? 
_exptl_crystal.density_meas_gt             ? 
_exptl_crystal.density_meas_lt             ? 
_exptl_crystal.density_meas_temp           ? 
_exptl_crystal.density_meas_temp_esd       ? 
_exptl_crystal.density_meas_temp_gt        ? 
_exptl_crystal.density_meas_temp_lt        ? 
_exptl_crystal.pdbx_crystal_image_url      ? 
_exptl_crystal.pdbx_crystal_image_format   ? 
_exptl_crystal.pdbx_mosaicity              0.000 
_exptl_crystal.pdbx_mosaicity_esd          ? 
# 
_exptl_crystal_grow.apparatus       ? 
_exptl_crystal_grow.atmosphere      ? 
_exptl_crystal_grow.crystal_id      1 
_exptl_crystal_grow.details         ? 
_exptl_crystal_grow.method          'VAPOR DIFFUSION, SITTING DROP' 
_exptl_crystal_grow.method_ref      ? 
_exptl_crystal_grow.pH              4.6 
_exptl_crystal_grow.pressure        ? 
_exptl_crystal_grow.pressure_esd    ? 
_exptl_crystal_grow.seeding         ? 
_exptl_crystal_grow.seeding_ref     ? 
_exptl_crystal_grow.temp            291 
_exptl_crystal_grow.temp_details    ? 
_exptl_crystal_grow.temp_esd        ? 
_exptl_crystal_grow.time            ? 
_exptl_crystal_grow.pdbx_details    '2 M Na-formate, 0.2 M Na-acetate pH4.6, 5 % ethylene glycol' 
_exptl_crystal_grow.pdbx_pH_range   ? 
# 
_diffrn.ambient_environment    ? 
_diffrn.ambient_temp           100 
_diffrn.ambient_temp_details   ? 
_diffrn.ambient_temp_esd       ? 
_diffrn.crystal_id             1 
_diffrn.crystal_support        ? 
_diffrn.crystal_treatment      ? 
_diffrn.details                ? 
_diffrn.id                     1 
_diffrn.ambient_pressure       ? 
_diffrn.ambient_pressure_esd   ? 
_diffrn.ambient_pressure_gt    ? 
_diffrn.ambient_pressure_lt    ? 
_diffrn.ambient_temp_gt        ? 
_diffrn.ambient_temp_lt        ? 
# 
_diffrn_detector.details                      ? 
_diffrn_detector.detector                     CCD 
_diffrn_detector.diffrn_id                    1 
_diffrn_detector.type                         'RIGAKU SATURN A200' 
_diffrn_detector.area_resol_mean              ? 
_diffrn_detector.dtime                        ? 
_diffrn_detector.pdbx_frames_total            ? 
_diffrn_detector.pdbx_collection_time_total   ? 
_diffrn_detector.pdbx_collection_date         2017-08-24 
# 
_diffrn_radiation.collimation                      ? 
_diffrn_radiation.diffrn_id                        1 
_diffrn_radiation.filter_edge                      ? 
_diffrn_radiation.inhomogeneity                    ? 
_diffrn_radiation.monochromator                    ? 
_diffrn_radiation.polarisn_norm                    ? 
_diffrn_radiation.polarisn_ratio                   ? 
_diffrn_radiation.probe                            ? 
_diffrn_radiation.type                             ? 
_diffrn_radiation.xray_symbol                      ? 
_diffrn_radiation.wavelength_id                    1 
_diffrn_radiation.pdbx_monochromatic_or_laue_m_l   M 
_diffrn_radiation.pdbx_wavelength_list             ? 
_diffrn_radiation.pdbx_wavelength                  ? 
_diffrn_radiation.pdbx_diffrn_protocol             'SINGLE WAVELENGTH' 
_diffrn_radiation.pdbx_analyzer                    ? 
_diffrn_radiation.pdbx_scattering_type             x-ray 
# 
_diffrn_radiation_wavelength.id           1 
_diffrn_radiation_wavelength.wavelength   1.54178 
_diffrn_radiation_wavelength.wt           1.0 
# 
_diffrn_source.current                     ? 
_diffrn_source.details                     ? 
_diffrn_source.diffrn_id                   1 
_diffrn_source.power                       ? 
_diffrn_source.size                        ? 
_diffrn_source.source                      'ROTATING ANODE' 
_diffrn_source.target                      ? 
_diffrn_source.type                        'RIGAKU FR-E SUPERBRIGHT' 
_diffrn_source.voltage                     ? 
_diffrn_source.take-off_angle              ? 
_diffrn_source.pdbx_wavelength_list        1.54178 
_diffrn_source.pdbx_wavelength             ? 
_diffrn_source.pdbx_synchrotron_beamline   ? 
_diffrn_source.pdbx_synchrotron_site       ? 
# 
_reflns.entry_id                     6CEE 
_reflns.pdbx_diffrn_id               1 
_reflns.pdbx_ordinal                 1 
_reflns.observed_criterion_sigma_I   ? 
_reflns.observed_criterion_sigma_F   ? 
_reflns.d_resolution_low             30.00 
_reflns.d_resolution_high            1.550 
_reflns.number_obs                   15166 
_reflns.number_all                   ? 
_reflns.percent_possible_obs         100.000 
_reflns.pdbx_Rmerge_I_obs            0.037 
_reflns.pdbx_Rsym_value              ? 
_reflns.pdbx_netI_over_sigmaI        40.500 
_reflns.B_iso_Wilson_estimate        ? 
_reflns.pdbx_redundancy              6.700 
_reflns.pdbx_Rrim_I_all              0.040 
_reflns.pdbx_Rpim_I_all              0.015 
_reflns.pdbx_CC_half                 1.000 
_reflns.pdbx_netI_over_av_sigmaI     ? 
_reflns.pdbx_number_measured_all     101184 
_reflns.pdbx_scaling_rejects         3 
_reflns.pdbx_chi_squared             ? 
_reflns.Rmerge_F_all                 ? 
_reflns.Rmerge_F_obs                 ? 
_reflns.observed_criterion_F_max     ? 
_reflns.observed_criterion_F_min     ? 
_reflns.observed_criterion_I_max     ? 
_reflns.observed_criterion_I_min     ? 
_reflns.pdbx_d_res_high_opt          ? 
_reflns.pdbx_d_res_low_opt           ? 
_reflns.details                      ? 
# 
loop_
_reflns_shell.pdbx_diffrn_id 
_reflns_shell.pdbx_ordinal 
_reflns_shell.d_res_high 
_reflns_shell.d_res_low 
_reflns_shell.number_measured_obs 
_reflns_shell.number_measured_all 
_reflns_shell.number_unique_obs 
_reflns_shell.pdbx_rejects 
_reflns_shell.Rmerge_I_obs 
_reflns_shell.meanI_over_sigI_obs 
_reflns_shell.pdbx_Rsym_value 
_reflns_shell.pdbx_chi_squared 
_reflns_shell.pdbx_redundancy 
_reflns_shell.percent_possible_obs 
_reflns_shell.pdbx_netI_over_sigmaI_obs 
_reflns_shell.number_possible 
_reflns_shell.number_unique_all 
_reflns_shell.Rmerge_F_all 
_reflns_shell.Rmerge_F_obs 
_reflns_shell.Rmerge_I_all 
_reflns_shell.meanI_over_sigI_all 
_reflns_shell.percent_possible_all 
_reflns_shell.pdbx_Rrim_I_all 
_reflns_shell.pdbx_Rpim_I_all 
_reflns_shell.pdbx_CC_half 
1 1 1.550 1.580  ? 4630 766 ? 0.231 ? ? ? 6.000 ? 8.100   ? ? ? ? ? ? 100.000 0.253 0.102 0.967 
1 2 8.490 29.920 ? 590  113 ? 0.021 ? ? ? 5.200 ? 102.100 ? ? ? ? ? ? 98.200  0.024 0.010 1.000 
# 
_refine.entry_id                                 6CEE 
_refine.pdbx_refine_id                           'X-RAY DIFFRACTION' 
_refine.ls_d_res_high                            1.5500 
_refine.ls_d_res_low                             30.0000 
_refine.pdbx_ls_sigma_F                          0.000 
_refine.pdbx_data_cutoff_high_absF               ? 
_refine.pdbx_data_cutoff_low_absF                ? 
_refine.ls_percent_reflns_obs                    99.8900 
_refine.ls_number_reflns_obs                     14437 
_refine.ls_number_reflns_all                     ? 
_refine.pdbx_ls_cross_valid_method               THROUGHOUT 
_refine.ls_matrix_type                           ? 
_refine.pdbx_R_Free_selection_details            RANDOM 
_refine.details                                  
;Users of this crystal structure: verify our intepretion of the electron density. Amplitudes and unmerged intensities are included with this deposition. Diffraction images will be deposited at a later date in a public repository. Geometry restraints for the ligand were prepared with GRADE.
;
_refine.ls_R_factor_all                          ? 
_refine.ls_R_factor_obs                          0.1538 
_refine.ls_R_factor_R_work                       0.1530 
_refine.ls_wR_factor_R_work                      ? 
_refine.ls_R_factor_R_free                       0.1694 
_refine.ls_wR_factor_R_free                      ? 
_refine.ls_percent_reflns_R_free                 4.8000 
_refine.ls_number_reflns_R_free                  728 
_refine.ls_number_reflns_R_work                  ? 
_refine.ls_R_factor_R_free_error                 ? 
_refine.B_iso_mean                               12.3590 
_refine.solvent_model_param_bsol                 ? 
_refine.solvent_model_param_ksol                 ? 
_refine.pdbx_isotropic_thermal_model             ? 
_refine.aniso_B[1][1]                            -0.0500 
_refine.aniso_B[2][2]                            0.7000 
_refine.aniso_B[3][3]                            -0.6400 
_refine.aniso_B[1][2]                            0.0000 
_refine.aniso_B[1][3]                            0.0000 
_refine.aniso_B[2][3]                            -0.0000 
_refine.correlation_coeff_Fo_to_Fc               0.9630 
_refine.correlation_coeff_Fo_to_Fc_free          0.9590 
_refine.overall_SU_R_Cruickshank_DPI             ? 
_refine.pdbx_overall_SU_R_free_Cruickshank_DPI   ? 
_refine.pdbx_overall_SU_R_Blow_DPI               ? 
_refine.pdbx_overall_SU_R_free_Blow_DPI          ? 
_refine.overall_SU_R_free                        ? 
_refine.pdbx_overall_ESU_R                       0.0690 
_refine.pdbx_overall_ESU_R_Free                  0.0670 
_refine.overall_SU_ML                            0.0380 
_refine.overall_SU_B                             1.0240 
_refine.solvent_model_details                    MASK 
_refine.pdbx_solvent_vdw_probe_radii             1.2000 
_refine.pdbx_solvent_ion_probe_radii             0.8000 
_refine.pdbx_solvent_shrinkage_radii             0.8000 
_refine.ls_number_parameters                     ? 
_refine.ls_number_restraints                     ? 
_refine.pdbx_starting_model                      'pdbid 5KH3' 
_refine.pdbx_method_to_determine_struct          ? 
_refine.pdbx_stereochemistry_target_values       'MAXIMUM LIKELIHOOD' 
_refine.pdbx_stereochem_target_val_spec_case     ? 
_refine.overall_FOM_work_R_set                   ? 
_refine.B_iso_max                                36.300 
_refine.B_iso_min                                6.930 
_refine.pdbx_overall_phase_error                 ? 
_refine.occupancy_max                            ? 
_refine.occupancy_min                            ? 
_refine.pdbx_diffrn_id                           1 
_refine.pdbx_TLS_residual_ADP_flag               ? 
_refine.pdbx_ls_sigma_I                          ? 
_refine.pdbx_data_cutoff_high_rms_absF           ? 
_refine.ls_R_factor_R_free_error_details         ? 
# 
_refine_hist.cycle_id                         final 
_refine_hist.pdbx_refine_id                   'X-RAY DIFFRACTION' 
_refine_hist.d_res_high                       1.5500 
_refine_hist.d_res_low                        30.0000 
_refine_hist.pdbx_number_atoms_ligand         24 
_refine_hist.number_atoms_solvent             87 
_refine_hist.number_atoms_total               888 
_refine_hist.pdbx_number_residues_total       100 
_refine_hist.pdbx_B_iso_mean_ligand           19.92 
_refine_hist.pdbx_B_iso_mean_solvent          22.09 
_refine_hist.pdbx_number_atoms_protein        777 
_refine_hist.pdbx_number_atoms_nucleic_acid   0 
# 
loop_
_refine_ls_restr.pdbx_refine_id 
_refine_ls_restr.type 
_refine_ls_restr.number 
_refine_ls_restr.dev_ideal 
_refine_ls_restr.dev_ideal_target 
_refine_ls_restr.weight 
_refine_ls_restr.pdbx_restraint_function 
'X-RAY DIFFRACTION' r_bond_refined_d       845  0.015  0.019  ? ? 
'X-RAY DIFFRACTION' r_bond_other_d         700  0.002  0.020  ? ? 
'X-RAY DIFFRACTION' r_angle_refined_deg    1161 1.675  1.916  ? ? 
'X-RAY DIFFRACTION' r_angle_other_deg      1621 1.172  3.010  ? ? 
'X-RAY DIFFRACTION' r_dihedral_angle_1_deg 101  6.585  5.000  ? ? 
'X-RAY DIFFRACTION' r_dihedral_angle_2_deg 37   35.633 24.324 ? ? 
'X-RAY DIFFRACTION' r_dihedral_angle_3_deg 110  11.994 15.000 ? ? 
'X-RAY DIFFRACTION' r_dihedral_angle_4_deg 1    23.323 15.000 ? ? 
'X-RAY DIFFRACTION' r_chiral_restr         118  0.124  0.200  ? ? 
'X-RAY DIFFRACTION' r_gen_planes_refined   1012 0.011  0.021  ? ? 
'X-RAY DIFFRACTION' r_gen_planes_other     170  0.002  0.020  ? ? 
# 
_refine_ls_shell.d_res_high                       1.5500 
_refine_ls_shell.d_res_low                        1.5900 
_refine_ls_shell.pdbx_total_number_of_bins_used   20 
_refine_ls_shell.percent_reflns_obs               99.8200 
_refine_ls_shell.number_reflns_R_work             1050 
_refine_ls_shell.R_factor_all                     ? 
_refine_ls_shell.R_factor_R_work                  0.1540 
_refine_ls_shell.R_factor_R_free                  0.1630 
_refine_ls_shell.percent_reflns_R_free            ? 
_refine_ls_shell.number_reflns_R_free             54 
_refine_ls_shell.R_factor_R_free_error            0.0000 
_refine_ls_shell.number_reflns_all                1104 
_refine_ls_shell.number_reflns_obs                ? 
_refine_ls_shell.pdbx_refine_id                   'X-RAY DIFFRACTION' 
_refine_ls_shell.R_factor_obs                     ? 
# 
_struct.entry_id                     6CEE 
_struct.title                        
;Crystal structure of fragment 3-(1-Methyl-2-oxo-1,2-dihydroquinoxalin-3-yl)propionic acid bound in the ubiquitin binding pocket of the HDAC6 zinc-finger domain
;
_struct.pdbx_model_details           ? 
_struct.pdbx_formula_weight          ? 
_struct.pdbx_formula_weight_method   ? 
_struct.pdbx_model_type_details      ? 
_struct.pdbx_CASP_flag               N 
# 
_struct_keywords.entry_id        6CEE 
_struct_keywords.text            'HISTONE DEACETYLASE, HDAC, HDAC6, UBIQUITIN, STRUCTURAL GENOMICS CONSORTIUM, SGC, HYDROLASE' 
_struct_keywords.pdbx_keywords   HYDROLASE 
# 
loop_
_struct_asym.id 
_struct_asym.pdbx_blank_PDB_chainid_flag 
_struct_asym.pdbx_modified 
_struct_asym.entity_id 
_struct_asym.details 
A N N 1 ? 
B N N 2 ? 
C N N 2 ? 
D N N 2 ? 
E N N 3 ? 
F N N 4 ? 
G N N 4 ? 
H N N 4 ? 
I N N 4 ? 
J N N 5 ? 
# 
loop_
_struct_conf.conf_type_id 
_struct_conf.id 
_struct_conf.pdbx_PDB_helix_id 
_struct_conf.beg_label_comp_id 
_struct_conf.beg_label_asym_id 
_struct_conf.beg_label_seq_id 
_struct_conf.pdbx_beg_PDB_ins_code 
_struct_conf.end_label_comp_id 
_struct_conf.end_label_asym_id 
_struct_conf.end_label_seq_id 
_struct_conf.pdbx_end_PDB_ins_code 
_struct_conf.beg_auth_comp_id 
_struct_conf.beg_auth_asym_id 
_struct_conf.beg_auth_seq_id 
_struct_conf.end_auth_comp_id 
_struct_conf.end_auth_asym_id 
_struct_conf.end_auth_seq_id 
_struct_conf.pdbx_PDB_helix_class 
_struct_conf.details 
_struct_conf.pdbx_PDB_helix_length 
HELX_P HELX_P1 AA1 HIS A 9  ? VAL A 13  ? HIS A 1115 VAL A 1119 5 ? 5  
HELX_P HELX_P2 AA2 GLY A 53 ? GLY A 63  ? GLY A 1159 GLY A 1169 1 ? 11 
HELX_P HELX_P3 AA3 HIS A 86 ? ALA A 88  ? HIS A 1192 ALA A 1194 5 ? 3  
HELX_P HELX_P4 AA4 LEU A 89 ? PHE A 101 ? LEU A 1195 PHE A 1207 1 ? 13 
# 
_struct_conf_type.id          HELX_P 
_struct_conf_type.criteria    ? 
_struct_conf_type.reference   ? 
# 
loop_
_struct_conn.id 
_struct_conn.conn_type_id 
_struct_conn.pdbx_leaving_atom_flag 
_struct_conn.pdbx_PDB_id 
_struct_conn.ptnr1_label_asym_id 
_struct_conn.ptnr1_label_comp_id 
_struct_conn.ptnr1_label_seq_id 
_struct_conn.ptnr1_label_atom_id 
_struct_conn.pdbx_ptnr1_label_alt_id 
_struct_conn.pdbx_ptnr1_PDB_ins_code 
_struct_conn.pdbx_ptnr1_standard_comp_id 
_struct_conn.ptnr1_symmetry 
_struct_conn.ptnr2_label_asym_id 
_struct_conn.ptnr2_label_comp_id 
_struct_conn.ptnr2_label_seq_id 
_struct_conn.ptnr2_label_atom_id 
_struct_conn.pdbx_ptnr2_label_alt_id 
_struct_conn.pdbx_ptnr2_PDB_ins_code 
_struct_conn.ptnr1_auth_asym_id 
_struct_conn.ptnr1_auth_comp_id 
_struct_conn.ptnr1_auth_seq_id 
_struct_conn.ptnr2_auth_asym_id 
_struct_conn.ptnr2_auth_comp_id 
_struct_conn.ptnr2_auth_seq_id 
_struct_conn.ptnr2_symmetry 
_struct_conn.pdbx_ptnr3_label_atom_id 
_struct_conn.pdbx_ptnr3_label_seq_id 
_struct_conn.pdbx_ptnr3_label_comp_id 
_struct_conn.pdbx_ptnr3_label_asym_id 
_struct_conn.pdbx_ptnr3_label_alt_id 
_struct_conn.pdbx_ptnr3_PDB_ins_code 
_struct_conn.details 
_struct_conn.pdbx_dist_value 
_struct_conn.pdbx_value_order 
_struct_conn.pdbx_role 
metalc1  metalc ? ? A CYS 7  SG  ? ? ? 1_555 D ZN . ZN ? ? A CYS 1113 A ZN 1303 1_555 ? ? ? ? ? ? ? 2.299 ? ? 
metalc2  metalc ? ? A HIS 9  ND1 ? ? ? 1_555 D ZN . ZN ? ? A HIS 1115 A ZN 1303 1_555 ? ? ? ? ? ? ? 2.117 ? ? 
metalc3  metalc ? ? A CYS 27 SG  ? ? ? 1_555 C ZN . ZN ? ? A CYS 1133 A ZN 1302 1_555 ? ? ? ? ? ? ? 2.378 ? ? 
metalc4  metalc ? ? A CYS 30 SG  ? ? ? 1_555 C ZN . ZN ? ? A CYS 1136 A ZN 1302 1_555 ? ? ? ? ? ? ? 2.291 ? ? 
metalc5  metalc ? ? A CYS 39 SG  ? ? ? 1_555 B ZN . ZN ? ? A CYS 1145 A ZN 1301 1_555 ? ? ? ? ? ? ? 2.310 ? ? 
metalc6  metalc ? ? A CYS 42 SG  ? ? ? 1_555 B ZN . ZN ? ? A CYS 1148 A ZN 1301 1_555 ? ? ? ? ? ? ? 2.389 ? ? 
metalc7  metalc ? ? A CYS 47 SG  ? ? ? 1_555 C ZN . ZN ? ? A CYS 1153 A ZN 1302 1_555 ? ? ? ? ? ? ? 2.311 ? ? 
metalc8  metalc ? ? A HIS 54 ND1 ? ? ? 1_555 C ZN . ZN ? ? A HIS 1160 A ZN 1302 1_555 ? ? ? ? ? ? ? 2.068 ? ? 
metalc9  metalc ? ? A HIS 58 NE2 ? ? ? 1_555 B ZN . ZN ? ? A HIS 1164 A ZN 1301 1_555 ? ? ? ? ? ? ? 2.037 ? ? 
metalc10 metalc ? ? A HIS 64 ND1 ? ? ? 1_555 B ZN . ZN ? ? A HIS 1170 A ZN 1301 1_555 ? ? ? ? ? ? ? 2.063 ? ? 
metalc11 metalc ? ? A CYS 77 SG  ? ? ? 1_555 D ZN . ZN ? ? A CYS 1183 A ZN 1303 1_555 ? ? ? ? ? ? ? 2.330 ? ? 
metalc12 metalc ? ? A CYS 80 SG  ? ? ? 1_555 D ZN . ZN ? ? A CYS 1186 A ZN 1303 1_555 ? ? ? ? ? ? ? 2.338 ? ? 
# 
_struct_conn_type.id          metalc 
_struct_conn_type.criteria    ? 
_struct_conn_type.reference   ? 
# 
_struct_sheet.id               AA1 
_struct_sheet.type             ? 
_struct_sheet.number_strands   5 
_struct_sheet.details          ? 
# 
loop_
_struct_sheet_order.sheet_id 
_struct_sheet_order.range_id_1 
_struct_sheet_order.range_id_2 
_struct_sheet_order.offset 
_struct_sheet_order.sense 
AA1 1 2 ? anti-parallel 
AA1 2 3 ? anti-parallel 
AA1 3 4 ? anti-parallel 
AA1 4 5 ? anti-parallel 
# 
loop_
_struct_sheet_range.sheet_id 
_struct_sheet_range.id 
_struct_sheet_range.beg_label_comp_id 
_struct_sheet_range.beg_label_asym_id 
_struct_sheet_range.beg_label_seq_id 
_struct_sheet_range.pdbx_beg_PDB_ins_code 
_struct_sheet_range.end_label_comp_id 
_struct_sheet_range.end_label_asym_id 
_struct_sheet_range.end_label_seq_id 
_struct_sheet_range.pdbx_end_PDB_ins_code 
_struct_sheet_range.beg_auth_comp_id 
_struct_sheet_range.beg_auth_asym_id 
_struct_sheet_range.beg_auth_seq_id 
_struct_sheet_range.end_auth_comp_id 
_struct_sheet_range.end_auth_asym_id 
_struct_sheet_range.end_auth_seq_id 
AA1 1 VAL A 45 ? CYS A 47 ? VAL A 1151 CYS A 1153 
AA1 2 ASN A 36 ? CYS A 39 ? ASN A 1142 CYS A 1145 
AA1 3 LEU A 66 ? SER A 69 ? LEU A 1172 SER A 1175 
AA1 4 ALA A 75 ? CYS A 77 ? ALA A 1181 CYS A 1183 
AA1 5 ALA A 82 ? TYR A 83 ? ALA A 1188 TYR A 1189 
# 
loop_
_pdbx_struct_sheet_hbond.sheet_id 
_pdbx_struct_sheet_hbond.range_id_1 
_pdbx_struct_sheet_hbond.range_id_2 
_pdbx_struct_sheet_hbond.range_1_label_atom_id 
_pdbx_struct_sheet_hbond.range_1_label_comp_id 
_pdbx_struct_sheet_hbond.range_1_label_asym_id 
_pdbx_struct_sheet_hbond.range_1_label_seq_id 
_pdbx_struct_sheet_hbond.range_1_PDB_ins_code 
_pdbx_struct_sheet_hbond.range_1_auth_atom_id 
_pdbx_struct_sheet_hbond.range_1_auth_comp_id 
_pdbx_struct_sheet_hbond.range_1_auth_asym_id 
_pdbx_struct_sheet_hbond.range_1_auth_seq_id 
_pdbx_struct_sheet_hbond.range_2_label_atom_id 
_pdbx_struct_sheet_hbond.range_2_label_comp_id 
_pdbx_struct_sheet_hbond.range_2_label_asym_id 
_pdbx_struct_sheet_hbond.range_2_label_seq_id 
_pdbx_struct_sheet_hbond.range_2_PDB_ins_code 
_pdbx_struct_sheet_hbond.range_2_auth_atom_id 
_pdbx_struct_sheet_hbond.range_2_auth_comp_id 
_pdbx_struct_sheet_hbond.range_2_auth_asym_id 
_pdbx_struct_sheet_hbond.range_2_auth_seq_id 
AA1 1 2 O TYR A 46 ? O TYR A 1152 N TRP A 37 ? N TRP A 1143 
AA1 2 3 N VAL A 38 ? N VAL A 1144 O LEU A 68 ? O LEU A 1174 
AA1 3 4 N VAL A 67 ? N VAL A 1173 O TRP A 76 ? O TRP A 1182 
AA1 4 5 N CYS A 77 ? N CYS A 1183 O ALA A 82 ? O ALA A 1188 
# 
loop_
_struct_site.id 
_struct_site.pdbx_evidence_code 
_struct_site.pdbx_auth_asym_id 
_struct_site.pdbx_auth_comp_id 
_struct_site.pdbx_auth_seq_id 
_struct_site.pdbx_auth_ins_code 
_struct_site.pdbx_num_residues 
_struct_site.details 
AC1 Software A ZN  1301 ? 4 'binding site for residue ZN A 1301'  
AC2 Software A ZN  1302 ? 4 'binding site for residue ZN A 1302'  
AC3 Software A ZN  1303 ? 4 'binding site for residue ZN A 1303'  
AC4 Software A EYM 1304 ? 9 'binding site for residue EYM A 1304' 
# 
loop_
_struct_site_gen.id 
_struct_site_gen.site_id 
_struct_site_gen.pdbx_num_res 
_struct_site_gen.label_comp_id 
_struct_site_gen.label_asym_id 
_struct_site_gen.label_seq_id 
_struct_site_gen.pdbx_auth_ins_code 
_struct_site_gen.auth_comp_id 
_struct_site_gen.auth_asym_id 
_struct_site_gen.auth_seq_id 
_struct_site_gen.label_atom_id 
_struct_site_gen.label_alt_id 
_struct_site_gen.symmetry 
_struct_site_gen.details 
1  AC1 4 CYS A 39 ? CYS A 1145 . ? 1_555 ? 
2  AC1 4 CYS A 42 ? CYS A 1148 . ? 1_555 ? 
3  AC1 4 HIS A 58 ? HIS A 1164 . ? 1_555 ? 
4  AC1 4 HIS A 64 ? HIS A 1170 . ? 1_555 ? 
5  AC2 4 CYS A 27 ? CYS A 1133 . ? 1_555 ? 
6  AC2 4 CYS A 30 ? CYS A 1136 . ? 1_555 ? 
7  AC2 4 CYS A 47 ? CYS A 1153 . ? 1_555 ? 
8  AC2 4 HIS A 54 ? HIS A 1160 . ? 1_555 ? 
9  AC3 4 CYS A 7  ? CYS A 1113 . ? 1_555 ? 
10 AC3 4 HIS A 9  ? HIS A 1115 . ? 1_555 ? 
11 AC3 4 CYS A 77 ? CYS A 1183 . ? 1_555 ? 
12 AC3 4 CYS A 80 ? CYS A 1186 . ? 1_555 ? 
13 AC4 9 TRP A 37 ? TRP A 1143 . ? 1_555 ? 
14 AC4 9 GLY A 48 ? GLY A 1154 . ? 1_555 ? 
15 AC4 9 ARG A 49 ? ARG A 1155 . ? 1_555 ? 
16 AC4 9 TRP A 76 ? TRP A 1182 . ? 1_555 ? 
17 AC4 9 TYR A 78 ? TYR A 1184 . ? 1_555 ? 
18 AC4 9 GLN A 81 ? GLN A 1187 . ? 1_555 ? 
19 AC4 9 TYR A 83 ? TYR A 1189 . ? 1_555 ? 
20 AC4 9 HIS A 97 ? HIS A 1203 . ? 3_555 ? 
21 AC4 9 HOH J .  ? HOH A 1405 . ? 1_555 ? 
# 
_atom_sites.entry_id                    6CEE 
_atom_sites.fract_transf_matrix[1][1]   0.00811869 
_atom_sites.fract_transf_matrix[1][2]   -0.01600702 
_atom_sites.fract_transf_matrix[1][3]   -0.01676179 
_atom_sites.fract_transf_matrix[2][1]   -0.01108500 
_atom_sites.fract_transf_matrix[2][2]   0.01134207 
_atom_sites.fract_transf_matrix[2][3]   -0.01620045 
_atom_sites.fract_transf_matrix[3][1]   0.01443829 
_atom_sites.fract_transf_matrix[3][2]   0.01019440 
_atom_sites.fract_transf_matrix[3][3]   -0.00274207 
_atom_sites.fract_transf_vector[1]      0.182014 
_atom_sites.fract_transf_vector[2]      -0.097500 
_atom_sites.fract_transf_vector[3]      0.155303 
# 
loop_
_atom_type.symbol 
C  
N  
O  
S  
X  
ZN 
# 
loop_
_atom_site.group_PDB 
_atom_site.id 
_atom_site.type_symbol 
_atom_site.label_atom_id 
_atom_site.label_alt_id 
_atom_site.label_comp_id 
_atom_site.label_asym_id 
_atom_site.label_entity_id 
_atom_site.label_seq_id 
_atom_site.pdbx_PDB_ins_code 
_atom_site.Cartn_x 
_atom_site.Cartn_y 
_atom_site.Cartn_z 
_atom_site.occupancy 
_atom_site.B_iso_or_equiv 
_atom_site.pdbx_formal_charge 
_atom_site.auth_seq_id 
_atom_site.auth_comp_id 
_atom_site.auth_asym_id 
_atom_site.auth_atom_id 
_atom_site.pdbx_PDB_model_num 
ATOM   1   N  N   . SER A 1 2   ? -3.220  10.821  14.879  1.00 24.84 ? 1108 SER A N   1 
ATOM   2   C  CA  . SER A 1 2   ? -2.626  9.460   14.864  1.00 24.10 ? 1108 SER A CA  1 
ATOM   3   C  C   . SER A 1 2   ? -3.415  8.573   13.888  1.00 19.79 ? 1108 SER A C   1 
ATOM   4   O  O   . SER A 1 2   ? -4.631  8.759   13.732  1.00 20.47 ? 1108 SER A O   1 
ATOM   5   C  CB  . SER A 1 2   ? -2.761  8.836   16.258  1.00 26.45 ? 1108 SER A CB  1 
ATOM   6   O  OG  . SER A 1 2   ? -1.761  9.311   17.139  1.00 31.61 ? 1108 SER A OG  1 
ATOM   7   N  N   . PRO A 1 3   ? -2.741  7.589   13.278  1.00 16.22 ? 1109 PRO A N   1 
ATOM   8   C  CA  . PRO A 1 3   ? -3.482  6.544   12.589  1.00 14.43 ? 1109 PRO A CA  1 
ATOM   9   C  C   . PRO A 1 3   ? -4.285  5.673   13.601  1.00 14.49 ? 1109 PRO A C   1 
ATOM   10  O  O   . PRO A 1 3   ? -4.101  5.752   14.825  1.00 15.80 ? 1109 PRO A O   1 
ATOM   11  C  CB  . PRO A 1 3   ? -2.364  5.735   11.923  1.00 14.90 ? 1109 PRO A CB  1 
ATOM   12  C  CG  . PRO A 1 3   ? -1.224  5.840   12.912  1.00 15.87 ? 1109 PRO A CG  1 
ATOM   13  C  CD  . PRO A 1 3   ? -1.300  7.287   13.324  1.00 16.32 ? 1109 PRO A CD  1 
ATOM   14  N  N   . LEU A 1 4   ? -5.166  4.835   13.093  1.00 13.14 ? 1110 LEU A N   1 
ATOM   15  C  CA  . LEU A 1 4   ? -5.767  3.818   13.945  1.00 12.52 ? 1110 LEU A CA  1 
ATOM   16  C  C   . LEU A 1 4   ? -4.687  2.844   14.360  1.00 12.14 ? 1110 LEU A C   1 
ATOM   17  O  O   . LEU A 1 4   ? -3.816  2.465   13.568  1.00 11.77 ? 1110 LEU A O   1 
ATOM   18  C  CB  . LEU A 1 4   ? -6.814  3.032   13.202  1.00 12.79 ? 1110 LEU A CB  1 
ATOM   19  C  CG  . LEU A 1 4   ? -8.042  3.779   12.720  1.00 13.71 ? 1110 LEU A CG  1 
ATOM   20  C  CD1 . LEU A 1 4   ? -8.842  2.871   11.787  1.00 15.19 ? 1110 LEU A CD1 1 
ATOM   21  C  CD2 . LEU A 1 4   ? -8.873  4.316   13.881  1.00 14.78 ? 1110 LEU A CD2 1 
ATOM   22  N  N   . PRO A 1 5   ? -4.736  2.360   15.607  1.00 10.94 ? 1111 PRO A N   1 
ATOM   23  C  CA  . PRO A 1 5   ? -3.727  1.383   16.038  1.00 11.42 ? 1111 PRO A CA  1 
ATOM   24  C  C   . PRO A 1 5   ? -4.019  -0.056  15.603  1.00 10.89 ? 1111 PRO A C   1 
ATOM   25  O  O   . PRO A 1 5   ? -3.259  -0.972  15.865  1.00 12.65 ? 1111 PRO A O   1 
ATOM   26  C  CB  . PRO A 1 5   ? -3.778  1.506   17.571  1.00 12.45 ? 1111 PRO A CB  1 
ATOM   27  C  CG  . PRO A 1 5   ? -5.186  1.877   17.826  1.00 11.82 ? 1111 PRO A CG  1 
ATOM   28  C  CD  . PRO A 1 5   ? -5.519  2.875   16.750  1.00 11.65 ? 1111 PRO A CD  1 
ATOM   29  N  N   . TRP A 1 6   ? -5.169  -0.290  14.977  1.00 10.41 ? 1112 TRP A N   1 
ATOM   30  C  CA  . TRP A 1 6   ? -5.590  -1.618  14.555  1.00 10.24 ? 1112 TRP A CA  1 
ATOM   31  C  C   . TRP A 1 6   ? -6.724  -1.422  13.560  1.00 10.02 ? 1112 TRP A C   1 
ATOM   32  O  O   . TRP A 1 6   ? -7.444  -0.431  13.634  1.00 10.52 ? 1112 TRP A O   1 
ATOM   33  C  CB  . TRP A 1 6   ? -6.123  -2.447  15.746  1.00 11.11 ? 1112 TRP A CB  1 
ATOM   34  C  CG  . TRP A 1 6   ? -6.462  -3.830  15.474  1.00 11.00 ? 1112 TRP A CG  1 
ATOM   35  C  CD1 . TRP A 1 6   ? -5.597  -4.875  15.452  1.00 11.07 ? 1112 TRP A CD1 1 
ATOM   36  C  CD2 . TRP A 1 6   ? -7.765  -4.391  15.127  1.00 10.01 ? 1112 TRP A CD2 1 
ATOM   37  N  NE1 . TRP A 1 6   ? -6.251  -6.038  15.156  1.00 11.61 ? 1112 TRP A NE1 1 
ATOM   38  C  CE2 . TRP A 1 6   ? -7.586  -5.774  14.951  1.00 10.46 ? 1112 TRP A CE2 1 
ATOM   39  C  CE3 . TRP A 1 6   ? -9.067  -3.868  15.003  1.00 10.43 ? 1112 TRP A CE3 1 
ATOM   40  C  CZ2 . TRP A 1 6   ? -8.620  -6.618  14.628  1.00 10.69 ? 1112 TRP A CZ2 1 
ATOM   41  C  CZ3 . TRP A 1 6   ? -10.105 -4.731  14.704  1.00 10.10 ? 1112 TRP A CZ3 1 
ATOM   42  C  CH2 . TRP A 1 6   ? -9.870  -6.087  14.527  1.00 10.45 ? 1112 TRP A CH2 1 
ATOM   43  N  N   . CYS A 1 7   ? -6.935  -2.388  12.699  1.00 9.23  ? 1113 CYS A N   1 
ATOM   44  C  CA  . CYS A 1 7   ? -8.207  -2.451  11.975  1.00 8.95  ? 1113 CYS A CA  1 
ATOM   45  C  C   . CYS A 1 7   ? -8.503  -3.909  11.659  1.00 9.30  ? 1113 CYS A C   1 
ATOM   46  O  O   . CYS A 1 7   ? -7.606  -4.748  11.657  1.00 9.38  ? 1113 CYS A O   1 
ATOM   47  C  CB  . CYS A 1 7   ? -8.220  -1.543  10.726  1.00 8.50  ? 1113 CYS A CB  1 
ATOM   48  S  SG  . CYS A 1 7   ? -7.849  -2.318  9.102   1.00 8.23  ? 1113 CYS A SG  1 
ATOM   49  N  N   . PRO A 1 8   ? -9.771  -4.220  11.332  1.00 9.78  ? 1114 PRO A N   1 
ATOM   50  C  CA  . PRO A 1 8   ? -10.154 -5.614  11.157  1.00 9.49  ? 1114 PRO A CA  1 
ATOM   51  C  C   . PRO A 1 8   ? -9.697  -6.238  9.821   1.00 9.45  ? 1114 PRO A C   1 
ATOM   52  O  O   . PRO A 1 8   ? -9.999  -7.402  9.518   1.00 9.75  ? 1114 PRO A O   1 
ATOM   53  C  CB  . PRO A 1 8   ? -11.664 -5.549  11.244  1.00 11.22 ? 1114 PRO A CB  1 
ATOM   54  C  CG  . PRO A 1 8   ? -12.021 -4.151  10.861  1.00 11.19 ? 1114 PRO A CG  1 
ATOM   55  C  CD  . PRO A 1 8   ? -10.923 -3.300  11.354  1.00 10.12 ? 1114 PRO A CD  1 
ATOM   56  N  N   . HIS A 1 9   ? -8.958  -5.444  9.033   1.00 8.61  ? 1115 HIS A N   1 
ATOM   57  C  CA  . HIS A 1 9   ? -8.423  -5.915  7.750   1.00 8.73  ? 1115 HIS A CA  1 
ATOM   58  C  C   . HIS A 1 9   ? -6.962  -6.269  7.779   1.00 9.04  ? 1115 HIS A C   1 
ATOM   59  O  O   . HIS A 1 9   ? -6.439  -6.791  6.774   1.00 9.81  ? 1115 HIS A O   1 
ATOM   60  C  CB  . HIS A 1 9   ? -8.730  -4.931  6.603   1.00 8.12  ? 1115 HIS A CB  1 
ATOM   61  C  CG  . HIS A 1 9   ? -10.170 -4.566  6.552   1.00 8.78  ? 1115 HIS A CG  1 
ATOM   62  N  ND1 . HIS A 1 9   ? -10.706 -3.450  7.165   1.00 9.19  ? 1115 HIS A ND1 1 
ATOM   63  C  CD2 . HIS A 1 9   ? -11.213 -5.253  6.037   1.00 9.42  ? 1115 HIS A CD2 1 
ATOM   64  C  CE1 . HIS A 1 9   ? -12.027 -3.474  7.025   1.00 9.09  ? 1115 HIS A CE1 1 
ATOM   65  N  NE2 . HIS A 1 9   ? -12.369 -4.570  6.357   1.00 9.20  ? 1115 HIS A NE2 1 
ATOM   66  N  N   . LEU A 1 10  ? -6.280  -6.065  8.914   1.00 8.80  ? 1116 LEU A N   1 
ATOM   67  C  CA  . LEU A 1 10  ? -4.886  -6.476  9.027   1.00 9.52  ? 1116 LEU A CA  1 
ATOM   68  C  C   . LEU A 1 10  ? -4.665  -7.946  8.767   1.00 10.33 ? 1116 LEU A C   1 
ATOM   69  O  O   . LEU A 1 10  ? -3.601  -8.329  8.269   1.00 10.31 ? 1116 LEU A O   1 
ATOM   70  C  CB  . LEU A 1 10  ? -4.341  -6.079  10.390  1.00 9.11  ? 1116 LEU A CB  1 
ATOM   71  C  CG  . LEU A 1 10  ? -4.215  -4.567  10.610  1.00 9.76  ? 1116 LEU A CG  1 
ATOM   72  C  CD1 . LEU A 1 10  ? -3.945  -4.317  12.103  1.00 10.88 ? 1116 LEU A CD1 1 
ATOM   73  C  CD2 . LEU A 1 10  ? -3.075  -3.963  9.780   1.00 9.37  ? 1116 LEU A CD2 1 
ATOM   74  N  N   . VAL A 1 11  ? -5.692  -8.768  8.988   1.00 11.73 ? 1117 VAL A N   1 
ATOM   75  C  CA  . VAL A 1 11  ? -5.620  -10.210 8.668   1.00 12.98 ? 1117 VAL A CA  1 
ATOM   76  C  C   . VAL A 1 11  ? -5.358  -10.501 7.214   1.00 12.85 ? 1117 VAL A C   1 
ATOM   77  O  O   . VAL A 1 11  ? -4.907  -11.602 6.859   1.00 14.53 ? 1117 VAL A O   1 
ATOM   78  C  CB  . VAL A 1 11  ? -6.877  -10.960 9.134   1.00 13.77 ? 1117 VAL A CB  1 
ATOM   79  C  CG1 . VAL A 1 11  ? -6.904  -10.973 10.632  1.00 14.80 ? 1117 VAL A CG1 1 
ATOM   80  C  CG2 . VAL A 1 11  ? -8.148  -10.368 8.563   1.00 13.63 ? 1117 VAL A CG2 1 
ATOM   81  N  N   . ALA A 1 12  ? -5.657  -9.537  6.335   1.00 11.44 ? 1118 ALA A N   1 
ATOM   82  C  CA  . ALA A 1 12  ? -5.460  -9.685  4.893   1.00 10.90 ? 1118 ALA A CA  1 
ATOM   83  C  C   . ALA A 1 12  ? -4.090  -9.222  4.415   1.00 10.88 ? 1118 ALA A C   1 
ATOM   84  O  O   . ALA A 1 12  ? -3.777  -9.337  3.211   1.00 10.41 ? 1118 ALA A O   1 
ATOM   85  C  CB  . ALA A 1 12  ? -6.573  -8.942  4.144   1.00 11.31 ? 1118 ALA A CB  1 
ATOM   86  N  N   . VAL A 1 13  ? -3.261  -8.731  5.335   1.00 10.17 ? 1119 VAL A N   1 
ATOM   87  C  CA  . VAL A 1 13  ? -1.873  -8.344  4.964   1.00 10.42 ? 1119 VAL A CA  1 
ATOM   88  C  C   . VAL A 1 13  ? -1.081  -9.637  4.779   1.00 10.78 ? 1119 VAL A C   1 
ATOM   89  O  O   . VAL A 1 13  ? -1.009  -10.510 5.695   1.00 11.92 ? 1119 VAL A O   1 
ATOM   90  C  CB  . VAL A 1 13  ? -1.239  -7.448  6.023   1.00 11.02 ? 1119 VAL A CB  1 
ATOM   91  C  CG1 . VAL A 1 13  ? 0.251   -7.240  5.694   1.00 11.54 ? 1119 VAL A CG1 1 
ATOM   92  C  CG2 . VAL A 1 13  ? -2.027  -6.148  6.090   1.00 11.32 ? 1119 VAL A CG2 1 
ATOM   93  N  N   . CYS A 1 14  ? -0.465  -9.744  3.599   1.00 9.77  ? 1120 CYS A N   1 
ATOM   94  C  CA  . CYS A 1 14  ? 0.233   -10.983 3.231   1.00 10.47 ? 1120 CYS A CA  1 
ATOM   95  C  C   . CYS A 1 14  ? 1.739   -10.835 3.340   1.00 10.88 ? 1120 CYS A C   1 
ATOM   96  O  O   . CYS A 1 14  ? 2.293   -9.749  3.456   1.00 11.31 ? 1120 CYS A O   1 
ATOM   97  C  CB  . CYS A 1 14  ? -0.218  -11.402 1.845   1.00 10.13 ? 1120 CYS A CB  1 
ATOM   98  S  SG  . CYS A 1 14  ? -1.969  -11.854 1.766   1.00 10.93 ? 1120 CYS A SG  1 
ATOM   99  N  N   . PRO A 1 15  ? 2.451   -11.972 3.357   1.00 11.71 ? 1121 PRO A N   1 
ATOM   100 C  CA  . PRO A 1 15  ? 3.885   -11.899 3.536   1.00 11.66 ? 1121 PRO A CA  1 
ATOM   101 C  C   . PRO A 1 15  ? 4.576   -11.157 2.393   1.00 11.97 ? 1121 PRO A C   1 
ATOM   102 O  O   . PRO A 1 15  ? 4.169   -11.236 1.218   1.00 11.92 ? 1121 PRO A O   1 
ATOM   103 C  CB  . PRO A 1 15  ? 4.285   -13.376 3.590   1.00 12.30 ? 1121 PRO A CB  1 
ATOM   104 C  CG  . PRO A 1 15  ? 3.124   -14.033 4.150   1.00 11.92 ? 1121 PRO A CG  1 
ATOM   105 C  CD  . PRO A 1 15  ? 1.987   -13.363 3.454   1.00 12.74 ? 1121 PRO A CD  1 
ATOM   106 N  N   . ILE A 1 16  ? 5.658   -10.498 2.763   1.00 12.88 ? 1122 ILE A N   1 
ATOM   107 C  CA  . ILE A 1 16  ? 6.391   -9.684  1.883   1.00 13.08 ? 1122 ILE A CA  1 
ATOM   108 C  C   . ILE A 1 16  ? 7.126   -10.593 0.906   1.00 13.91 ? 1122 ILE A C   1 
ATOM   109 O  O   . ILE A 1 16  ? 7.766   -11.572 1.332   1.00 16.25 ? 1122 ILE A O   1 
ATOM   110 C  CB  . ILE A 1 16  ? 7.418   -8.800  2.610   1.00 15.33 ? 1122 ILE A CB  1 
ATOM   111 C  CG1 . ILE A 1 16  ? 6.762   -7.908  3.686   1.00 17.62 ? 1122 ILE A CG1 1 
ATOM   112 C  CG2 . ILE A 1 16  ? 8.106   -7.939  1.598   1.00 16.48 ? 1122 ILE A CG2 1 
ATOM   113 C  CD1 . ILE A 1 16  ? 7.718   -7.418  4.757   1.00 18.93 ? 1122 ILE A CD1 1 
ATOM   114 N  N   . PRO A 1 17  ? 7.046   -10.282 -0.377  1.00 12.95 ? 1123 PRO A N   1 
ATOM   115 C  CA  . PRO A 1 17  ? 7.879   -11.048 -1.298  1.00 13.45 ? 1123 PRO A CA  1 
ATOM   116 C  C   . PRO A 1 17  ? 9.370   -11.009 -0.950  1.00 13.16 ? 1123 PRO A C   1 
ATOM   117 O  O   . PRO A 1 17  ? 9.940   -9.980  -0.550  1.00 12.78 ? 1123 PRO A O   1 
ATOM   118 C  CB  . PRO A 1 17  ? 7.609   -10.412 -2.651  1.00 13.88 ? 1123 PRO A CB  1 
ATOM   119 C  CG  . PRO A 1 17  ? 6.359   -9.630  -2.488  1.00 14.28 ? 1123 PRO A CG  1 
ATOM   120 C  CD  . PRO A 1 17  ? 6.258   -9.251  -1.072  1.00 13.63 ? 1123 PRO A CD  1 
ATOM   121 N  N   . ALA A 1 18  ? 10.028  -12.138 -1.177  1.00 14.70 ? 1124 ALA A N   1 
ATOM   122 C  CA  . ALA A 1 18  ? 11.486  -12.225 -0.947  1.00 14.58 ? 1124 ALA A CA  1 
ATOM   123 C  C   . ALA A 1 18  ? 12.278  -11.299 -1.882  1.00 15.42 ? 1124 ALA A C   1 
ATOM   124 O  O   . ALA A 1 18  ? 13.388  -10.909 -1.530  1.00 17.68 ? 1124 ALA A O   1 
ATOM   125 C  CB  . ALA A 1 18  ? 11.970  -13.674 -1.053  1.00 14.77 ? 1124 ALA A CB  1 
ATOM   126 N  N   . ALA A 1 19  ? 11.696  -10.900 -3.022  1.00 14.98 ? 1125 ALA A N   1 
ATOM   127 C  CA  . ALA A 1 19  ? 12.312  -9.880  -3.894  1.00 18.02 ? 1125 ALA A CA  1 
ATOM   128 C  C   . ALA A 1 19  ? 12.341  -8.490  -3.234  1.00 19.00 ? 1125 ALA A C   1 
ATOM   129 O  O   . ALA A 1 19  ? 13.135  -7.604  -3.594  1.00 20.20 ? 1125 ALA A O   1 
ATOM   130 C  CB  . ALA A 1 19  ? 11.579  -9.837  -5.212  1.00 19.34 ? 1125 ALA A CB  1 
ATOM   131 N  N   . GLY A 1 20  ? 11.511  -8.294  -2.224  1.00 16.22 ? 1126 GLY A N   1 
ATOM   132 C  CA  . GLY A 1 20  ? 11.481  -7.040  -1.537  1.00 16.41 ? 1126 GLY A CA  1 
ATOM   133 C  C   . GLY A 1 20  ? 10.532  -6.115  -2.288  1.00 15.71 ? 1126 GLY A C   1 
ATOM   134 O  O   . GLY A 1 20  ? 9.674   -6.549  -3.078  1.00 18.47 ? 1126 GLY A O   1 
ATOM   135 N  N   . LEU A 1 21  ? 10.673  -4.835  -1.995  1.00 14.23 ? 1127 LEU A N   1 
ATOM   136 C  CA  . LEU A 1 21  ? 9.830   -3.791  -2.586  1.00 12.69 ? 1127 LEU A CA  1 
ATOM   137 C  C   . LEU A 1 21  ? 10.684  -2.843  -3.384  1.00 12.34 ? 1127 LEU A C   1 
ATOM   138 O  O   . LEU A 1 21  ? 11.859  -2.625  -3.021  1.00 13.63 ? 1127 LEU A O   1 
ATOM   139 C  CB  . LEU A 1 21  ? 9.178   -2.979  -1.472  1.00 13.34 ? 1127 LEU A CB  1 
ATOM   140 C  CG  . LEU A 1 21  ? 8.245   -3.781  -0.576  1.00 14.20 ? 1127 LEU A CG  1 
ATOM   141 C  CD1 . LEU A 1 21  ? 7.754   -2.916  0.539   1.00 14.82 ? 1127 LEU A CD1 1 
ATOM   142 C  CD2 . LEU A 1 21  ? 7.071   -4.352  -1.319  1.00 15.27 ? 1127 LEU A CD2 1 
ATOM   143 N  N   . ASP A 1 22  ? 10.118  -2.257  -4.431  1.00 11.61 ? 1128 ASP A N   1 
ATOM   144 C  CA  . ASP A 1 22  ? 10.811  -1.262  -5.241  1.00 12.35 ? 1128 ASP A CA  1 
ATOM   145 C  C   . ASP A 1 22  ? 9.959   -0.028  -5.182  1.00 10.79 ? 1128 ASP A C   1 
ATOM   146 O  O   . ASP A 1 22  ? 8.900   0.050   -5.834  1.00 10.38 ? 1128 ASP A O   1 
ATOM   147 C  CB  . ASP A 1 22  ? 10.938  -1.717  -6.689  1.00 14.52 ? 1128 ASP A CB  1 
ATOM   148 C  CG  . ASP A 1 22  ? 11.609  -0.692  -7.565  1.00 17.06 ? 1128 ASP A CG  1 
ATOM   149 O  OD1 . ASP A 1 22  ? 11.962  0.404   -7.101  1.00 16.94 ? 1128 ASP A OD1 1 
ATOM   150 O  OD2 . ASP A 1 22  ? 11.701  -1.012  -8.781  1.00 23.76 ? 1128 ASP A OD2 1 
ATOM   151 N  N   . VAL A 1 23  ? 10.392  0.940   -4.371  1.00 10.39 ? 1129 VAL A N   1 
ATOM   152 C  CA  . VAL A 1 23  ? 9.576   2.094   -4.173  1.00 9.76  ? 1129 VAL A CA  1 
ATOM   153 C  C   . VAL A 1 23  ? 9.513   3.051   -5.384  1.00 9.78  ? 1129 VAL A C   1 
ATOM   154 O  O   . VAL A 1 23  ? 8.648   3.938   -5.370  1.00 10.83 ? 1129 VAL A O   1 
ATOM   155 C  CB  . VAL A 1 23  ? 9.937   2.970   -2.934  1.00 11.05 ? 1129 VAL A CB  1 
ATOM   156 C  CG1 . VAL A 1 23  ? 9.937   2.105   -1.675  1.00 11.83 ? 1129 VAL A CG1 1 
ATOM   157 C  CG2 . VAL A 1 23  ? 11.270  3.679   -3.119  1.00 12.20 ? 1129 VAL A CG2 1 
ATOM   158 N  N   . THR A 1 24  ? 10.369  2.798   -6.386  1.00 9.99  ? 1130 THR A N   1 
ATOM   159 C  CA  . THR A 1 24  ? 10.313  3.551   -7.628  1.00 11.03 ? 1130 THR A CA  1 
ATOM   160 C  C   . THR A 1 24  ? 9.546   2.793   -8.711  1.00 11.92 ? 1130 THR A C   1 
ATOM   161 O  O   . THR A 1 24  ? 9.535   3.202   -9.850  1.00 13.73 ? 1130 THR A O   1 
ATOM   162 C  CB  . THR A 1 24  ? 11.713  3.924   -8.121  1.00 11.57 ? 1130 THR A CB  1 
ATOM   163 O  OG1 . THR A 1 24  ? 12.443  2.767   -8.563  1.00 11.20 ? 1130 THR A OG1 1 
ATOM   164 C  CG2 . THR A 1 24  ? 12.457  4.681   -7.099  1.00 11.56 ? 1130 THR A CG2 1 
ATOM   165 N  N   . GLN A 1 25  ? 8.865   1.699   -8.374  1.00 10.90 ? 1131 GLN A N   1 
ATOM   166 C  CA  . GLN A 1 25  ? 8.106   0.927   -9.361  1.00 10.93 ? 1131 GLN A CA  1 
ATOM   167 C  C   . GLN A 1 25  ? 6.929   1.757   -9.813  1.00 11.83 ? 1131 GLN A C   1 
ATOM   168 O  O   . GLN A 1 25  ? 6.214   2.374   -8.974  1.00 11.76 ? 1131 GLN A O   1 
ATOM   169 C  CB  . GLN A 1 25  ? 7.598   -0.359  -8.715  1.00 11.12 ? 1131 GLN A CB  1 
ATOM   170 C  CG  . GLN A 1 25  ? 6.886   -1.304  -9.645  1.00 10.90 ? 1131 GLN A CG  1 
ATOM   171 C  CD  . GLN A 1 25  ? 6.596   -2.633  -9.004  1.00 10.92 ? 1131 GLN A CD  1 
ATOM   172 O  OE1 . GLN A 1 25  ? 7.358   -3.097  -8.161  1.00 12.00 ? 1131 GLN A OE1 1 
ATOM   173 N  NE2 . GLN A 1 25  ? 5.550   -3.277  -9.439  1.00 12.57 ? 1131 GLN A NE2 1 
ATOM   174 N  N   . PRO A 1 26  ? 6.683   1.820   -11.125 1.00 10.03 ? 1132 PRO A N   1 
ATOM   175 C  CA  . PRO A 1 26  ? 5.590   2.632   -11.622 1.00 9.53  ? 1132 PRO A CA  1 
ATOM   176 C  C   . PRO A 1 26  ? 4.226   1.964   -11.503 1.00 9.40  ? 1132 PRO A C   1 
ATOM   177 O  O   . PRO A 1 26  ? 4.131   0.731   -11.245 1.00 9.54  ? 1132 PRO A O   1 
ATOM   178 C  CB  . PRO A 1 26  ? 5.973   2.869   -13.077 1.00 9.82  ? 1132 PRO A CB  1 
ATOM   179 C  CG  . PRO A 1 26  ? 6.673   1.641   -13.439 1.00 10.41 ? 1132 PRO A CG  1 
ATOM   180 C  CD  . PRO A 1 26  ? 7.466   1.245   -12.230 1.00 9.89  ? 1132 PRO A CD  1 
ATOM   181 N  N   . CYS A 1 27  ? 3.178   2.758   -11.739 1.00 9.19  ? 1133 CYS A N   1 
ATOM   182 C  CA  . CYS A 1 27  ? 1.838   2.215   -11.740 1.00 9.49  ? 1133 CYS A CA  1 
ATOM   183 C  C   . CYS A 1 27  ? 1.695   1.120   -12.767 1.00 10.06 ? 1133 CYS A C   1 
ATOM   184 O  O   . CYS A 1 27  ? 2.055   1.292   -13.950 1.00 11.13 ? 1133 CYS A O   1 
ATOM   185 C  CB  . CYS A 1 27  ? 0.807   3.276   -12.031 1.00 9.80  ? 1133 CYS A CB  1 
ATOM   186 S  SG  . CYS A 1 27  ? -0.892  2.694   -12.105 1.00 10.02 ? 1133 CYS A SG  1 
ATOM   187 N  N   . GLY A 1 28  ? 1.194   -0.023  -12.314 1.00 10.10 ? 1134 GLY A N   1 
ATOM   188 C  CA  . GLY A 1 28  ? 1.005   -1.180  -13.195 1.00 11.78 ? 1134 GLY A CA  1 
ATOM   189 C  C   . GLY A 1 28  ? 0.016   -0.983  -14.328 1.00 13.64 ? 1134 GLY A C   1 
ATOM   190 O  O   . GLY A 1 28  ? 0.028   -1.768  -15.300 1.00 15.31 ? 1134 GLY A O   1 
ATOM   191 N  N   . ASP A 1 29  ? -0.858  -0.009  -14.223 1.00 13.35 ? 1135 ASP A N   1 
ATOM   192 C  CA  . ASP A 1 29  ? -1.816  0.333   -15.276 1.00 14.14 ? 1135 ASP A CA  1 
ATOM   193 C  C   . ASP A 1 29  ? -1.293  1.442   -16.172 1.00 13.98 ? 1135 ASP A C   1 
ATOM   194 O  O   . ASP A 1 29  ? -1.111  1.201   -17.384 1.00 15.83 ? 1135 ASP A O   1 
ATOM   195 C  CB  . ASP A 1 29  ? -3.135  0.674   -14.618 1.00 15.90 ? 1135 ASP A CB  1 
ATOM   196 C  CG  . ASP A 1 29  ? -4.238  0.782   -15.579 1.00 20.83 ? 1135 ASP A CG  1 
ATOM   197 O  OD1 . ASP A 1 29  ? -4.077  1.472   -16.598 1.00 27.17 ? 1135 ASP A OD1 1 
ATOM   198 O  OD2 . ASP A 1 29  ? -5.288  0.179   -15.308 1.00 25.32 ? 1135 ASP A OD2 1 
ATOM   199 N  N   . CYS A 1 30  ? -1.050  2.637   -15.633 1.00 12.03 ? 1136 CYS A N   1 
ATOM   200 C  CA  . CYS A 1 30  ? -0.754  3.795   -16.512 1.00 11.76 ? 1136 CYS A CA  1 
ATOM   201 C  C   . CYS A 1 30  ? 0.710   4.104   -16.594 1.00 11.56 ? 1136 CYS A C   1 
ATOM   202 O  O   . CYS A 1 30  ? 1.101   4.970   -17.365 1.00 12.75 ? 1136 CYS A O   1 
ATOM   203 C  CB  . CYS A 1 30  ? -1.507  4.998   -16.047 1.00 12.23 ? 1136 CYS A CB  1 
ATOM   204 S  SG  . CYS A 1 30  ? -1.042  5.724   -14.441 1.00 10.00 ? 1136 CYS A SG  1 
ATOM   205 N  N   . GLY A 1 31  ? 1.545   3.462   -15.794 1.00 11.41 ? 1137 GLY A N   1 
ATOM   206 C  CA  . GLY A 1 31  ? 2.991   3.718   -15.866 1.00 11.27 ? 1137 GLY A CA  1 
ATOM   207 C  C   . GLY A 1 31  ? 3.491   4.966   -15.182 1.00 11.16 ? 1137 GLY A C   1 
ATOM   208 O  O   . GLY A 1 31  ? 4.672   5.263   -15.200 1.00 12.60 ? 1137 GLY A O   1 
ATOM   209 N  N   . THR A 1 32  ? 2.618   5.699   -14.495 1.00 10.44 ? 1138 THR A N   1 
ATOM   210 C  CA  . THR A 1 32  ? 3.084   6.910   -13.839 1.00 10.56 ? 1138 THR A CA  1 
ATOM   211 C  C   . THR A 1 32  ? 4.085   6.606   -12.745 1.00 11.16 ? 1138 THR A C   1 
ATOM   212 O  O   . THR A 1 32  ? 3.994   5.591   -12.048 1.00 10.49 ? 1138 THR A O   1 
ATOM   213 C  CB  . THR A 1 32  ? 1.965   7.768   -13.234 1.00 11.07 ? 1138 THR A CB  1 
ATOM   214 O  OG1 . THR A 1 32  ? 2.521   8.988   -12.753 1.00 11.86 ? 1138 THR A OG1 1 
ATOM   215 C  CG2 . THR A 1 32  ? 1.256   7.057   -12.059 1.00 10.23 ? 1138 THR A CG2 1 
ATOM   216 N  N   . ILE A 1 33  ? 5.076   7.463   -12.617 1.00 11.87 ? 1139 ILE A N   1 
ATOM   217 C  CA  . ILE A 1 33  ? 6.038   7.421   -11.487 1.00 11.96 ? 1139 ILE A CA  1 
ATOM   218 C  C   . ILE A 1 33  ? 5.542   8.121   -10.244 1.00 11.87 ? 1139 ILE A C   1 
ATOM   219 O  O   . ILE A 1 33  ? 6.188   7.987   -9.213  1.00 13.24 ? 1139 ILE A O   1 
ATOM   220 C  CB  . ILE A 1 33  ? 7.395   8.056   -11.853 1.00 14.74 ? 1139 ILE A CB  1 
ATOM   221 C  CG1 . ILE A 1 33  ? 7.302   9.560   -12.074 1.00 15.86 ? 1139 ILE A CG1 1 
ATOM   222 C  CG2 . ILE A 1 33  ? 7.978   7.389   -13.093 1.00 16.49 ? 1139 ILE A CG2 1 
ATOM   223 C  CD1 . ILE A 1 33  ? 8.631   10.269  -12.259 1.00 16.83 ? 1139 ILE A CD1 1 
ATOM   224 N  N   . GLN A 1 34  ? 4.386   8.786   -10.318 1.00 11.70 ? 1140 GLN A N   1 
ATOM   225 C  CA  . GLN A 1 34  ? 3.891   9.627   -9.232  1.00 11.72 ? 1140 GLN A CA  1 
ATOM   226 C  C   . GLN A 1 34  ? 2.859   8.934   -8.305  1.00 11.66 ? 1140 GLN A C   1 
ATOM   227 O  O   . GLN A 1 34  ? 1.993   8.225   -8.774  1.00 11.25 ? 1140 GLN A O   1 
ATOM   228 C  CB  . GLN A 1 34  ? 3.216   10.854  -9.841  1.00 12.05 ? 1140 GLN A CB  1 
ATOM   229 C  CG  . GLN A 1 34  ? 4.149   11.691  -10.671 1.00 13.16 ? 1140 GLN A CG  1 
ATOM   230 C  CD  . GLN A 1 34  ? 3.430   12.899  -11.286 1.00 14.54 ? 1140 GLN A CD  1 
ATOM   231 O  OE1 . GLN A 1 34  ? 3.333   13.021  -12.497 1.00 18.23 ? 1140 GLN A OE1 1 
ATOM   232 N  NE2 . GLN A 1 34  ? 2.909   13.757  -10.434 1.00 13.90 ? 1140 GLN A NE2 1 
ATOM   233 N  N   . GLU A 1 35  ? 2.980   9.178   -7.014  1.00 12.19 ? 1141 GLU A N   1 
ATOM   234 C  CA  . GLU A 1 35  ? 1.942   8.869   -6.051  1.00 11.88 ? 1141 GLU A CA  1 
ATOM   235 C  C   . GLU A 1 35  ? 1.556   7.399   -6.049  1.00 10.44 ? 1141 GLU A C   1 
ATOM   236 O  O   . GLU A 1 35  ? 0.393   7.077   -5.864  1.00 11.25 ? 1141 GLU A O   1 
ATOM   237 C  CB  . GLU A 1 35  ? 0.677   9.702   -6.321  1.00 13.46 ? 1141 GLU A CB  1 
ATOM   238 C  CG  . GLU A 1 35  ? 0.907   11.198  -6.223  1.00 14.77 ? 1141 GLU A CG  1 
ATOM   239 C  CD  . GLU A 1 35  ? 0.767   11.745  -4.804  1.00 16.87 ? 1141 GLU A CD  1 
ATOM   240 O  OE1 . GLU A 1 35  ? -0.218  11.419  -4.142  1.00 17.77 ? 1141 GLU A OE1 1 
ATOM   241 O  OE2 . GLU A 1 35  ? 1.606   12.586  -4.416  1.00 18.61 ? 1141 GLU A OE2 1 
ATOM   242 N  N   . ASN A 1 36  ? 2.528   6.517   -6.204  1.00 9.50  ? 1142 ASN A N   1 
ATOM   243 C  CA  . ASN A 1 36  ? 2.209   5.085   -6.199  1.00 8.78  ? 1142 ASN A CA  1 
ATOM   244 C  C   . ASN A 1 36  ? 2.068   4.490   -4.793  1.00 8.87  ? 1142 ASN A C   1 
ATOM   245 O  O   . ASN A 1 36  ? 2.649   4.967   -3.794  1.00 9.00  ? 1142 ASN A O   1 
ATOM   246 C  CB  . ASN A 1 36  ? 3.227   4.320   -7.063  1.00 9.35  ? 1142 ASN A CB  1 
ATOM   247 C  CG  . ASN A 1 36  ? 3.014   4.630   -8.533  1.00 9.72  ? 1142 ASN A CG  1 
ATOM   248 O  OD1 . ASN A 1 36  ? 1.900   4.456   -9.031  1.00 10.19 ? 1142 ASN A OD1 1 
ATOM   249 N  ND2 . ASN A 1 36  ? 4.051   5.139   -9.226  1.00 9.98  ? 1142 ASN A ND2 1 
ATOM   250 N  N   . TRP A 1 37  ? 1.311   3.417   -4.749  1.00 8.37  ? 1143 TRP A N   1 
ATOM   251 C  CA  . TRP A 1 37  ? 1.060   2.619   -3.572  1.00 8.28  ? 1143 TRP A CA  1 
ATOM   252 C  C   . TRP A 1 37  ? 1.292   1.162   -3.942  1.00 8.03  ? 1143 TRP A C   1 
ATOM   253 O  O   . TRP A 1 37  ? 1.150   0.790   -5.115  1.00 8.39  ? 1143 TRP A O   1 
ATOM   254 C  CB  . TRP A 1 37  ? -0.405  2.759   -3.126  1.00 8.35  ? 1143 TRP A CB  1 
ATOM   255 C  CG  . TRP A 1 37  ? -0.818  4.119   -2.745  1.00 8.43  ? 1143 TRP A CG  1 
ATOM   256 C  CD1 . TRP A 1 37  ? -1.007  5.193   -3.584  1.00 9.09  ? 1143 TRP A CD1 1 
ATOM   257 C  CD2 . TRP A 1 37  ? -1.100  4.600   -1.421  1.00 8.62  ? 1143 TRP A CD2 1 
ATOM   258 N  NE1 . TRP A 1 37  ? -1.371  6.295   -2.853  1.00 9.68  ? 1143 TRP A NE1 1 
ATOM   259 C  CE2 . TRP A 1 37  ? -1.447  5.959   -1.525  1.00 9.68  ? 1143 TRP A CE2 1 
ATOM   260 C  CE3 . TRP A 1 37  ? -1.060  4.017   -0.157  1.00 8.78  ? 1143 TRP A CE3 1 
ATOM   261 C  CZ2 . TRP A 1 37  ? -1.803  6.720   -0.407  1.00 9.86  ? 1143 TRP A CZ2 1 
ATOM   262 C  CZ3 . TRP A 1 37  ? -1.418  4.771   0.941   1.00 9.47  ? 1143 TRP A CZ3 1 
ATOM   263 C  CH2 . TRP A 1 37  ? -1.786  6.096   0.813   1.00 10.25 ? 1143 TRP A CH2 1 
ATOM   264 N  N   . VAL A 1 38  ? 1.622   0.357   -2.917  1.00 7.82  ? 1144 VAL A N   1 
ATOM   265 C  CA  . VAL A 1 38  ? 1.737   -1.093  -3.106  1.00 7.96  ? 1144 VAL A CA  1 
ATOM   266 C  C   . VAL A 1 38  ? 0.654   -1.750  -2.285  1.00 7.57  ? 1144 VAL A C   1 
ATOM   267 O  O   . VAL A 1 38  ? 0.399   -1.380  -1.118  1.00 8.00  ? 1144 VAL A O   1 
ATOM   268 C  CB  . VAL A 1 38  ? 3.150   -1.623  -2.726  1.00 8.30  ? 1144 VAL A CB  1 
ATOM   269 C  CG1 . VAL A 1 38  ? 3.556   -1.334  -1.271  1.00 9.02  ? 1144 VAL A CG1 1 
ATOM   270 C  CG2 . VAL A 1 38  ? 3.283   -3.111  -3.092  1.00 8.98  ? 1144 VAL A CG2 1 
ATOM   271 N  N   . CYS A 1 39  ? 0.010   -2.729  -2.881  1.00 7.40  ? 1145 CYS A N   1 
ATOM   272 C  CA  . CYS A 1 39  ? -1.045  -3.444  -2.184  1.00 8.14  ? 1145 CYS A CA  1 
ATOM   273 C  C   . CYS A 1 39  ? -0.440  -4.455  -1.219  1.00 8.53  ? 1145 CYS A C   1 
ATOM   274 O  O   . CYS A 1 39  ? 0.387   -5.259  -1.580  1.00 8.27  ? 1145 CYS A O   1 
ATOM   275 C  CB  . CYS A 1 39  ? -1.937  -4.148  -3.185  1.00 8.83  ? 1145 CYS A CB  1 
ATOM   276 S  SG  . CYS A 1 39  ? -3.259  -5.112  -2.410  1.00 8.78  ? 1145 CYS A SG  1 
ATOM   277 N  N   . LEU A 1 40  ? -0.885  -4.430  0.025   1.00 7.98  ? 1146 LEU A N   1 
ATOM   278 C  CA  . LEU A 1 40  ? -0.320  -5.281  1.052   1.00 8.55  ? 1146 LEU A CA  1 
ATOM   279 C  C   . LEU A 1 40  ? -0.940  -6.671  1.063   1.00 8.92  ? 1146 LEU A C   1 
ATOM   280 O  O   . LEU A 1 40  ? -0.538  -7.471  1.913   1.00 9.24  ? 1146 LEU A O   1 
ATOM   281 C  CB  . LEU A 1 40  ? -0.433  -4.613  2.395   1.00 9.07  ? 1146 LEU A CB  1 
ATOM   282 C  CG  . LEU A 1 40  ? 0.379   -3.325  2.535   1.00 9.49  ? 1146 LEU A CG  1 
ATOM   283 C  CD1 . LEU A 1 40  ? 0.267   -2.755  3.950   1.00 10.45 ? 1146 LEU A CD1 1 
ATOM   284 C  CD2 . LEU A 1 40  ? 1.833   -3.527  2.180   1.00 10.12 ? 1146 LEU A CD2 1 
ATOM   285 N  N   . SER A 1 41  ? -1.826  -6.971  0.118   1.00 8.53  ? 1147 SER A N   1 
ATOM   286 C  CA  . SER A 1 41  ? -2.283  -8.355  -0.110  1.00 8.75  ? 1147 SER A CA  1 
ATOM   287 C  C   . SER A 1 41  ? -1.482  -8.990  -1.225  1.00 9.69  ? 1147 SER A C   1 
ATOM   288 O  O   . SER A 1 41  ? -0.868  -10.027 -0.992  1.00 10.12 ? 1147 SER A O   1 
ATOM   289 C  CB  . SER A 1 41  ? -3.781  -8.396  -0.321  1.00 8.81  ? 1147 SER A CB  1 
ATOM   290 O  OG  . SER A 1 41  ? -4.480  -7.984  0.866   1.00 8.49  ? 1147 SER A OG  1 
ATOM   291 N  N   . CYS A 1 42  ? -1.467  -8.370  -2.404  1.00 9.33  ? 1148 CYS A N   1 
ATOM   292 C  CA  . CYS A 1 42  ? -0.918  -8.983  -3.624  1.00 9.48  ? 1148 CYS A CA  1 
ATOM   293 C  C   . CYS A 1 42  ? 0.328   -8.302  -4.181  1.00 9.72  ? 1148 CYS A C   1 
ATOM   294 O  O   . CYS A 1 42  ? 0.930   -8.795  -5.143  1.00 11.04 ? 1148 CYS A O   1 
ATOM   295 C  CB  . CYS A 1 42  ? -1.998  -9.101  -4.647  1.00 10.84 ? 1148 CYS A CB  1 
ATOM   296 S  SG  . CYS A 1 42  ? -2.419  -7.520  -5.480  1.00 11.90 ? 1148 CYS A SG  1 
ATOM   297 N  N   . TYR A 1 43  ? 0.749   -7.194  -3.563  1.00 8.97  ? 1149 TYR A N   1 
ATOM   298 C  CA  . TYR A 1 43  ? 2.003   -6.522  -3.895  1.00 8.96  ? 1149 TYR A CA  1 
ATOM   299 C  C   . TYR A 1 43  ? 2.128   -5.962  -5.305  1.00 9.17  ? 1149 TYR A C   1 
ATOM   300 O  O   . TYR A 1 43  ? 3.226   -5.631  -5.787  1.00 10.12 ? 1149 TYR A O   1 
ATOM   301 C  CB  . TYR A 1 43  ? 3.199   -7.362  -3.417  1.00 9.70  ? 1149 TYR A CB  1 
ATOM   302 C  CG  . TYR A 1 43  ? 3.197   -7.432  -1.921  1.00 9.24  ? 1149 TYR A CG  1 
ATOM   303 C  CD1 . TYR A 1 43  ? 3.902   -6.492  -1.173  1.00 10.18 ? 1149 TYR A CD1 1 
ATOM   304 C  CD2 . TYR A 1 43  ? 2.499   -8.410  -1.241  1.00 9.88  ? 1149 TYR A CD2 1 
ATOM   305 C  CE1 . TYR A 1 43  ? 3.886   -6.499  0.197   1.00 9.97  ? 1149 TYR A CE1 1 
ATOM   306 C  CE2 . TYR A 1 43  ? 2.483   -8.428  0.148   1.00 9.94  ? 1149 TYR A CE2 1 
ATOM   307 C  CZ  . TYR A 1 43  ? 3.189   -7.469  0.867   1.00 10.35 ? 1149 TYR A CZ  1 
ATOM   308 O  OH  . TYR A 1 43  ? 3.175   -7.418  2.228   1.00 11.66 ? 1149 TYR A OH  1 
ATOM   309 N  N   . GLN A 1 44  ? 0.970   -5.766  -5.957  1.00 8.88  ? 1150 GLN A N   1 
ATOM   310 C  CA  . GLN A 1 44  ? 0.864   -4.922  -7.157  1.00 9.57  ? 1150 GLN A CA  1 
ATOM   311 C  C   . GLN A 1 44  ? 0.986   -3.471  -6.776  1.00 8.68  ? 1150 GLN A C   1 
ATOM   312 O  O   . GLN A 1 44  ? 0.581   -3.073  -5.680  1.00 9.42  ? 1150 GLN A O   1 
ATOM   313 C  CB  . GLN A 1 44  ? -0.385  -5.222  -7.935  1.00 9.71  ? 1150 GLN A CB  1 
ATOM   314 C  CG  . GLN A 1 44  ? -0.303  -6.637  -8.489  1.00 11.19 ? 1150 GLN A CG  1 
ATOM   315 C  CD  . GLN A 1 44  ? -1.572  -7.145  -9.125  1.00 13.10 ? 1150 GLN A CD  1 
ATOM   316 O  OE1 . GLN A 1 44  ? -2.470  -6.408  -9.484  1.00 17.44 ? 1150 GLN A OE1 1 
ATOM   317 N  NE2 . GLN A 1 44  ? -1.673  -8.508  -9.182  1.00 16.43 ? 1150 GLN A NE2 1 
ATOM   318 N  N   . VAL A 1 45  ? 1.479   -2.661  -7.722  1.00 8.19  ? 1151 VAL A N   1 
ATOM   319 C  CA  . VAL A 1 45  ? 1.708   -1.230  -7.494  1.00 8.43  ? 1151 VAL A CA  1 
ATOM   320 C  C   . VAL A 1 45  ? 0.826   -0.433  -8.432  1.00 8.88  ? 1151 VAL A C   1 
ATOM   321 O  O   . VAL A 1 45  ? 0.848   -0.664  -9.632  1.00 10.14 ? 1151 VAL A O   1 
ATOM   322 C  CB  . VAL A 1 45  ? 3.217   -0.896  -7.724  1.00 8.39  ? 1151 VAL A CB  1 
ATOM   323 C  CG1 . VAL A 1 45  ? 3.496   0.619   -7.685  1.00 8.74  ? 1151 VAL A CG1 1 
ATOM   324 C  CG2 . VAL A 1 45  ? 4.079   -1.644  -6.724  1.00 9.18  ? 1151 VAL A CG2 1 
ATOM   325 N  N   . TYR A 1 46  ? 0.101   0.543   -7.876  1.00 8.33  ? 1152 TYR A N   1 
ATOM   326 C  CA  . TYR A 1 46  ? -0.848  1.352   -8.628  1.00 8.01  ? 1152 TYR A CA  1 
ATOM   327 C  C   . TYR A 1 46  ? -0.910  2.784   -8.056  1.00 7.97  ? 1152 TYR A C   1 
ATOM   328 O  O   . TYR A 1 46  ? -0.646  2.986   -6.858  1.00 7.82  ? 1152 TYR A O   1 
ATOM   329 C  CB  . TYR A 1 46  ? -2.290  0.746   -8.650  1.00 8.44  ? 1152 TYR A CB  1 
ATOM   330 C  CG  . TYR A 1 46  ? -2.392  -0.607  -9.310  1.00 8.82  ? 1152 TYR A CG  1 
ATOM   331 C  CD1 . TYR A 1 46  ? -2.236  -0.729  -10.682 1.00 9.79  ? 1152 TYR A CD1 1 
ATOM   332 C  CD2 . TYR A 1 46  ? -2.699  -1.710  -8.587  1.00 9.93  ? 1152 TYR A CD2 1 
ATOM   333 C  CE1 . TYR A 1 46  ? -2.318  -1.949  -11.319 1.00 10.22 ? 1152 TYR A CE1 1 
ATOM   334 C  CE2 . TYR A 1 46  ? -2.776  -2.970  -9.214  1.00 9.55  ? 1152 TYR A CE2 1 
ATOM   335 C  CZ  . TYR A 1 46  ? -2.579  -3.062  -10.569 1.00 11.37 ? 1152 TYR A CZ  1 
ATOM   336 O  OH  . TYR A 1 46  ? -2.651  -4.317  -11.180 1.00 13.76 ? 1152 TYR A OH  1 
ATOM   337 N  N   . CYS A 1 47  ? -1.296  3.734   -8.889  1.00 8.33  ? 1153 CYS A N   1 
ATOM   338 C  CA  . CYS A 1 47  ? -1.242  5.131   -8.499  1.00 8.36  ? 1153 CYS A CA  1 
ATOM   339 C  C   . CYS A 1 47  ? -2.418  5.596   -7.618  1.00 8.80  ? 1153 CYS A C   1 
ATOM   340 O  O   . CYS A 1 47  ? -3.523  5.025   -7.603  1.00 8.49  ? 1153 CYS A O   1 
ATOM   341 C  CB  . CYS A 1 47  ? -1.112  6.011   -9.737  1.00 9.05  ? 1153 CYS A CB  1 
ATOM   342 S  SG  . CYS A 1 47  ? -2.539  6.017   -10.861 1.00 9.23  ? 1153 CYS A SG  1 
ATOM   343 N  N   . GLY A 1 48  ? -2.118  6.676   -6.896  1.00 9.11  ? 1154 GLY A N   1 
ATOM   344 C  CA  . GLY A 1 48  ? -3.055  7.320   -6.003  1.00 9.77  ? 1154 GLY A CA  1 
ATOM   345 C  C   . GLY A 1 48  ? -4.185  8.079   -6.658  1.00 10.58 ? 1154 GLY A C   1 
ATOM   346 O  O   . GLY A 1 48  ? -4.177  8.366   -7.851  1.00 10.76 ? 1154 GLY A O   1 
ATOM   347 N  N   . ARG A 1 49  ? -5.111  8.497   -5.793  1.00 11.33 ? 1155 ARG A N   1 
ATOM   348 C  CA  . ARG A 1 49  ? -6.332  9.171   -6.245  1.00 12.27 ? 1155 ARG A CA  1 
ATOM   349 C  C   . ARG A 1 49  ? -6.074  10.487  -6.971  1.00 11.91 ? 1155 ARG A C   1 
ATOM   350 O  O   . ARG A 1 49  ? -6.884  10.861  -7.854  1.00 12.79 ? 1155 ARG A O   1 
ATOM   351 C  CB  . ARG A 1 49  ? -7.266  9.368   -5.023  1.00 14.66 ? 1155 ARG A CB  1 
ATOM   352 C  CG  . ARG A 1 49  ? -6.780  10.362  -3.957  1.00 17.25 ? 1155 ARG A CG  1 
ATOM   353 C  CD  . ARG A 1 49  ? -7.238  10.035  -2.487  1.00 20.29 ? 1155 ARG A CD  1 
ATOM   354 N  NE  . ARG A 1 49  ? -6.556  10.831  -1.426  1.00 23.16 ? 1155 ARG A NE  1 
ATOM   355 C  CZ  . ARG A 1 49  ? -5.238  10.755  -1.100  1.00 26.61 ? 1155 ARG A CZ  1 
ATOM   356 N  NH1 . ARG A 1 49  ? -4.748  11.516  -0.114  1.00 27.57 ? 1155 ARG A NH1 1 
ATOM   357 N  NH2 . ARG A 1 49  ? -4.366  9.948   -1.769  1.00 30.12 ? 1155 ARG A NH2 1 
ATOM   358 N  N   . TYR A 1 50  ? -4.967  11.166  -6.650  1.00 11.69 ? 1156 TYR A N   1 
ATOM   359 C  CA  . TYR A 1 50  ? -4.661  12.470  -7.269  1.00 12.00 ? 1156 TYR A CA  1 
ATOM   360 C  C   . TYR A 1 50  ? -3.976  12.362  -8.609  1.00 12.31 ? 1156 TYR A C   1 
ATOM   361 O  O   . TYR A 1 50  ? -3.889  13.398  -9.318  1.00 12.57 ? 1156 TYR A O   1 
ATOM   362 C  CB  . TYR A 1 50  ? -3.918  13.398  -6.305  1.00 11.77 ? 1156 TYR A CB  1 
ATOM   363 C  CG  . TYR A 1 50  ? -4.729  13.787  -5.089  1.00 12.49 ? 1156 TYR A CG  1 
ATOM   364 C  CD1 . TYR A 1 50  ? -5.997  14.335  -5.236  1.00 13.42 ? 1156 TYR A CD1 1 
ATOM   365 C  CD2 . TYR A 1 50  ? -4.262  13.556  -3.799  1.00 13.20 ? 1156 TYR A CD2 1 
ATOM   366 C  CE1 . TYR A 1 50  ? -6.767  14.697  -4.129  1.00 13.59 ? 1156 TYR A CE1 1 
ATOM   367 C  CE2 . TYR A 1 50  ? -5.013  13.935  -2.704  1.00 13.28 ? 1156 TYR A CE2 1 
ATOM   368 C  CZ  . TYR A 1 50  ? -6.284  14.488  -2.878  1.00 14.59 ? 1156 TYR A CZ  1 
ATOM   369 O  OH  . TYR A 1 50  ? -7.074  14.843  -1.776  1.00 16.80 ? 1156 TYR A OH  1 
ATOM   370 N  N   . ILE A 1 51  ? -3.570  11.156  -9.027  1.00 11.17 ? 1157 ILE A N   1 
ATOM   371 C  CA  . ILE A 1 51  ? -3.068  10.880  -10.372 1.00 11.63 ? 1157 ILE A CA  1 
ATOM   372 C  C   . ILE A 1 51  ? -4.223  10.245  -11.172 1.00 11.21 ? 1157 ILE A C   1 
ATOM   373 O  O   . ILE A 1 51  ? -5.160  10.972  -11.603 1.00 12.90 ? 1157 ILE A O   1 
ATOM   374 C  CB  . ILE A 1 51  ? -1.738  10.075  -10.364 1.00 11.95 ? 1157 ILE A CB  1 
ATOM   375 C  CG1 . ILE A 1 51  ? -0.752  10.732  -9.382  1.00 12.56 ? 1157 ILE A CG1 1 
ATOM   376 C  CG2 . ILE A 1 51  ? -1.172  9.979   -11.792 1.00 12.56 ? 1157 ILE A CG2 1 
ATOM   377 C  CD1 . ILE A 1 51  ? -0.404  12.174  -9.727  1.00 13.63 ? 1157 ILE A CD1 1 
ATOM   378 N  N   . ASN A 1 52  ? -4.225  8.932   -11.356 1.00 10.82 ? 1158 ASN A N   1 
ATOM   379 C  CA  . ASN A 1 52  ? -5.283  8.299   -12.115 1.00 11.19 ? 1158 ASN A CA  1 
ATOM   380 C  C   . ASN A 1 52  ? -6.135  7.319   -11.327 1.00 11.26 ? 1158 ASN A C   1 
ATOM   381 O  O   . ASN A 1 52  ? -7.007  6.673   -11.908 1.00 12.36 ? 1158 ASN A O   1 
ATOM   382 C  CB  . ASN A 1 52  ? -4.726  7.672   -13.395 1.00 12.34 ? 1158 ASN A CB  1 
ATOM   383 C  CG  . ASN A 1 52  ? -4.161  8.715   -14.338 1.00 12.94 ? 1158 ASN A CG  1 
ATOM   384 O  OD1 . ASN A 1 52  ? -4.851  9.701   -14.567 1.00 14.41 ? 1158 ASN A OD1 1 
ATOM   385 N  ND2 . ASN A 1 52  ? -2.936  8.539   -14.853 1.00 12.11 ? 1158 ASN A ND2 1 
ATOM   386 N  N   . GLY A 1 53  ? -5.893  7.228   -10.030 1.00 9.67  ? 1159 GLY A N   1 
ATOM   387 C  CA  . GLY A 1 53  ? -6.792  6.442   -9.174  1.00 9.55  ? 1159 GLY A CA  1 
ATOM   388 C  C   . GLY A 1 53  ? -6.784  4.950   -9.387  1.00 10.12 ? 1159 GLY A C   1 
ATOM   389 O  O   . GLY A 1 53  ? -7.760  4.255   -9.133  1.00 10.90 ? 1159 GLY A O   1 
ATOM   390 N  N   . HIS A 1 54  ? -5.709  4.402   -9.925  1.00 9.71  ? 1160 HIS A N   1 
ATOM   391 C  CA  . HIS A 1 54  ? -5.615  2.965   -10.169 1.00 9.52  ? 1160 HIS A CA  1 
ATOM   392 C  C   . HIS A 1 54  ? -5.580  2.091   -8.940  1.00 9.75  ? 1160 HIS A C   1 
ATOM   393 O  O   . HIS A 1 54  ? -6.082  0.985   -9.005  1.00 10.31 ? 1160 HIS A O   1 
ATOM   394 C  CB  . HIS A 1 54  ? -4.489  2.654   -11.165 1.00 9.85  ? 1160 HIS A CB  1 
ATOM   395 C  CG  . HIS A 1 54  ? -4.800  3.209   -12.509 1.00 10.41 ? 1160 HIS A CG  1 
ATOM   396 N  ND1 . HIS A 1 54  ? -3.969  4.060   -13.235 1.00 11.15 ? 1160 HIS A ND1 1 
ATOM   397 C  CD2 . HIS A 1 54  ? -5.909  3.018   -13.261 1.00 11.89 ? 1160 HIS A CD2 1 
ATOM   398 C  CE1 . HIS A 1 54  ? -4.587  4.362   -14.371 1.00 11.36 ? 1160 HIS A CE1 1 
ATOM   399 N  NE2 . HIS A 1 54  ? -5.779  3.780   -14.394 1.00 11.55 ? 1160 HIS A NE2 1 
ATOM   400 N  N   . MET A 1 55  ? -5.004  2.571   -7.828  1.00 8.71  ? 1161 MET A N   1 
ATOM   401 C  CA  . MET A 1 55  ? -5.102  1.751   -6.610  1.00 8.27  ? 1161 MET A CA  1 
ATOM   402 C  C   . MET A 1 55  ? -6.534  1.683   -6.070  1.00 8.54  ? 1161 MET A C   1 
ATOM   403 O  O   . MET A 1 55  ? -6.959  0.612   -5.636  1.00 8.76  ? 1161 MET A O   1 
ATOM   404 C  CB  . MET A 1 55  ? -4.113  2.183   -5.510  1.00 8.13  ? 1161 MET A CB  1 
ATOM   405 C  CG  . MET A 1 55  ? -4.054  1.154   -4.364  1.00 7.65  ? 1161 MET A CG  1 
ATOM   406 S  SD  . MET A 1 55  ? -3.541  -0.502  -4.924  1.00 8.16  ? 1161 MET A SD  1 
ATOM   407 C  CE  . MET A 1 55  ? -1.771  -0.335  -4.793  1.00 8.22  ? 1161 MET A CE  1 
ATOM   408 N  N   . LEU A 1 56  ? -7.271  2.783   -6.140  1.00 9.16  ? 1162 LEU A N   1 
ATOM   409 C  CA  . LEU A 1 56  ? -8.693  2.759   -5.804  1.00 10.55 ? 1162 LEU A CA  1 
ATOM   410 C  C   . LEU A 1 56  ? -9.433  1.753   -6.712  1.00 10.74 ? 1162 LEU A C   1 
ATOM   411 O  O   . LEU A 1 56  ? -10.276 0.973   -6.222  1.00 11.76 ? 1162 LEU A O   1 
ATOM   412 C  CB  . LEU A 1 56  ? -9.307  4.152   -5.932  1.00 12.65 ? 1162 LEU A CB  1 
ATOM   413 C  CG  . LEU A 1 56  ? -10.783 4.232   -5.554  1.00 16.66 ? 1162 LEU A CG  1 
ATOM   414 C  CD1 . LEU A 1 56  ? -11.015 3.779   -4.121  1.00 17.96 ? 1162 LEU A CD1 1 
ATOM   415 C  CD2 . LEU A 1 56  ? -11.227 5.665   -5.764  1.00 18.41 ? 1162 LEU A CD2 1 
ATOM   416 N  N   . GLN A 1 57  ? -9.116  1.741   -8.004  1.00 10.60 ? 1163 GLN A N   1 
ATOM   417 C  CA  . GLN A 1 57  ? -9.720  0.780   -8.930  1.00 10.61 ? 1163 GLN A CA  1 
ATOM   418 C  C   . GLN A 1 57  ? -9.381  -0.655  -8.532  1.00 10.11 ? 1163 GLN A C   1 
ATOM   419 O  O   . GLN A 1 57  ? -10.263 -1.526  -8.514  1.00 10.16 ? 1163 GLN A O   1 
ATOM   420 C  CB  . GLN A 1 57  ? -9.279  1.074   -10.369 1.00 13.06 ? 1163 GLN A CB  1 
ATOM   421 C  CG  . GLN A 1 57  ? -9.953  0.210   -11.408 1.00 15.49 ? 1163 GLN A CG  1 
ATOM   422 C  CD  . GLN A 1 57  ? -9.552  0.583   -12.835 1.00 19.64 ? 1163 GLN A CD  1 
ATOM   423 O  OE1 . GLN A 1 57  ? -8.967  1.628   -13.057 1.00 22.97 ? 1163 GLN A OE1 1 
ATOM   424 N  NE2 . GLN A 1 57  ? -9.880  -0.304  -13.820 1.00 24.00 ? 1163 GLN A NE2 1 
ATOM   425 N  N   . HIS A 1 58  ? -8.105  -0.908  -8.183  1.00 9.32  ? 1164 HIS A N   1 
ATOM   426 C  CA  . HIS A 1 58  ? -7.655  -2.195  -7.760  1.00 9.16  ? 1164 HIS A CA  1 
ATOM   427 C  C   . HIS A 1 58  ? -8.417  -2.645  -6.514  1.00 9.30  ? 1164 HIS A C   1 
ATOM   428 O  O   . HIS A 1 58  ? -8.837  -3.794  -6.420  1.00 9.33  ? 1164 HIS A O   1 
ATOM   429 C  CB  . HIS A 1 58  ? -6.158  -2.201  -7.498  1.00 9.34  ? 1164 HIS A CB  1 
ATOM   430 C  CG  . HIS A 1 58  ? -5.653  -3.493  -6.920  1.00 8.94  ? 1164 HIS A CG  1 
ATOM   431 N  ND1 . HIS A 1 58  ? -5.652  -4.673  -7.653  1.00 10.42 ? 1164 HIS A ND1 1 
ATOM   432 C  CD2 . HIS A 1 58  ? -5.163  -3.818  -5.696  1.00 9.40  ? 1164 HIS A CD2 1 
ATOM   433 C  CE1 . HIS A 1 58  ? -5.131  -5.646  -6.909  1.00 9.91  ? 1164 HIS A CE1 1 
ATOM   434 N  NE2 . HIS A 1 58  ? -4.869  -5.174  -5.700  1.00 9.91  ? 1164 HIS A NE2 1 
ATOM   435 N  N   . HIS A 1 59  ? -8.562  -1.757  -5.551  1.00 9.02  ? 1165 HIS A N   1 
ATOM   436 C  CA  . HIS A 1 59  ? -9.381  -2.091  -4.377  1.00 8.63  ? 1165 HIS A CA  1 
ATOM   437 C  C   . HIS A 1 59  ? -10.795 -2.514  -4.809  1.00 9.09  ? 1165 HIS A C   1 
ATOM   438 O  O   . HIS A 1 59  ? -11.334 -3.497  -4.297  1.00 9.47  ? 1165 HIS A O   1 
ATOM   439 C  CB  . HIS A 1 59  ? -9.496  -0.913  -3.423  1.00 9.32  ? 1165 HIS A CB  1 
ATOM   440 C  CG  . HIS A 1 59  ? -10.585 -1.073  -2.418  1.00 9.16  ? 1165 HIS A CG  1 
ATOM   441 N  ND1 . HIS A 1 59  ? -10.512 -1.991  -1.395  1.00 9.29  ? 1165 HIS A ND1 1 
ATOM   442 C  CD2 . HIS A 1 59  ? -11.818 -0.509  -2.342  1.00 9.29  ? 1165 HIS A CD2 1 
ATOM   443 C  CE1 . HIS A 1 59  ? -11.652 -1.969  -0.713  1.00 9.86  ? 1165 HIS A CE1 1 
ATOM   444 N  NE2 . HIS A 1 59  ? -12.466 -1.079  -1.261  1.00 10.70 ? 1165 HIS A NE2 1 
ATOM   445 N  N   . GLY A 1 60  ? -11.370 -1.784  -5.725  1.00 9.85  ? 1166 GLY A N   1 
ATOM   446 C  CA  . GLY A 1 60  ? -12.748 -2.050  -6.124  1.00 10.04 ? 1166 GLY A CA  1 
ATOM   447 C  C   . GLY A 1 60  ? -12.859 -3.391  -6.797  1.00 9.69  ? 1166 GLY A C   1 
ATOM   448 O  O   . GLY A 1 60  ? -13.886 -4.085  -6.623  1.00 10.55 ? 1166 GLY A O   1 
ATOM   449 N  N   . ASN A 1 61  ? -11.884 -3.787  -7.597  1.00 10.87 ? 1167 ASN A N   1 
ATOM   450 C  CA  . ASN A 1 61  ? -12.029 -5.014  -8.337  1.00 12.03 ? 1167 ASN A CA  1 
ATOM   451 C  C   . ASN A 1 61  ? -11.400 -6.247  -7.720  1.00 11.14 ? 1167 ASN A C   1 
ATOM   452 O  O   . ASN A 1 61  ? -11.646 -7.367  -8.199  1.00 12.11 ? 1167 ASN A O   1 
ATOM   453 C  CB  . ASN A 1 61  ? -11.664 -4.823  -9.820  1.00 13.34 ? 1167 ASN A CB  1 
ATOM   454 C  CG  . ASN A 1 61  ? -10.201 -4.550  -10.034 1.00 14.89 ? 1167 ASN A CG  1 
ATOM   455 O  OD1 . ASN A 1 61  ? -9.378  -5.171  -9.365  1.00 17.48 ? 1167 ASN A OD1 1 
ATOM   456 N  ND2 . ASN A 1 61  ? -9.861  -3.670  -11.022 1.00 15.85 ? 1167 ASN A ND2 1 
ATOM   457 N  N   . SER A 1 62  ? -10.661 -6.050  -6.630  1.00 9.49  ? 1168 SER A N   1 
ATOM   458 C  CA  . SER A 1 62  ? -10.075 -7.126  -5.861  1.00 9.31  ? 1168 SER A CA  1 
ATOM   459 C  C   . SER A 1 62  ? -10.636 -7.316  -4.470  1.00 9.19  ? 1168 SER A C   1 
ATOM   460 O  O   . SER A 1 62  ? -10.531 -8.424  -3.930  1.00 10.32 ? 1168 SER A O   1 
ATOM   461 C  CB  . SER A 1 62  ? -8.525  -6.981  -5.769  1.00 9.65  ? 1168 SER A CB  1 
ATOM   462 O  OG  . SER A 1 62  ? -8.207  -5.931  -4.848  1.00 9.66  ? 1168 SER A OG  1 
ATOM   463 N  N   . GLY A 1 63  ? -11.099 -6.234  -3.861  1.00 9.25  ? 1169 GLY A N   1 
ATOM   464 C  CA  . GLY A 1 63  ? -11.478 -6.178  -2.466  1.00 9.47  ? 1169 GLY A CA  1 
ATOM   465 C  C   . GLY A 1 63  ? -10.293 -6.081  -1.519  1.00 9.78  ? 1169 GLY A C   1 
ATOM   466 O  O   . GLY A 1 63  ? -10.498 -6.059  -0.309  1.00 10.30 ? 1169 GLY A O   1 
ATOM   467 N  N   . HIS A 1 64  ? -9.067  -5.957  -2.028  1.00 8.77  ? 1170 HIS A N   1 
ATOM   468 C  CA  . HIS A 1 64  ? -7.931  -5.888  -1.123  1.00 8.28  ? 1170 HIS A CA  1 
ATOM   469 C  C   . HIS A 1 64  ? -7.959  -4.592  -0.323  1.00 7.95  ? 1170 HIS A C   1 
ATOM   470 O  O   . HIS A 1 64  ? -8.211  -3.533  -0.856  1.00 9.03  ? 1170 HIS A O   1 
ATOM   471 C  CB  . HIS A 1 64  ? -6.594  -6.050  -1.877  1.00 8.56  ? 1170 HIS A CB  1 
ATOM   472 C  CG  . HIS A 1 64  ? -6.434  -7.371  -2.545  1.00 8.30  ? 1170 HIS A CG  1 
ATOM   473 N  ND1 . HIS A 1 64  ? -5.488  -7.609  -3.522  1.00 8.47  ? 1170 HIS A ND1 1 
ATOM   474 C  CD2 . HIS A 1 64  ? -7.132  -8.533  -2.396  1.00 8.56  ? 1170 HIS A CD2 1 
ATOM   475 C  CE1 . HIS A 1 64  ? -5.602  -8.861  -3.930  1.00 8.53  ? 1170 HIS A CE1 1 
ATOM   476 N  NE2 . HIS A 1 64  ? -6.585  -9.448  -3.269  1.00 9.38  ? 1170 HIS A NE2 1 
ATOM   477 N  N   . PRO A 1 65  ? -7.757  -4.706  0.993   1.00 7.78  ? 1171 PRO A N   1 
ATOM   478 C  CA  . PRO A 1 65  ? -8.063  -3.599  1.880   1.00 7.52  ? 1171 PRO A CA  1 
ATOM   479 C  C   . PRO A 1 65  ? -7.002  -2.513  2.086   1.00 7.33  ? 1171 PRO A C   1 
ATOM   480 O  O   . PRO A 1 65  ? -7.333  -1.314  2.139   1.00 7.41  ? 1171 PRO A O   1 
ATOM   481 C  CB  . PRO A 1 65  ? -8.282  -4.297  3.236   1.00 7.98  ? 1171 PRO A CB  1 
ATOM   482 C  CG  . PRO A 1 65  ? -7.451  -5.526  3.174   1.00 8.21  ? 1171 PRO A CG  1 
ATOM   483 C  CD  . PRO A 1 65  ? -7.585  -5.965  1.756   1.00 8.06  ? 1171 PRO A CD  1 
ATOM   484 N  N   . LEU A 1 66  ? -5.756  -2.944  2.247   1.00 7.16  ? 1172 LEU A N   1 
ATOM   485 C  CA  . LEU A 1 66  ? -4.689  -2.114  2.824   1.00 7.13  ? 1172 LEU A CA  1 
ATOM   486 C  C   . LEU A 1 66  ? -3.565  -1.913  1.852   1.00 7.10  ? 1172 LEU A C   1 
ATOM   487 O  O   . LEU A 1 66  ? -3.089  -2.875  1.189   1.00 7.43  ? 1172 LEU A O   1 
ATOM   488 C  CB  . LEU A 1 66  ? -4.120  -2.779  4.097   1.00 7.58  ? 1172 LEU A CB  1 
ATOM   489 C  CG  . LEU A 1 66  ? -4.915  -2.497  5.354   1.00 8.17  ? 1172 LEU A CG  1 
ATOM   490 C  CD1 . LEU A 1 66  ? -4.887  -3.681  6.312   1.00 9.04  ? 1172 LEU A CD1 1 
ATOM   491 C  CD2 . LEU A 1 66  ? -4.480  -1.187  5.987   1.00 8.54  ? 1172 LEU A CD2 1 
ATOM   492 N  N   . VAL A 1 67  ? -3.162  -0.652  1.685   1.00 6.93  ? 1173 VAL A N   1 
ATOM   493 C  CA  . VAL A 1 67  ? -2.149  -0.227  0.715   1.00 7.52  ? 1173 VAL A CA  1 
ATOM   494 C  C   . VAL A 1 67  ? -1.142  0.679   1.383   1.00 7.75  ? 1173 VAL A C   1 
ATOM   495 O  O   . VAL A 1 67  ? -1.486  1.410   2.283   1.00 8.11  ? 1173 VAL A O   1 
ATOM   496 C  CB  . VAL A 1 67  ? -2.800  0.406   -0.545  1.00 8.04  ? 1173 VAL A CB  1 
ATOM   497 C  CG1 . VAL A 1 67  ? -3.694  -0.591  -1.249  1.00 8.24  ? 1173 VAL A CG1 1 
ATOM   498 C  CG2 . VAL A 1 67  ? -3.629  1.652   -0.211  1.00 8.36  ? 1173 VAL A CG2 1 
ATOM   499 N  N   . LEU A 1 68  ? 0.116   0.588   0.956   1.00 7.84  ? 1174 LEU A N   1 
ATOM   500 C  CA  . LEU A 1 68  ? 1.235   1.319   1.529   1.00 8.41  ? 1174 LEU A CA  1 
ATOM   501 C  C   . LEU A 1 68  ? 1.738   2.362   0.508   1.00 7.98  ? 1174 LEU A C   1 
ATOM   502 O  O   . LEU A 1 68  ? 2.018   2.059   -0.655  1.00 7.97  ? 1174 LEU A O   1 
ATOM   503 C  CB  . LEU A 1 68  ? 2.354   0.348   1.911   1.00 9.64  ? 1174 LEU A CB  1 
ATOM   504 C  CG  . LEU A 1 68  ? 3.672   0.925   2.405   1.00 11.15 ? 1174 LEU A CG  1 
ATOM   505 C  CD1 . LEU A 1 68  ? 3.473   1.558   3.741   1.00 13.06 ? 1174 LEU A CD1 1 
ATOM   506 C  CD2 . LEU A 1 68  ? 4.763   -0.128  2.514   1.00 13.60 ? 1174 LEU A CD2 1 
ATOM   507 N  N   . SER A 1 69  ? 1.883   3.605   0.994   1.00 8.01  ? 1175 SER A N   1 
ATOM   508 C  CA  . SER A 1 69  ? 2.330   4.700   0.154   1.00 8.37  ? 1175 SER A CA  1 
ATOM   509 C  C   . SER A 1 69  ? 3.833   4.678   -0.043  1.00 9.08  ? 1175 SER A C   1 
ATOM   510 O  O   . SER A 1 69  ? 4.603   4.664   0.921   1.00 9.32  ? 1175 SER A O   1 
ATOM   511 C  CB  . SER A 1 69  ? 1.990   6.016   0.863   1.00 8.47  ? 1175 SER A CB  1 
ATOM   512 O  OG  . SER A 1 69  ? 2.548   7.107   0.079   1.00 9.22  ? 1175 SER A OG  1 
ATOM   513 N  N   . TYR A 1 70  ? 4.271   4.742   -1.295  1.00 9.54  ? 1176 TYR A N   1 
ATOM   514 C  CA  . TYR A 1 70  ? 5.680   4.953   -1.609  1.00 9.61  ? 1176 TYR A CA  1 
ATOM   515 C  C   . TYR A 1 70  ? 6.154   6.406   -1.461  1.00 11.02 ? 1176 TYR A C   1 
ATOM   516 O  O   . TYR A 1 70  ? 7.338   6.676   -1.651  1.00 12.12 ? 1176 TYR A O   1 
ATOM   517 C  CB  . TYR A 1 70  ? 5.942   4.387   -2.987  1.00 9.31  ? 1176 TYR A CB  1 
ATOM   518 C  CG  . TYR A 1 70  ? 6.035   2.852   -3.048  1.00 9.18  ? 1176 TYR A CG  1 
ATOM   519 C  CD1 . TYR A 1 70  ? 6.248   2.065   -1.915  1.00 9.59  ? 1176 TYR A CD1 1 
ATOM   520 C  CD2 . TYR A 1 70  ? 5.906   2.194   -4.278  1.00 9.95  ? 1176 TYR A CD2 1 
ATOM   521 C  CE1 . TYR A 1 70  ? 6.421   0.690   -2.027  1.00 9.57  ? 1176 TYR A CE1 1 
ATOM   522 C  CE2 . TYR A 1 70  ? 6.061   0.841   -4.391  1.00 9.84  ? 1176 TYR A CE2 1 
ATOM   523 C  CZ  . TYR A 1 70  ? 6.313   0.094   -3.247  1.00 10.09 ? 1176 TYR A CZ  1 
ATOM   524 O  OH  . TYR A 1 70  ? 6.510   -1.269  -3.288  1.00 11.00 ? 1176 TYR A OH  1 
ATOM   525 N  N   . ILE A 1 71  ? 5.274   7.320   -1.058  1.00 9.91  ? 1177 ILE A N   1 
ATOM   526 C  CA  . ILE A 1 71  ? 5.660   8.702   -0.721  1.00 11.68 ? 1177 ILE A CA  1 
ATOM   527 C  C   . ILE A 1 71  ? 6.064   8.785   0.752   1.00 12.52 ? 1177 ILE A C   1 
ATOM   528 O  O   . ILE A 1 71  ? 7.173   9.228   1.070   1.00 13.49 ? 1177 ILE A O   1 
ATOM   529 C  CB  . ILE A 1 71  ? 4.547   9.693   -1.056  1.00 13.22 ? 1177 ILE A CB  1 
ATOM   530 C  CG1 . ILE A 1 71  ? 4.426   9.768   -2.576  1.00 15.74 ? 1177 ILE A CG1 1 
ATOM   531 C  CG2 . ILE A 1 71  ? 4.859   11.070  -0.499  1.00 12.98 ? 1177 ILE A CG2 1 
ATOM   532 C  CD1 . ILE A 1 71  ? 3.393   10.686  -3.084  1.00 17.54 ? 1177 ILE A CD1 1 
ATOM   533 N  N   . ASP A 1 72  ? 5.191   8.355   1.647   1.00 11.30 ? 1178 ASP A N   1 
ATOM   534 C  CA  . ASP A 1 72  ? 5.399   8.591   3.092   1.00 11.28 ? 1178 ASP A CA  1 
ATOM   535 C  C   . ASP A 1 72  ? 5.301   7.352   3.972   1.00 11.31 ? 1178 ASP A C   1 
ATOM   536 O  O   . ASP A 1 72  ? 5.416   7.469   5.187   1.00 12.27 ? 1178 ASP A O   1 
ATOM   537 C  CB  . ASP A 1 72  ? 4.466   9.703   3.616   1.00 12.32 ? 1178 ASP A CB  1 
ATOM   538 C  CG  . ASP A 1 72  ? 3.022   9.273   3.714   1.00 12.95 ? 1178 ASP A CG  1 
ATOM   539 O  OD1 . ASP A 1 72  ? 2.660   8.153   3.291   1.00 12.30 ? 1178 ASP A OD1 1 
ATOM   540 O  OD2 . ASP A 1 72  ? 2.237   10.081  4.264   1.00 17.84 ? 1178 ASP A OD2 1 
ATOM   541 N  N   . LEU A 1 73  ? 5.115   6.174   3.357   1.00 10.38 ? 1179 LEU A N   1 
ATOM   542 C  CA  . LEU A 1 73  ? 5.125   4.879   4.061   1.00 11.11 ? 1179 LEU A CA  1 
ATOM   543 C  C   . LEU A 1 73  ? 3.946   4.777   5.028   1.00 11.64 ? 1179 LEU A C   1 
ATOM   544 O  O   . LEU A 1 73  ? 3.973   3.944   5.935   1.00 12.13 ? 1179 LEU A O   1 
ATOM   545 C  CB  . LEU A 1 73  ? 6.480   4.640   4.803   1.00 11.72 ? 1179 LEU A CB  1 
ATOM   546 C  CG  . LEU A 1 73  ? 7.729   4.842   3.938   1.00 12.90 ? 1179 LEU A CG  1 
ATOM   547 C  CD1 . LEU A 1 73  ? 8.977   4.478   4.729   1.00 14.26 ? 1179 LEU A CD1 1 
ATOM   548 C  CD2 . LEU A 1 73  ? 7.664   4.071   2.644   1.00 13.19 ? 1179 LEU A CD2 1 
ATOM   549 N  N   . SER A 1 74  ? 2.894   5.549   4.805   1.00 11.03 ? 1180 SER A N   1 
ATOM   550 C  CA  . SER A 1 74  ? 1.636   5.369   5.525   1.00 11.19 ? 1180 SER A CA  1 
ATOM   551 C  C   . SER A 1 74  ? 0.844   4.240   4.864   1.00 10.60 ? 1180 SER A C   1 
ATOM   552 O  O   . SER A 1 74  ? 1.015   3.933   3.692   1.00 11.33 ? 1180 SER A O   1 
ATOM   553 C  CB  . SER A 1 74  ? 0.831   6.619   5.562   1.00 12.27 ? 1180 SER A CB  1 
ATOM   554 O  OG  . SER A 1 74  ? 0.421   7.012   4.294   1.00 14.14 ? 1180 SER A OG  1 
ATOM   555 N  N   . ALA A 1 75  ? 0.008   3.592   5.663   1.00 9.59  ? 1181 ALA A N   1 
ATOM   556 C  CA  . ALA A 1 75  ? -0.851  2.503   5.205   1.00 9.34  ? 1181 ALA A CA  1 
ATOM   557 C  C   . ALA A 1 75  ? -2.309  2.940   5.342   1.00 8.99  ? 1181 ALA A C   1 
ATOM   558 O  O   . ALA A 1 75  ? -2.760  3.399   6.400   1.00 9.28  ? 1181 ALA A O   1 
ATOM   559 C  CB  . ALA A 1 75  ? -0.604  1.257   6.007   1.00 9.43  ? 1181 ALA A CB  1 
ATOM   560 N  N   . TRP A 1 76  ? -3.056  2.856   4.247   1.00 7.43  ? 1182 TRP A N   1 
ATOM   561 C  CA  . TRP A 1 76  ? -4.452  3.212   4.157   1.00 7.92  ? 1182 TRP A CA  1 
ATOM   562 C  C   . TRP A 1 76  ? -5.308  2.009   3.966   1.00 7.46  ? 1182 TRP A C   1 
ATOM   563 O  O   . TRP A 1 76  ? -4.991  1.121   3.168   1.00 7.87  ? 1182 TRP A O   1 
ATOM   564 C  CB  . TRP A 1 76  ? -4.680  4.159   2.922   1.00 8.60  ? 1182 TRP A CB  1 
ATOM   565 C  CG  . TRP A 1 76  ? -6.089  4.610   2.669   1.00 9.22  ? 1182 TRP A CG  1 
ATOM   566 C  CD1 . TRP A 1 76  ? -6.979  4.102   1.755   1.00 9.85  ? 1182 TRP A CD1 1 
ATOM   567 C  CD2 . TRP A 1 76  ? -6.788  5.648   3.374   1.00 9.62  ? 1182 TRP A CD2 1 
ATOM   568 N  NE1 . TRP A 1 76  ? -8.161  4.758   1.836   1.00 10.68 ? 1182 TRP A NE1 1 
ATOM   569 C  CE2 . TRP A 1 76  ? -8.080  5.724   2.807   1.00 9.88  ? 1182 TRP A CE2 1 
ATOM   570 C  CE3 . TRP A 1 76  ? -6.447  6.530   4.407   1.00 9.93  ? 1182 TRP A CE3 1 
ATOM   571 C  CZ2 . TRP A 1 76  ? -9.036  6.681   3.230   1.00 10.52 ? 1182 TRP A CZ2 1 
ATOM   572 C  CZ3 . TRP A 1 76  ? -7.416  7.443   4.842   1.00 10.52 ? 1182 TRP A CZ3 1 
ATOM   573 C  CH2 . TRP A 1 76  ? -8.694  7.497   4.251   1.00 10.91 ? 1182 TRP A CH2 1 
ATOM   574 N  N   . CYS A 1 77  ? -6.386  1.932   4.751   1.00 7.50  ? 1183 CYS A N   1 
ATOM   575 C  CA  . CYS A 1 77  ? -7.416  0.928   4.561   1.00 7.64  ? 1183 CYS A CA  1 
ATOM   576 C  C   . CYS A 1 77  ? -8.613  1.535   3.835   1.00 7.70  ? 1183 CYS A C   1 
ATOM   577 O  O   . CYS A 1 77  ? -9.250  2.459   4.353   1.00 7.75  ? 1183 CYS A O   1 
ATOM   578 C  CB  . CYS A 1 77  ? -7.878  0.364   5.898   1.00 7.93  ? 1183 CYS A CB  1 
ATOM   579 S  SG  . CYS A 1 77  ? -9.134  -0.931  5.656   1.00 7.45  ? 1183 CYS A SG  1 
ATOM   580 N  N   . TYR A 1 78  ? -8.958  1.007   2.701   1.00 7.80  ? 1184 TYR A N   1 
ATOM   581 C  CA  . TYR A 1 78  ? -10.072 1.529   1.933   1.00 8.61  ? 1184 TYR A CA  1 
ATOM   582 C  C   . TYR A 1 78  ? -11.424 1.254   2.580   1.00 9.42  ? 1184 TYR A C   1 
ATOM   583 O  O   . TYR A 1 78  ? -12.385 1.986   2.300   1.00 11.65 ? 1184 TYR A O   1 
ATOM   584 C  CB  . TYR A 1 78  ? -10.069 0.953   0.523   1.00 8.70  ? 1184 TYR A CB  1 
ATOM   585 C  CG  . TYR A 1 78  ? -8.988  1.516   -0.375  1.00 8.42  ? 1184 TYR A CG  1 
ATOM   586 C  CD1 . TYR A 1 78  ? -9.115  2.789   -0.958  1.00 9.75  ? 1184 TYR A CD1 1 
ATOM   587 C  CD2 . TYR A 1 78  ? -7.849  0.784   -0.688  1.00 8.90  ? 1184 TYR A CD2 1 
ATOM   588 C  CE1 . TYR A 1 78  ? -8.121  3.309   -1.779  1.00 9.08  ? 1184 TYR A CE1 1 
ATOM   589 C  CE2 . TYR A 1 78  ? -6.857  1.292   -1.479  1.00 8.76  ? 1184 TYR A CE2 1 
ATOM   590 C  CZ  . TYR A 1 78  ? -6.992  2.536   -2.046  1.00 9.81  ? 1184 TYR A CZ  1 
ATOM   591 O  OH  . TYR A 1 78  ? -6.004  3.003   -2.855  1.00 9.80  ? 1184 TYR A OH  1 
ATOM   592 N  N   . TYR A 1 79  ? -11.552 0.198   3.366   1.00 8.43  ? 1185 TYR A N   1 
ATOM   593 C  CA  . TYR A 1 79  ? -12.791 -0.131  3.991   1.00 8.86  ? 1185 TYR A CA  1 
ATOM   594 C  C   . TYR A 1 79  ? -13.037 0.776   5.182   1.00 8.95  ? 1185 TYR A C   1 
ATOM   595 O  O   . TYR A 1 79  ? -14.133 1.338   5.366   1.00 10.24 ? 1185 TYR A O   1 
ATOM   596 C  CB  . TYR A 1 79  ? -12.776 -1.566  4.474   1.00 8.70  ? 1185 TYR A CB  1 
ATOM   597 C  CG  . TYR A 1 79  ? -12.819 -2.634  3.404   1.00 9.37  ? 1185 TYR A CG  1 
ATOM   598 C  CD1 . TYR A 1 79  ? -14.024 -3.022  2.869   1.00 10.17 ? 1185 TYR A CD1 1 
ATOM   599 C  CD2 . TYR A 1 79  ? -11.679 -3.278  2.993   1.00 9.10  ? 1185 TYR A CD2 1 
ATOM   600 C  CE1 . TYR A 1 79  ? -14.078 -4.040  1.919   1.00 10.72 ? 1185 TYR A CE1 1 
ATOM   601 C  CE2 . TYR A 1 79  ? -11.724 -4.258  2.051   1.00 9.15  ? 1185 TYR A CE2 1 
ATOM   602 C  CZ  . TYR A 1 79  ? -12.931 -4.641  1.529   1.00 9.88  ? 1185 TYR A CZ  1 
ATOM   603 O  OH  . TYR A 1 79  ? -12.961 -5.670  0.612   1.00 10.74 ? 1185 TYR A OH  1 
ATOM   604 N  N   . CYS A 1 80  ? -12.016 0.877   6.064   1.00 9.48  ? 1186 CYS A N   1 
ATOM   605 C  CA  . CYS A 1 80  ? -12.112 1.718   7.271   1.00 10.07 ? 1186 CYS A CA  1 
ATOM   606 C  C   . CYS A 1 80  ? -11.972 3.190   6.958   1.00 10.96 ? 1186 CYS A C   1 
ATOM   607 O  O   . CYS A 1 80  ? -12.312 4.034   7.828   1.00 11.55 ? 1186 CYS A O   1 
ATOM   608 C  CB  . CYS A 1 80  ? -11.027 1.293   8.258   1.00 9.92  ? 1186 CYS A CB  1 
ATOM   609 S  SG  . CYS A 1 80  ? -11.221 -0.411  8.893   1.00 9.52  ? 1186 CYS A SG  1 
ATOM   610 N  N   A GLN A 1 81  ? -11.488 3.527   5.774   0.50 11.03 ? 1187 GLN A N   1 
ATOM   611 N  N   B GLN A 1 81  ? -11.499 3.509   5.762   0.50 11.09 ? 1187 GLN A N   1 
ATOM   612 C  CA  A GLN A 1 81  ? -11.337 4.928   5.334   0.50 11.97 ? 1187 GLN A CA  1 
ATOM   613 C  CA  B GLN A 1 81  ? -11.283 4.890   5.297   0.50 12.06 ? 1187 GLN A CA  1 
ATOM   614 C  C   A GLN A 1 81  ? -10.451 5.676   6.322   0.50 11.67 ? 1187 GLN A C   1 
ATOM   615 C  C   B GLN A 1 81  ? -10.455 5.659   6.311   0.50 11.70 ? 1187 GLN A C   1 
ATOM   616 O  O   A GLN A 1 81  ? -10.784 6.769   6.805   0.50 12.55 ? 1187 GLN A O   1 
ATOM   617 O  O   B GLN A 1 81  ? -10.826 6.740   6.794   0.50 12.62 ? 1187 GLN A O   1 
ATOM   618 C  CB  A GLN A 1 81  ? -12.697 5.609   5.161   0.50 13.33 ? 1187 GLN A CB  1 
ATOM   619 C  CB  B GLN A 1 81  ? -12.585 5.596   4.935   0.50 13.50 ? 1187 GLN A CB  1 
ATOM   620 C  CG  A GLN A 1 81  ? -13.667 4.782   4.344   0.50 14.73 ? 1187 GLN A CG  1 
ATOM   621 C  CG  B GLN A 1 81  ? -13.199 5.044   3.665   0.50 14.93 ? 1187 GLN A CG  1 
ATOM   622 C  CD  A GLN A 1 81  ? -14.957 5.526   3.960   0.50 17.51 ? 1187 GLN A CD  1 
ATOM   623 C  CD  B GLN A 1 81  ? -13.471 6.101   2.579   0.50 17.04 ? 1187 GLN A CD  1 
ATOM   624 O  OE1 A GLN A 1 81  ? -16.052 5.102   4.326   0.50 21.34 ? 1187 GLN A OE1 1 
ATOM   625 O  OE1 B GLN A 1 81  ? -12.819 7.135   2.495   0.50 18.61 ? 1187 GLN A OE1 1 
ATOM   626 N  NE2 A GLN A 1 81  ? -14.822 6.629   3.238   0.50 18.08 ? 1187 GLN A NE2 1 
ATOM   627 N  NE2 B GLN A 1 81  ? -14.414 5.802   1.708   0.50 19.92 ? 1187 GLN A NE2 1 
ATOM   628 N  N   . ALA A 1 82  ? -9.304  5.071   6.614   1.00 10.98 ? 1188 ALA A N   1 
ATOM   629 C  CA  . ALA A 1 82  ? -8.381  5.591   7.599   1.00 10.47 ? 1188 ALA A CA  1 
ATOM   630 C  C   . ALA A 1 82  ? -6.984  5.055   7.397   1.00 9.91  ? 1188 ALA A C   1 
ATOM   631 O  O   . ALA A 1 82  ? -6.820  3.950   6.839   1.00 9.26  ? 1188 ALA A O   1 
ATOM   632 C  CB  . ALA A 1 82  ? -8.842  5.215   8.991   1.00 11.16 ? 1188 ALA A CB  1 
ATOM   633 N  N   . TYR A 1 83  ? -6.002  5.793   7.921   1.00 10.34 ? 1189 TYR A N   1 
ATOM   634 C  CA  . TYR A 1 83  ? -4.678  5.277   8.075   1.00 10.35 ? 1189 TYR A CA  1 
ATOM   635 C  C   . TYR A 1 83  ? -4.583  4.372   9.266   1.00 9.96  ? 1189 TYR A C   1 
ATOM   636 O  O   . TYR A 1 83  ? -5.291  4.583   10.296  1.00 10.07 ? 1189 TYR A O   1 
ATOM   637 C  CB  . TYR A 1 83  ? -3.660  6.413   8.185   1.00 10.80 ? 1189 TYR A CB  1 
ATOM   638 C  CG  . TYR A 1 83  ? -3.547  7.200   6.925   1.00 12.87 ? 1189 TYR A CG  1 
ATOM   639 C  CD1 . TYR A 1 83  ? -2.832  6.686   5.851   1.00 12.64 ? 1189 TYR A CD1 1 
ATOM   640 C  CD2 . TYR A 1 83  ? -4.156  8.436   6.805   1.00 15.47 ? 1189 TYR A CD2 1 
ATOM   641 C  CE1 . TYR A 1 83  ? -2.734  7.411   4.663   1.00 15.19 ? 1189 TYR A CE1 1 
ATOM   642 C  CE2 . TYR A 1 83  ? -4.080  9.140   5.603   1.00 16.68 ? 1189 TYR A CE2 1 
ATOM   643 C  CZ  . TYR A 1 83  ? -3.369  8.604   4.571   1.00 17.17 ? 1189 TYR A CZ  1 
ATOM   644 O  OH  . TYR A 1 83  ? -3.260  9.321   3.385   1.00 22.59 ? 1189 TYR A OH  1 
ATOM   645 N  N   . VAL A 1 84  ? -3.775  3.327   9.135   1.00 9.57  ? 1190 VAL A N   1 
ATOM   646 C  CA  . VAL A 1 84  ? -3.632  2.289   10.175  1.00 9.42  ? 1190 VAL A CA  1 
ATOM   647 C  C   . VAL A 1 84  ? -2.147  2.058   10.421  1.00 10.55 ? 1190 VAL A C   1 
ATOM   648 O  O   . VAL A 1 84  ? -1.340  2.039   9.466   1.00 9.76  ? 1190 VAL A O   1 
ATOM   649 C  CB  . VAL A 1 84  ? -4.290  0.983   9.726   1.00 9.74  ? 1190 VAL A CB  1 
ATOM   650 C  CG1 . VAL A 1 84  ? -4.154  -0.070  10.801  1.00 10.17 ? 1190 VAL A CG1 1 
ATOM   651 C  CG2 . VAL A 1 84  ? -5.724  1.203   9.267   1.00 10.46 ? 1190 VAL A CG2 1 
ATOM   652 N  N   . HIS A 1 85  ? -1.739  1.890   11.667  1.00 10.68 ? 1191 HIS A N   1 
ATOM   653 C  CA  . HIS A 1 85  ? -0.398  1.458   11.966  1.00 11.11 ? 1191 HIS A CA  1 
ATOM   654 C  C   . HIS A 1 85  ? -0.443  0.392   13.027  1.00 11.14 ? 1191 HIS A C   1 
ATOM   655 O  O   . HIS A 1 85  ? -1.191  0.576   14.005  1.00 11.90 ? 1191 HIS A O   1 
ATOM   656 C  CB  . HIS A 1 85  ? 0.545   2.611   12.393  1.00 11.75 ? 1191 HIS A CB  1 
ATOM   657 C  CG  . HIS A 1 85  ? 1.923   2.103   12.639  1.00 12.43 ? 1191 HIS A CG  1 
ATOM   658 N  ND1 . HIS A 1 85  ? 2.773   1.754   11.617  1.00 12.14 ? 1191 HIS A ND1 1 
ATOM   659 C  CD2 . HIS A 1 85  ? 2.533   1.702   13.770  1.00 12.98 ? 1191 HIS A CD2 1 
ATOM   660 C  CE1 . HIS A 1 85  ? 3.826   1.132   12.097  1.00 12.90 ? 1191 HIS A CE1 1 
ATOM   661 N  NE2 . HIS A 1 85  ? 3.722   1.124   13.418  1.00 13.68 ? 1191 HIS A NE2 1 
ATOM   662 N  N   . HIS A 1 86  ? 0.278   -0.702  12.814  1.00 11.28 ? 1192 HIS A N   1 
ATOM   663 C  CA  . HIS A 1 86  ? 0.292   -1.816  13.752  1.00 13.26 ? 1192 HIS A CA  1 
ATOM   664 C  C   . HIS A 1 86  ? 1.561   -2.567  13.570  1.00 15.63 ? 1192 HIS A C   1 
ATOM   665 O  O   . HIS A 1 86  ? 2.203   -2.455  12.540  1.00 14.41 ? 1192 HIS A O   1 
ATOM   666 C  CB  . HIS A 1 86  ? -0.955  -2.664  13.459  1.00 12.33 ? 1192 HIS A CB  1 
ATOM   667 C  CG  . HIS A 1 86  ? -1.160  -3.816  14.377  1.00 14.17 ? 1192 HIS A CG  1 
ATOM   668 N  ND1 . HIS A 1 86  ? -0.565  -5.045  14.157  1.00 16.01 ? 1192 HIS A ND1 1 
ATOM   669 C  CD2 . HIS A 1 86  ? -1.946  -3.951  15.469  1.00 16.29 ? 1192 HIS A CD2 1 
ATOM   670 C  CE1 . HIS A 1 86  ? -0.950  -5.878  15.114  1.00 17.50 ? 1192 HIS A CE1 1 
ATOM   671 N  NE2 . HIS A 1 86  ? -1.793  -5.247  15.911  1.00 18.21 ? 1192 HIS A NE2 1 
ATOM   672 N  N   . GLN A 1 87  ? 1.948   -3.411  14.526  1.00 18.37 ? 1193 GLN A N   1 
ATOM   673 C  CA  . GLN A 1 87  ? 3.138   -4.250  14.320  1.00 19.40 ? 1193 GLN A CA  1 
ATOM   674 C  C   . GLN A 1 87  ? 3.097   -5.169  13.112  1.00 18.83 ? 1193 GLN A C   1 
ATOM   675 O  O   . GLN A 1 87  ? 4.149   -5.456  12.523  1.00 21.21 ? 1193 GLN A O   1 
ATOM   676 C  CB  . GLN A 1 87  ? 3.402   -5.093  15.595  1.00 23.40 ? 1193 GLN A CB  1 
ATOM   677 C  CG  . GLN A 1 87  ? 3.679   -4.246  16.838  1.00 25.50 ? 1193 GLN A CG  1 
ATOM   678 C  CD  . GLN A 1 87  ? 4.490   -2.984  16.563  1.00 27.48 ? 1193 GLN A CD  1 
ATOM   679 O  OE1 . GLN A 1 87  ? 5.635   -3.055  16.127  1.00 30.73 ? 1193 GLN A OE1 1 
ATOM   680 N  NE2 . GLN A 1 87  ? 3.888   -1.816  16.811  1.00 31.55 ? 1193 GLN A NE2 1 
ATOM   681 N  N   . ALA A 1 88  ? 1.928   -5.584  12.645  1.00 16.56 ? 1194 ALA A N   1 
ATOM   682 C  CA  . ALA A 1 88  ? 1.836   -6.430  11.468  1.00 17.00 ? 1194 ALA A CA  1 
ATOM   683 C  C   . ALA A 1 88  ? 2.352   -5.670  10.245  1.00 16.98 ? 1194 ALA A C   1 
ATOM   684 O  O   . ALA A 1 88  ? 2.560   -6.286  9.214   1.00 19.33 ? 1194 ALA A O   1 
ATOM   685 C  CB  . ALA A 1 88  ? 0.393   -6.851  11.233  1.00 17.55 ? 1194 ALA A CB  1 
ATOM   686 N  N   . LEU A 1 89  ? 2.437   -4.331  10.340  1.00 14.87 ? 1195 LEU A N   1 
ATOM   687 C  CA  . LEU A 1 89  ? 2.940   -3.509  9.228   1.00 14.00 ? 1195 LEU A CA  1 
ATOM   688 C  C   . LEU A 1 89  ? 4.402   -3.065  9.344   1.00 14.41 ? 1195 LEU A C   1 
ATOM   689 O  O   . LEU A 1 89  ? 4.939   -2.400  8.424   1.00 12.96 ? 1195 LEU A O   1 
ATOM   690 C  CB  . LEU A 1 89  ? 2.049   -2.251  9.092   1.00 13.30 ? 1195 LEU A CB  1 
ATOM   691 C  CG  . LEU A 1 89  ? 0.548   -2.480  8.945   1.00 13.00 ? 1195 LEU A CG  1 
ATOM   692 C  CD1 . LEU A 1 89  ? -0.280  -1.208  8.752   1.00 12.87 ? 1195 LEU A CD1 1 
ATOM   693 C  CD2 . LEU A 1 89  ? 0.308   -3.476  7.835   1.00 14.86 ? 1195 LEU A CD2 1 
ATOM   694 N  N   . LEU A 1 90  ? 5.054   -3.301  10.496  1.00 14.14 ? 1196 LEU A N   1 
ATOM   695 C  CA  . LEU A 1 90  ? 6.397   -2.792  10.733  1.00 15.02 ? 1196 LEU A CA  1 
ATOM   696 C  C   . LEU A 1 90  ? 7.379   -3.363  9.718   1.00 15.82 ? 1196 LEU A C   1 
ATOM   697 O  O   . LEU A 1 90  ? 8.190   -2.613  9.176   1.00 14.90 ? 1196 LEU A O   1 
ATOM   698 C  CB  . LEU A 1 90  ? 6.899   -3.166  12.144  1.00 16.20 ? 1196 LEU A CB  1 
ATOM   699 N  N   . ASP A 1 91  ? 7.325   -4.664  9.408   1.00 17.01 ? 1197 ASP A N   1 
ATOM   700 C  CA  . ASP A 1 91  ? 8.361   -5.229  8.530   1.00 18.78 ? 1197 ASP A CA  1 
ATOM   701 C  C   . ASP A 1 91  ? 8.285   -4.618  7.114   1.00 15.62 ? 1197 ASP A C   1 
ATOM   702 O  O   . ASP A 1 91  ? 9.290   -4.250  6.511   1.00 16.26 ? 1197 ASP A O   1 
ATOM   703 C  CB  . ASP A 1 91  ? 8.290   -6.755  8.444   1.00 20.50 ? 1197 ASP A CB  1 
ATOM   704 C  CG  . ASP A 1 91  ? 8.757   -7.461  9.733   1.00 23.53 ? 1197 ASP A CG  1 
ATOM   705 O  OD1 . ASP A 1 91  ? 9.444   -6.854  10.571  1.00 24.04 ? 1197 ASP A OD1 1 
ATOM   706 O  OD2 . ASP A 1 91  ? 8.430   -8.654  9.880   1.00 27.07 ? 1197 ASP A OD2 1 
ATOM   707 N  N   . VAL A 1 92  ? 7.061   -4.530  6.591   1.00 14.14 ? 1198 VAL A N   1 
ATOM   708 C  CA  . VAL A 1 92  ? 6.868   -4.050  5.234   1.00 13.44 ? 1198 VAL A CA  1 
ATOM   709 C  C   . VAL A 1 92  ? 7.240   -2.560  5.188   1.00 11.83 ? 1198 VAL A C   1 
ATOM   710 O  O   . VAL A 1 92  ? 7.866   -2.087  4.222   1.00 12.18 ? 1198 VAL A O   1 
ATOM   711 C  CB  . VAL A 1 92  ? 5.482   -4.360  4.676   1.00 14.81 ? 1198 VAL A CB  1 
ATOM   712 C  CG1 . VAL A 1 92  ? 4.377   -3.548  5.363   1.00 14.49 ? 1198 VAL A CG1 1 
ATOM   713 C  CG2 . VAL A 1 92  ? 5.465   -4.139  3.216   1.00 15.83 ? 1198 VAL A CG2 1 
ATOM   714 N  N   . LYS A 1 93  ? 6.855   -1.769  6.195   1.00 11.15 ? 1199 LYS A N   1 
ATOM   715 C  CA  . LYS A 1 93  ? 7.273   -0.371  6.232   1.00 10.55 ? 1199 LYS A CA  1 
ATOM   716 C  C   . LYS A 1 93  ? 8.798   -0.225  6.262   1.00 11.23 ? 1199 LYS A C   1 
ATOM   717 O  O   . LYS A 1 93  ? 9.392   0.656   5.602   1.00 11.22 ? 1199 LYS A O   1 
ATOM   718 C  CB  . LYS A 1 93  ? 6.625   0.392   7.413   1.00 10.74 ? 1199 LYS A CB  1 
ATOM   719 C  CG  . LYS A 1 93  ? 5.134   0.656   7.197   1.00 10.39 ? 1199 LYS A CG  1 
ATOM   720 C  CD  . LYS A 1 93  ? 4.551   1.547   8.244   1.00 10.16 ? 1199 LYS A CD  1 
ATOM   721 C  CE  . LYS A 1 93  ? 3.086   1.835   7.982   1.00 10.49 ? 1199 LYS A CE  1 
ATOM   722 N  NZ  . LYS A 1 93  ? 2.568   2.856   8.942   1.00 10.58 ? 1199 LYS A NZ  1 
ATOM   723 N  N   . ASN A 1 94  ? 9.418   -1.043  7.119   1.00 11.67 ? 1200 ASN A N   1 
ATOM   724 C  CA  . ASN A 1 94  ? 10.859  -0.991  7.219   1.00 12.37 ? 1200 ASN A CA  1 
ATOM   725 C  C   . ASN A 1 94  ? 11.561  -1.396  5.914   1.00 11.80 ? 1200 ASN A C   1 
ATOM   726 O  O   . ASN A 1 94  ? 12.576  -0.779  5.560   1.00 12.99 ? 1200 ASN A O   1 
ATOM   727 C  CB  . ASN A 1 94  ? 11.340  -1.866  8.384   1.00 13.92 ? 1200 ASN A CB  1 
ATOM   728 C  CG  . ASN A 1 94  ? 11.082  -1.260  9.739   1.00 15.39 ? 1200 ASN A CG  1 
ATOM   729 O  OD1 . ASN A 1 94  ? 10.912  -0.067  9.914   1.00 17.89 ? 1200 ASN A OD1 1 
ATOM   730 N  ND2 . ASN A 1 94  ? 11.071  -2.136  10.745  1.00 20.15 ? 1200 ASN A ND2 1 
ATOM   731 N  N   . ILE A 1 95  ? 11.068  -2.397  5.207   1.00 11.83 ? 1201 ILE A N   1 
ATOM   732 C  CA  . ILE A 1 95  ? 11.663  -2.799  3.937   1.00 12.73 ? 1201 ILE A CA  1 
ATOM   733 C  C   . ILE A 1 95  ? 11.523  -1.634  2.950   1.00 12.49 ? 1201 ILE A C   1 
ATOM   734 O  O   . ILE A 1 95  ? 12.457  -1.270  2.196   1.00 12.58 ? 1201 ILE A O   1 
ATOM   735 C  CB  . ILE A 1 95  ? 11.017  -4.098  3.403   1.00 14.15 ? 1201 ILE A CB  1 
ATOM   736 C  CG1 . ILE A 1 95  ? 11.434  -5.341  4.223   1.00 17.07 ? 1201 ILE A CG1 1 
ATOM   737 C  CG2 . ILE A 1 95  ? 11.293  -4.330  1.932   1.00 16.36 ? 1201 ILE A CG2 1 
ATOM   738 N  N   . ALA A 1 96  ? 10.342  -1.045  2.886   1.00 11.53 ? 1202 ALA A N   1 
ATOM   739 C  CA  . ALA A 1 96  ? 10.155  0.140   2.014   1.00 11.20 ? 1202 ALA A CA  1 
ATOM   740 C  C   . ALA A 1 96  ? 11.050  1.293   2.406   1.00 11.36 ? 1202 ALA A C   1 
ATOM   741 O  O   . ALA A 1 96  ? 11.634  1.952   1.546   1.00 12.14 ? 1202 ALA A O   1 
ATOM   742 C  CB  . ALA A 1 96  ? 8.692   0.567   2.049   1.00 10.66 ? 1202 ALA A CB  1 
ATOM   743 N  N   . HIS A 1 97  ? 11.202  1.555   3.709   1.00 11.53 ? 1203 HIS A N   1 
ATOM   744 C  CA  . HIS A 1 97  ? 12.049  2.650   4.185   1.00 13.07 ? 1203 HIS A CA  1 
ATOM   745 C  C   . HIS A 1 97  ? 13.500  2.406   3.747   1.00 13.22 ? 1203 HIS A C   1 
ATOM   746 O  O   . HIS A 1 97  ? 14.174  3.346   3.233   1.00 12.80 ? 1203 HIS A O   1 
ATOM   747 C  CB  . HIS A 1 97  ? 11.980  2.773   5.725   1.00 14.73 ? 1203 HIS A CB  1 
ATOM   748 C  CG  . HIS A 1 97  ? 12.624  3.998   6.274   1.00 16.24 ? 1203 HIS A CG  1 
ATOM   749 N  ND1 . HIS A 1 97  ? 13.994  4.126   6.404   1.00 18.70 ? 1203 HIS A ND1 1 
ATOM   750 C  CD2 . HIS A 1 97  ? 12.088  5.131   6.780   1.00 18.99 ? 1203 HIS A CD2 1 
ATOM   751 C  CE1 . HIS A 1 97  ? 14.274  5.301   6.916   1.00 19.35 ? 1203 HIS A CE1 1 
ATOM   752 N  NE2 . HIS A 1 97  ? 13.142  5.940   7.150   1.00 22.26 ? 1203 HIS A NE2 1 
ATOM   753 N  N   . GLN A 1 98  ? 13.970  1.170   3.874   1.00 14.04 ? 1204 GLN A N   1 
ATOM   754 C  CA  . GLN A 1 98  ? 15.379  0.840   3.498   1.00 14.79 ? 1204 GLN A CA  1 
ATOM   755 C  C   . GLN A 1 98  ? 15.561  1.025   1.981   1.00 15.72 ? 1204 GLN A C   1 
ATOM   756 O  O   . GLN A 1 98  ? 16.607  1.496   1.550   1.00 16.25 ? 1204 GLN A O   1 
ATOM   757 C  CB  . GLN A 1 98  ? 15.733  -0.571  3.854   1.00 16.63 ? 1204 GLN A CB  1 
ATOM   758 C  CG  . GLN A 1 98  ? 15.848  -0.776  5.357   1.00 19.60 ? 1204 GLN A CG  1 
ATOM   759 N  N   . ASN A 1 99  ? 14.552  0.634   1.183   1.00 13.41 ? 1205 ASN A N   1 
ATOM   760 C  CA  . ASN A 1 99  ? 14.657  0.754   -0.274  1.00 13.52 ? 1205 ASN A CA  1 
ATOM   761 C  C   . ASN A 1 99  ? 14.597  2.200   -0.710  1.00 13.93 ? 1205 ASN A C   1 
ATOM   762 O  O   . ASN A 1 99  ? 15.333  2.615   -1.637  1.00 13.69 ? 1205 ASN A O   1 
ATOM   763 C  CB  . ASN A 1 99  ? 13.584  -0.080  -0.982  1.00 13.66 ? 1205 ASN A CB  1 
ATOM   764 C  CG  . ASN A 1 99  ? 13.730  -0.065  -2.496  1.00 14.60 ? 1205 ASN A CG  1 
ATOM   765 O  OD1 . ASN A 1 99  ? 12.953  0.579   -3.209  1.00 14.89 ? 1205 ASN A OD1 1 
ATOM   766 N  ND2 . ASN A 1 99  ? 14.768  -0.742  -2.998  1.00 15.53 ? 1205 ASN A ND2 1 
ATOM   767 N  N   . LYS A 1 100 ? 13.777  2.998   -0.036  1.00 12.35 ? 1206 LYS A N   1 
ATOM   768 C  CA  . LYS A 1 100 ? 13.590  4.408   -0.379  1.00 13.39 ? 1206 LYS A CA  1 
ATOM   769 C  C   . LYS A 1 100 ? 14.762  5.275   0.014   1.00 14.67 ? 1206 LYS A C   1 
ATOM   770 O  O   . LYS A 1 100 ? 15.242  6.089   -0.787  1.00 14.42 ? 1206 LYS A O   1 
ATOM   771 C  CB  . LYS A 1 100 ? 12.309  4.953   0.260   1.00 13.04 ? 1206 LYS A CB  1 
ATOM   772 C  CG  . LYS A 1 100 ? 11.907  6.358   -0.157  1.00 11.99 ? 1206 LYS A CG  1 
ATOM   773 C  CD  . LYS A 1 100 ? 10.492  6.768   0.249   1.00 12.02 ? 1206 LYS A CD  1 
ATOM   774 C  CE  . LYS A 1 100 ? 10.119  8.173   -0.185  1.00 12.13 ? 1206 LYS A CE  1 
ATOM   775 N  NZ  . LYS A 1 100 ? 9.658   8.226   -1.592  1.00 12.85 ? 1206 LYS A NZ  1 
ATOM   776 N  N   . PHE A 1 101 ? 15.238  5.095   1.243   1.00 16.49 ? 1207 PHE A N   1 
ATOM   777 C  CA  . PHE A 1 101 ? 16.178  6.037   1.853   1.00 17.73 ? 1207 PHE A CA  1 
ATOM   778 C  C   . PHE A 1 101 ? 17.562  5.423   1.948   1.00 23.03 ? 1207 PHE A C   1 
ATOM   779 O  O   . PHE A 1 101 ? 18.530  6.196   2.162   1.00 25.71 ? 1207 PHE A O   1 
ATOM   780 C  CB  . PHE A 1 101 ? 15.658  6.502   3.226   1.00 17.62 ? 1207 PHE A CB  1 
ATOM   781 C  CG  . PHE A 1 101 ? 14.378  7.264   3.168   1.00 16.50 ? 1207 PHE A CG  1 
ATOM   782 C  CD1 . PHE A 1 101 ? 14.315  8.511   2.556   1.00 16.99 ? 1207 PHE A CD1 1 
ATOM   783 C  CD2 . PHE A 1 101 ? 13.189  6.728   3.685   1.00 17.37 ? 1207 PHE A CD2 1 
ATOM   784 C  CE1 . PHE A 1 101 ? 13.103  9.216   2.491   1.00 16.81 ? 1207 PHE A CE1 1 
ATOM   785 C  CE2 . PHE A 1 101 ? 11.985  7.430   3.629   1.00 17.78 ? 1207 PHE A CE2 1 
ATOM   786 C  CZ  . PHE A 1 101 ? 11.931  8.670   3.027   1.00 18.33 ? 1207 PHE A CZ  1 
HETATM 787 ZN ZN  . ZN  B 2 .   ? -4.048  -6.308  -4.221  1.00 10.45 ? 1301 ZN  A ZN  1 
HETATM 788 ZN ZN  . ZN  C 2 .   ? -2.073  4.676   -12.684 1.00 11.21 ? 1302 ZN  A ZN  1 
HETATM 789 ZN ZN  . ZN  D 2 .   ? -9.640  -1.729  7.786   1.00 9.56  ? 1303 ZN  A ZN  1 
HETATM 790 C  C8  . EYM E 3 .   ? -10.985 8.049   -0.489  1.00 27.99 ? 1304 EYM A C8  1 
HETATM 791 C  C5  . EYM E 3 .   ? -5.455  6.265   -2.830  1.00 13.19 ? 1304 EYM A C5  1 
HETATM 792 C  C6  . EYM E 3 .   ? -8.610  7.789   -0.200  1.00 24.99 ? 1304 EYM A C6  1 
HETATM 793 N  N1  . EYM E 3 .   ? -7.444  7.115   -0.548  1.00 19.95 ? 1304 EYM A N1  1 
HETATM 794 C  C2  . EYM E 3 .   ? -6.341  7.423   0.053   1.00 19.33 ? 1304 EYM A C2  1 
HETATM 795 C  C4  . EYM E 3 .   ? -5.186  5.740   -1.447  1.00 14.82 ? 1304 EYM A C4  1 
HETATM 796 O  O2  . EYM E 3 .   ? -5.153  8.741   1.639   1.00 25.36 ? 1304 EYM A O2  1 
HETATM 797 C  C1  . EYM E 3 .   ? -6.228  8.472   1.122   1.00 21.29 ? 1304 EYM A C1  1 
HETATM 798 C  C3  . EYM E 3 .   ? -5.069  6.758   -0.365  1.00 16.61 ? 1304 EYM A C3  1 
HETATM 799 O  O1  . EYM E 3 .   ? -5.028  7.486   -3.099  1.00 13.37 ? 1304 EYM A O1  1 
HETATM 800 O  O   . EYM E 3 .   ? -5.990  5.541   -3.620  1.00 11.33 ? 1304 EYM A O   1 
HETATM 801 C  C11 . EYM E 3 .   ? -8.626  8.797   0.781   1.00 24.31 ? 1304 EYM A C11 1 
HETATM 802 N  N   . EYM E 3 .   ? -7.402  9.121   1.417   1.00 25.77 ? 1304 EYM A N   1 
HETATM 803 C  C   . EYM E 3 .   ? -7.322  10.250  2.349   1.00 28.98 ? 1304 EYM A C   1 
HETATM 804 C  C10 . EYM E 3 .   ? -9.831  9.416   1.117   1.00 28.62 ? 1304 EYM A C10 1 
HETATM 805 C  C9  . EYM E 3 .   ? -11.000 9.035   0.477   1.00 28.02 ? 1304 EYM A C9  1 
HETATM 806 C  C7  . EYM E 3 .   ? -9.798  7.427   -0.836  1.00 27.82 ? 1304 EYM A C7  1 
HETATM 807 X  UNK . UNX F 4 .   ? -0.521  10.745  0.753   1.00 15.77 ? 1305 UNX A UNK 1 
HETATM 808 X  UNK . UNX G 4 .   ? 4.362   5.363   -19.190 1.00 22.18 ? 1306 UNX A UNK 1 
HETATM 809 X  UNK . UNX H 4 .   ? -6.704  -5.193  -10.089 1.00 18.18 ? 1307 UNX A UNK 1 
HETATM 810 X  UNK . UNX I 4 .   ? 3.369   14.185  -7.908  1.00 19.07 ? 1308 UNX A UNK 1 
HETATM 811 O  O   . HOH J 5 .   ? 15.254  -7.357  -4.427  1.00 22.67 ? 1401 HOH A O   1 
HETATM 812 O  O   . HOH J 5 .   ? -0.901  -1.027  16.985  1.00 18.86 ? 1402 HOH A O   1 
HETATM 813 O  O   . HOH J 5 .   ? 7.715   -7.183  -4.701  1.00 24.48 ? 1403 HOH A O   1 
HETATM 814 O  O   . HOH J 5 .   ? 15.318  -12.630 -0.943  1.00 21.06 ? 1404 HOH A O   1 
HETATM 815 O  O   . HOH J 5 .   ? -6.014  5.350   -6.272  1.00 9.68  ? 1405 HOH A O   1 
HETATM 816 O  O   . HOH J 5 .   ? -1.806  -10.554 8.233   1.00 28.62 ? 1406 HOH A O   1 
HETATM 817 O  O   . HOH J 5 .   ? 1.726   7.377   -2.442  1.00 12.62 ? 1407 HOH A O   1 
HETATM 818 O  O   . HOH J 5 .   ? 6.745   4.441   -7.369  1.00 12.68 ? 1408 HOH A O   1 
HETATM 819 O  O   . HOH J 5 .   ? -11.492 -2.266  -12.988 1.00 25.23 ? 1409 HOH A O   1 
HETATM 820 O  O   . HOH J 5 .   ? 17.675  6.919   -1.547  1.00 16.30 ? 1410 HOH A O   1 
HETATM 821 O  O   . HOH J 5 .   ? -4.125  14.031  -11.914 1.00 26.31 ? 1411 HOH A O   1 
HETATM 822 O  O   . HOH J 5 .   ? 14.886  3.159   -9.622  1.00 17.31 ? 1412 HOH A O   1 
HETATM 823 O  O   . HOH J 5 .   ? 4.046   7.560   7.508   1.00 23.29 ? 1413 HOH A O   1 
HETATM 824 O  O   . HOH J 5 .   ? 7.213   5.440   -16.093 1.00 15.79 ? 1414 HOH A O   1 
HETATM 825 O  O   . HOH J 5 .   ? 7.347   -2.846  -5.313  1.00 11.18 ? 1415 HOH A O   1 
HETATM 826 O  O   . HOH J 5 .   ? 3.809   -1.938  -11.513 1.00 12.36 ? 1416 HOH A O   1 
HETATM 827 O  O   . HOH J 5 .   ? 3.911   13.226  -5.678  1.00 23.85 ? 1417 HOH A O   1 
HETATM 828 O  O   . HOH J 5 .   ? 0.061   4.146   8.475   1.00 11.18 ? 1418 HOH A O   1 
HETATM 829 O  O   . HOH J 5 .   ? -8.055  -11.735 -3.234  1.00 25.95 ? 1419 HOH A O   1 
HETATM 830 O  O   . HOH J 5 .   ? 0.346   -10.131 -7.438  1.00 17.75 ? 1420 HOH A O   1 
HETATM 831 O  O   . HOH J 5 .   ? -16.465 0.397   4.329   1.00 32.53 ? 1421 HOH A O   1 
HETATM 832 O  O   . HOH J 5 .   ? -10.324 5.087   -9.527  1.00 21.48 ? 1422 HOH A O   1 
HETATM 833 O  O   . HOH J 5 .   ? 2.173   -8.972  8.972   1.00 30.76 ? 1423 HOH A O   1 
HETATM 834 O  O   . HOH J 5 .   ? 5.823   -6.754  10.807  1.00 22.34 ? 1424 HOH A O   1 
HETATM 835 O  O   . HOH J 5 .   ? -8.458  9.438   -9.570  1.00 29.23 ? 1425 HOH A O   1 
HETATM 836 O  O   . HOH J 5 .   ? 1.013   -12.183 6.450   1.00 21.50 ? 1426 HOH A O   1 
HETATM 837 O  O   . HOH J 5 .   ? -12.907 1.506   -5.625  1.00 22.64 ? 1427 HOH A O   1 
HETATM 838 O  O   . HOH J 5 .   ? 14.794  3.688   -4.116  1.00 14.29 ? 1428 HOH A O   1 
HETATM 839 O  O   . HOH J 5 .   ? -0.483  9.132   -2.614  1.00 18.65 ? 1429 HOH A O   1 
HETATM 840 O  O   . HOH J 5 .   ? -4.269  -5.364  1.746   1.00 10.90 ? 1430 HOH A O   1 
HETATM 841 O  O   . HOH J 5 .   ? -0.274  9.697   5.375   1.00 23.67 ? 1431 HOH A O   1 
HETATM 842 O  O   . HOH J 5 .   ? 3.554   5.450   9.096   1.00 16.23 ? 1432 HOH A O   1 
HETATM 843 O  O   . HOH J 5 .   ? -2.737  10.474  -4.884  1.00 13.56 ? 1433 HOH A O   1 
HETATM 844 O  O   . HOH J 5 .   ? 4.545   -5.789  -8.252  1.00 23.41 ? 1434 HOH A O   1 
HETATM 845 O  O   . HOH J 5 .   ? -6.873  -13.334 5.863   1.00 22.40 ? 1435 HOH A O   1 
HETATM 846 O  O   . HOH J 5 .   ? 8.580   10.750  -2.164  1.00 21.24 ? 1436 HOH A O   1 
HETATM 847 O  O   . HOH J 5 .   ? 11.653  -5.168  10.199  1.00 26.02 ? 1437 HOH A O   1 
HETATM 848 O  O   . HOH J 5 .   ? 9.379   6.607   -5.832  1.00 13.24 ? 1438 HOH A O   1 
HETATM 849 O  O   . HOH J 5 .   ? 8.694   6.914   -8.541  1.00 13.71 ? 1439 HOH A O   1 
HETATM 850 O  O   . HOH J 5 .   ? 4.784   -6.260  7.500   1.00 16.53 ? 1440 HOH A O   1 
HETATM 851 O  O   . HOH J 5 .   ? 8.482   -14.289 1.246   1.00 26.21 ? 1441 HOH A O   1 
HETATM 852 O  O   . HOH J 5 .   ? -7.435  12.733  -9.881  1.00 22.92 ? 1442 HOH A O   1 
HETATM 853 O  O   . HOH J 5 .   ? -13.966 -6.843  -6.060  1.00 12.21 ? 1443 HOH A O   1 
HETATM 854 O  O   . HOH J 5 .   ? 5.882   -5.184  -4.953  1.00 14.48 ? 1444 HOH A O   1 
HETATM 855 O  O   . HOH J 5 .   ? -0.586  5.940   -19.415 1.00 22.71 ? 1445 HOH A O   1 
HETATM 856 O  O   . HOH J 5 .   ? 14.075  1.584   -5.602  1.00 27.98 ? 1446 HOH A O   1 
HETATM 857 O  O   . HOH J 5 .   ? 13.736  -3.383  -4.998  1.00 27.94 ? 1447 HOH A O   1 
HETATM 858 O  O   . HOH J 5 .   ? 8.727   -14.644 -1.480  1.00 20.40 ? 1448 HOH A O   1 
HETATM 859 O  O   . HOH J 5 .   ? -10.724 -9.364  -1.253  1.00 18.63 ? 1449 HOH A O   1 
HETATM 860 O  O   . HOH J 5 .   ? 14.503  -2.947  1.108   1.00 17.00 ? 1450 HOH A O   1 
HETATM 861 O  O   . HOH J 5 .   ? -15.685 3.102   6.999   1.00 34.14 ? 1451 HOH A O   1 
HETATM 862 O  O   . HOH J 5 .   ? 0.770   -3.007  17.106  1.00 20.30 ? 1452 HOH A O   1 
HETATM 863 O  O   . HOH J 5 .   ? -14.733 -5.785  5.259   1.00 24.18 ? 1453 HOH A O   1 
HETATM 864 O  O   . HOH J 5 .   ? -11.085 -8.521  7.100   1.00 13.59 ? 1454 HOH A O   1 
HETATM 865 O  O   . HOH J 5 .   ? -7.273  -7.617  11.613  1.00 14.35 ? 1455 HOH A O   1 
HETATM 866 O  O   . HOH J 5 .   ? 3.779   -8.514  5.626   1.00 30.29 ? 1456 HOH A O   1 
HETATM 867 O  O   . HOH J 5 .   ? 0.037   -4.673  -12.232 1.00 22.51 ? 1457 HOH A O   1 
HETATM 868 O  O   . HOH J 5 .   ? -10.272 -8.518  -10.499 1.00 32.39 ? 1458 HOH A O   1 
HETATM 869 O  O   . HOH J 5 .   ? 2.028   -3.811  -10.357 1.00 14.81 ? 1459 HOH A O   1 
HETATM 870 O  O   . HOH J 5 .   ? 13.361  -4.509  -0.881  1.00 23.33 ? 1460 HOH A O   1 
HETATM 871 O  O   . HOH J 5 .   ? -6.893  8.269   9.239   1.00 20.65 ? 1461 HOH A O   1 
HETATM 872 O  O   . HOH J 5 .   ? 5.136   11.092  -6.400  1.00 21.41 ? 1462 HOH A O   1 
HETATM 873 O  O   . HOH J 5 .   ? 16.397  -2.101  -0.949  1.00 27.86 ? 1463 HOH A O   1 
HETATM 874 O  O   . HOH J 5 .   ? -9.651  -9.151  11.875  1.00 21.58 ? 1464 HOH A O   1 
HETATM 875 O  O   . HOH J 5 .   ? 5.432   6.981   -6.531  1.00 12.65 ? 1465 HOH A O   1 
HETATM 876 O  O   . HOH J 5 .   ? 18.146  1.835   -2.169  1.00 34.33 ? 1466 HOH A O   1 
HETATM 877 O  O   . HOH J 5 .   ? 11.760  -8.903  1.536   1.00 29.32 ? 1467 HOH A O   1 
HETATM 878 O  O   . HOH J 5 .   ? 11.702  1.073   -10.933 1.00 25.42 ? 1468 HOH A O   1 
HETATM 879 O  O   . HOH J 5 .   ? 5.593   11.986  -14.188 1.00 26.23 ? 1469 HOH A O   1 
HETATM 880 O  O   . HOH J 5 .   ? 7.392   7.831   -4.477  1.00 20.83 ? 1470 HOH A O   1 
HETATM 881 O  O   . HOH J 5 .   ? -3.753  12.517  -14.056 1.00 29.37 ? 1471 HOH A O   1 
HETATM 882 O  O   . HOH J 5 .   ? -11.366 4.711   1.200   1.00 30.56 ? 1472 HOH A O   1 
HETATM 883 O  O   . HOH J 5 .   ? 5.322   9.399   -15.041 1.00 15.30 ? 1473 HOH A O   1 
HETATM 884 O  O   . HOH J 5 .   ? 6.548   -10.956 5.725   1.00 30.59 ? 1474 HOH A O   1 
HETATM 885 O  O   . HOH J 5 .   ? 15.047  -1.698  -6.182  1.00 36.30 ? 1475 HOH A O   1 
HETATM 886 O  O   . HOH J 5 .   ? -15.989 -1.420  6.214   1.00 25.58 ? 1476 HOH A O   1 
HETATM 887 O  O   . HOH J 5 .   ? -4.720  6.318   -17.148 1.00 24.99 ? 1477 HOH A O   1 
HETATM 888 O  O   . HOH J 5 .   ? 16.003  1.844   -7.744  1.00 22.25 ? 1478 HOH A O   1 
HETATM 889 O  O   . HOH J 5 .   ? -12.417 3.495   -8.838  1.00 34.21 ? 1479 HOH A O   1 
HETATM 890 O  O   . HOH J 5 .   ? 3.260   -6.274  -10.379 1.00 26.20 ? 1480 HOH A O   1 
HETATM 891 O  O   . HOH J 5 .   ? 13.938  -7.373  0.678   1.00 36.26 ? 1481 HOH A O   1 
HETATM 892 O  O   . HOH J 5 .   ? -14.383 -1.115  8.589   1.00 15.64 ? 1482 HOH A O   1 
HETATM 893 O  O   . HOH J 5 .   ? 4.815   -2.398  -13.939 1.00 27.50 ? 1483 HOH A O   1 
HETATM 894 O  O   . HOH J 5 .   ? -16.495 -3.945  5.470   1.00 21.26 ? 1484 HOH A O   1 
HETATM 895 O  O   . HOH J 5 .   ? -15.175 0.102   -4.825  1.00 27.49 ? 1485 HOH A O   1 
HETATM 896 O  O   . HOH J 5 .   ? -3.979  16.901  -12.043 1.00 16.87 ? 1486 HOH A O   1 
HETATM 897 O  O   . HOH J 5 .   ? -12.364 5.232   12.343  1.00 29.62 ? 1487 HOH A O   1 
# 
loop_
_pdbx_poly_seq_scheme.asym_id 
_pdbx_poly_seq_scheme.entity_id 
_pdbx_poly_seq_scheme.seq_id 
_pdbx_poly_seq_scheme.mon_id 
_pdbx_poly_seq_scheme.ndb_seq_num 
_pdbx_poly_seq_scheme.pdb_seq_num 
_pdbx_poly_seq_scheme.auth_seq_num 
_pdbx_poly_seq_scheme.pdb_mon_id 
_pdbx_poly_seq_scheme.auth_mon_id 
_pdbx_poly_seq_scheme.pdb_strand_id 
_pdbx_poly_seq_scheme.pdb_ins_code 
_pdbx_poly_seq_scheme.hetero 
A 1 1   GLY 1   1107 ?    ?   ?   A . n 
A 1 2   SER 2   1108 1108 SER SER A . n 
A 1 3   PRO 3   1109 1109 PRO PRO A . n 
A 1 4   LEU 4   1110 1110 LEU LEU A . n 
A 1 5   PRO 5   1111 1111 PRO PRO A . n 
A 1 6   TRP 6   1112 1112 TRP TRP A . n 
A 1 7   CYS 7   1113 1113 CYS CYS A . n 
A 1 8   PRO 8   1114 1114 PRO PRO A . n 
A 1 9   HIS 9   1115 1115 HIS HIS A . n 
A 1 10  LEU 10  1116 1116 LEU LEU A . n 
A 1 11  VAL 11  1117 1117 VAL VAL A . n 
A 1 12  ALA 12  1118 1118 ALA ALA A . n 
A 1 13  VAL 13  1119 1119 VAL VAL A . n 
A 1 14  CYS 14  1120 1120 CYS CYS A . n 
A 1 15  PRO 15  1121 1121 PRO PRO A . n 
A 1 16  ILE 16  1122 1122 ILE ILE A . n 
A 1 17  PRO 17  1123 1123 PRO PRO A . n 
A 1 18  ALA 18  1124 1124 ALA ALA A . n 
A 1 19  ALA 19  1125 1125 ALA ALA A . n 
A 1 20  GLY 20  1126 1126 GLY GLY A . n 
A 1 21  LEU 21  1127 1127 LEU LEU A . n 
A 1 22  ASP 22  1128 1128 ASP ASP A . n 
A 1 23  VAL 23  1129 1129 VAL VAL A . n 
A 1 24  THR 24  1130 1130 THR THR A . n 
A 1 25  GLN 25  1131 1131 GLN GLN A . n 
A 1 26  PRO 26  1132 1132 PRO PRO A . n 
A 1 27  CYS 27  1133 1133 CYS CYS A . n 
A 1 28  GLY 28  1134 1134 GLY GLY A . n 
A 1 29  ASP 29  1135 1135 ASP ASP A . n 
A 1 30  CYS 30  1136 1136 CYS CYS A . n 
A 1 31  GLY 31  1137 1137 GLY GLY A . n 
A 1 32  THR 32  1138 1138 THR THR A . n 
A 1 33  ILE 33  1139 1139 ILE ILE A . n 
A 1 34  GLN 34  1140 1140 GLN GLN A . n 
A 1 35  GLU 35  1141 1141 GLU GLU A . n 
A 1 36  ASN 36  1142 1142 ASN ASN A . n 
A 1 37  TRP 37  1143 1143 TRP TRP A . n 
A 1 38  VAL 38  1144 1144 VAL VAL A . n 
A 1 39  CYS 39  1145 1145 CYS CYS A . n 
A 1 40  LEU 40  1146 1146 LEU LEU A . n 
A 1 41  SER 41  1147 1147 SER SER A . n 
A 1 42  CYS 42  1148 1148 CYS CYS A . n 
A 1 43  TYR 43  1149 1149 TYR TYR A . n 
A 1 44  GLN 44  1150 1150 GLN GLN A . n 
A 1 45  VAL 45  1151 1151 VAL VAL A . n 
A 1 46  TYR 46  1152 1152 TYR TYR A . n 
A 1 47  CYS 47  1153 1153 CYS CYS A . n 
A 1 48  GLY 48  1154 1154 GLY GLY A . n 
A 1 49  ARG 49  1155 1155 ARG ARG A . n 
A 1 50  TYR 50  1156 1156 TYR TYR A . n 
A 1 51  ILE 51  1157 1157 ILE ILE A . n 
A 1 52  ASN 52  1158 1158 ASN ASN A . n 
A 1 53  GLY 53  1159 1159 GLY GLY A . n 
A 1 54  HIS 54  1160 1160 HIS HIS A . n 
A 1 55  MET 55  1161 1161 MET MET A . n 
A 1 56  LEU 56  1162 1162 LEU LEU A . n 
A 1 57  GLN 57  1163 1163 GLN GLN A . n 
A 1 58  HIS 58  1164 1164 HIS HIS A . n 
A 1 59  HIS 59  1165 1165 HIS HIS A . n 
A 1 60  GLY 60  1166 1166 GLY GLY A . n 
A 1 61  ASN 61  1167 1167 ASN ASN A . n 
A 1 62  SER 62  1168 1168 SER SER A . n 
A 1 63  GLY 63  1169 1169 GLY GLY A . n 
A 1 64  HIS 64  1170 1170 HIS HIS A . n 
A 1 65  PRO 65  1171 1171 PRO PRO A . n 
A 1 66  LEU 66  1172 1172 LEU LEU A . n 
A 1 67  VAL 67  1173 1173 VAL VAL A . n 
A 1 68  LEU 68  1174 1174 LEU LEU A . n 
A 1 69  SER 69  1175 1175 SER SER A . n 
A 1 70  TYR 70  1176 1176 TYR TYR A . n 
A 1 71  ILE 71  1177 1177 ILE ILE A . n 
A 1 72  ASP 72  1178 1178 ASP ASP A . n 
A 1 73  LEU 73  1179 1179 LEU LEU A . n 
A 1 74  SER 74  1180 1180 SER SER A . n 
A 1 75  ALA 75  1181 1181 ALA ALA A . n 
A 1 76  TRP 76  1182 1182 TRP TRP A . n 
A 1 77  CYS 77  1183 1183 CYS CYS A . n 
A 1 78  TYR 78  1184 1184 TYR TYR A . n 
A 1 79  TYR 79  1185 1185 TYR TYR A . n 
A 1 80  CYS 80  1186 1186 CYS CYS A . n 
A 1 81  GLN 81  1187 1187 GLN GLN A . n 
A 1 82  ALA 82  1188 1188 ALA ALA A . n 
A 1 83  TYR 83  1189 1189 TYR TYR A . n 
A 1 84  VAL 84  1190 1190 VAL VAL A . n 
A 1 85  HIS 85  1191 1191 HIS HIS A . n 
A 1 86  HIS 86  1192 1192 HIS HIS A . n 
A 1 87  GLN 87  1193 1193 GLN GLN A . n 
A 1 88  ALA 88  1194 1194 ALA ALA A . n 
A 1 89  LEU 89  1195 1195 LEU LEU A . n 
A 1 90  LEU 90  1196 1196 LEU LEU A . n 
A 1 91  ASP 91  1197 1197 ASP ASP A . n 
A 1 92  VAL 92  1198 1198 VAL VAL A . n 
A 1 93  LYS 93  1199 1199 LYS LYS A . n 
A 1 94  ASN 94  1200 1200 ASN ASN A . n 
A 1 95  ILE 95  1201 1201 ILE ILE A . n 
A 1 96  ALA 96  1202 1202 ALA ALA A . n 
A 1 97  HIS 97  1203 1203 HIS HIS A . n 
A 1 98  GLN 98  1204 1204 GLN GLN A . n 
A 1 99  ASN 99  1205 1205 ASN ASN A . n 
A 1 100 LYS 100 1206 1206 LYS LYS A . n 
A 1 101 PHE 101 1207 1207 PHE PHE A . n 
A 1 102 GLY 102 1208 ?    ?   ?   A . n 
A 1 103 GLU 103 1209 ?    ?   ?   A . n 
A 1 104 ASP 104 1210 ?    ?   ?   A . n 
A 1 105 MET 105 1211 ?    ?   ?   A . n 
A 1 106 PRO 106 1212 ?    ?   ?   A . n 
A 1 107 HIS 107 1213 ?    ?   ?   A . n 
# 
_pdbx_SG_project.id                    1 
_pdbx_SG_project.project_name          ? 
_pdbx_SG_project.full_name_of_center   'Structural Genomics Consortium' 
_pdbx_SG_project.initial_of_center     SGC 
# 
loop_
_pdbx_nonpoly_scheme.asym_id 
_pdbx_nonpoly_scheme.entity_id 
_pdbx_nonpoly_scheme.mon_id 
_pdbx_nonpoly_scheme.ndb_seq_num 
_pdbx_nonpoly_scheme.pdb_seq_num 
_pdbx_nonpoly_scheme.auth_seq_num 
_pdbx_nonpoly_scheme.pdb_mon_id 
_pdbx_nonpoly_scheme.auth_mon_id 
_pdbx_nonpoly_scheme.pdb_strand_id 
_pdbx_nonpoly_scheme.pdb_ins_code 
B 2 ZN  1  1301 1301 ZN  ZN  A . 
C 2 ZN  1  1302 1302 ZN  ZN  A . 
D 2 ZN  1  1303 1303 ZN  ZN  A . 
E 3 EYM 1  1304 1    EYM 112 A . 
F 4 UNX 1  1305 1    UNX UNX A . 
G 4 UNX 1  1306 2    UNX UNX A . 
H 4 UNX 1  1307 3    UNX UNX A . 
I 4 UNX 1  1308 4    UNX UNX A . 
J 5 HOH 1  1401 16   HOH HOH A . 
J 5 HOH 2  1402 1415 HOH HOH A . 
J 5 HOH 3  1403 38   HOH HOH A . 
J 5 HOH 4  1404 23   HOH HOH A . 
J 5 HOH 5  1405 1409 HOH HOH A . 
J 5 HOH 6  1406 3    HOH HOH A . 
J 5 HOH 7  1407 1412 HOH HOH A . 
J 5 HOH 8  1408 1418 HOH HOH A . 
J 5 HOH 9  1409 1451 HOH HOH A . 
J 5 HOH 10 1410 1407 HOH HOH A . 
J 5 HOH 11 1411 21   HOH HOH A . 
J 5 HOH 12 1412 1413 HOH HOH A . 
J 5 HOH 13 1413 41   HOH HOH A . 
J 5 HOH 14 1414 1410 HOH HOH A . 
J 5 HOH 15 1415 1421 HOH HOH A . 
J 5 HOH 16 1416 1420 HOH HOH A . 
J 5 HOH 17 1417 45   HOH HOH A . 
J 5 HOH 18 1418 17   HOH HOH A . 
J 5 HOH 19 1419 1417 HOH HOH A . 
J 5 HOH 20 1420 1419 HOH HOH A . 
J 5 HOH 21 1421 51   HOH HOH A . 
J 5 HOH 22 1422 1416 HOH HOH A . 
J 5 HOH 23 1423 4    HOH HOH A . 
J 5 HOH 24 1424 1435 HOH HOH A . 
J 5 HOH 25 1425 1423 HOH HOH A . 
J 5 HOH 26 1426 40   HOH HOH A . 
J 5 HOH 27 1427 1427 HOH HOH A . 
J 5 HOH 28 1428 1428 HOH HOH A . 
J 5 HOH 29 1429 39   HOH HOH A . 
J 5 HOH 30 1430 1425 HOH HOH A . 
J 5 HOH 31 1431 13   HOH HOH A . 
J 5 HOH 32 1432 24   HOH HOH A . 
J 5 HOH 33 1433 47   HOH HOH A . 
J 5 HOH 34 1434 1446 HOH HOH A . 
J 5 HOH 35 1435 1402 HOH HOH A . 
J 5 HOH 36 1436 1406 HOH HOH A . 
J 5 HOH 37 1437 25   HOH HOH A . 
J 5 HOH 38 1438 1439 HOH HOH A . 
J 5 HOH 39 1439 1444 HOH HOH A . 
J 5 HOH 40 1440 1459 HOH HOH A . 
J 5 HOH 41 1441 37   HOH HOH A . 
J 5 HOH 42 1442 1430 HOH HOH A . 
J 5 HOH 43 1443 1443 HOH HOH A . 
J 5 HOH 44 1444 1447 HOH HOH A . 
J 5 HOH 45 1445 44   HOH HOH A . 
J 5 HOH 46 1446 1411 HOH HOH A . 
J 5 HOH 47 1447 1448 HOH HOH A . 
J 5 HOH 48 1448 36   HOH HOH A . 
J 5 HOH 49 1449 1432 HOH HOH A . 
J 5 HOH 50 1450 1424 HOH HOH A . 
J 5 HOH 51 1451 1429 HOH HOH A . 
J 5 HOH 52 1452 15   HOH HOH A . 
J 5 HOH 53 1453 1422 HOH HOH A . 
J 5 HOH 54 1454 1440 HOH HOH A . 
J 5 HOH 55 1455 1437 HOH HOH A . 
J 5 HOH 56 1456 26   HOH HOH A . 
J 5 HOH 57 1457 1458 HOH HOH A . 
J 5 HOH 58 1458 50   HOH HOH A . 
J 5 HOH 59 1459 1460 HOH HOH A . 
J 5 HOH 60 1460 1461 HOH HOH A . 
J 5 HOH 61 1461 1462 HOH HOH A . 
J 5 HOH 62 1462 48   HOH HOH A . 
J 5 HOH 63 1463 1465 HOH HOH A . 
J 5 HOH 64 1464 1455 HOH HOH A . 
J 5 HOH 65 1465 2    HOH HOH A . 
J 5 HOH 66 1466 1442 HOH HOH A . 
J 5 HOH 67 1467 1463 HOH HOH A . 
J 5 HOH 68 1468 1441 HOH HOH A . 
J 5 HOH 69 1469 1464 HOH HOH A . 
J 5 HOH 70 1470 1    HOH HOH A . 
J 5 HOH 71 1471 22   HOH HOH A . 
J 5 HOH 72 1472 1470 HOH HOH A . 
J 5 HOH 73 1473 1469 HOH HOH A . 
J 5 HOH 74 1474 1468 HOH HOH A . 
J 5 HOH 75 1475 42   HOH HOH A . 
J 5 HOH 76 1476 1472 HOH HOH A . 
J 5 HOH 77 1477 43   HOH HOH A . 
J 5 HOH 78 1478 1476 HOH HOH A . 
J 5 HOH 79 1479 1474 HOH HOH A . 
J 5 HOH 80 1480 1473 HOH HOH A . 
J 5 HOH 81 1481 1475 HOH HOH A . 
J 5 HOH 82 1482 1478 HOH HOH A . 
J 5 HOH 83 1483 1480 HOH HOH A . 
J 5 HOH 84 1484 1481 HOH HOH A . 
J 5 HOH 85 1485 46   HOH HOH A . 
J 5 HOH 86 1486 18   HOH HOH A . 
J 5 HOH 87 1487 49   HOH HOH A . 
# 
_pdbx_struct_assembly.id                   1 
_pdbx_struct_assembly.details              author_and_software_defined_assembly 
_pdbx_struct_assembly.method_details       PISA 
_pdbx_struct_assembly.oligomeric_details   monomeric 
_pdbx_struct_assembly.oligomeric_count     1 
# 
_pdbx_struct_assembly_gen.assembly_id       1 
_pdbx_struct_assembly_gen.oper_expression   1 
_pdbx_struct_assembly_gen.asym_id_list      A,B,C,D,E,F,G,H,I,J 
# 
loop_
_pdbx_struct_assembly_prop.biol_id 
_pdbx_struct_assembly_prop.type 
_pdbx_struct_assembly_prop.value 
_pdbx_struct_assembly_prop.details 
1 'ABSA (A^2)' 0    ? 
1 MORE         0    ? 
1 'SSA (A^2)'  5640 ? 
# 
_pdbx_struct_oper_list.id                   1 
_pdbx_struct_oper_list.type                 'identity operation' 
_pdbx_struct_oper_list.name                 1_555 
_pdbx_struct_oper_list.symmetry_operation   x,y,z 
_pdbx_struct_oper_list.matrix[1][1]         1.0000000000 
_pdbx_struct_oper_list.matrix[1][2]         0.0000000000 
_pdbx_struct_oper_list.matrix[1][3]         0.0000000000 
_pdbx_struct_oper_list.vector[1]            0.0000000000 
_pdbx_struct_oper_list.matrix[2][1]         0.0000000000 
_pdbx_struct_oper_list.matrix[2][2]         1.0000000000 
_pdbx_struct_oper_list.matrix[2][3]         0.0000000000 
_pdbx_struct_oper_list.vector[2]            0.0000000000 
_pdbx_struct_oper_list.matrix[3][1]         0.0000000000 
_pdbx_struct_oper_list.matrix[3][2]         0.0000000000 
_pdbx_struct_oper_list.matrix[3][3]         1.0000000000 
_pdbx_struct_oper_list.vector[3]            0.0000000000 
# 
loop_
_pdbx_struct_conn_angle.id 
_pdbx_struct_conn_angle.ptnr1_label_atom_id 
_pdbx_struct_conn_angle.ptnr1_label_alt_id 
_pdbx_struct_conn_angle.ptnr1_label_asym_id 
_pdbx_struct_conn_angle.ptnr1_label_comp_id 
_pdbx_struct_conn_angle.ptnr1_label_seq_id 
_pdbx_struct_conn_angle.ptnr1_auth_atom_id 
_pdbx_struct_conn_angle.ptnr1_auth_asym_id 
_pdbx_struct_conn_angle.ptnr1_auth_comp_id 
_pdbx_struct_conn_angle.ptnr1_auth_seq_id 
_pdbx_struct_conn_angle.ptnr1_PDB_ins_code 
_pdbx_struct_conn_angle.ptnr1_symmetry 
_pdbx_struct_conn_angle.ptnr2_label_atom_id 
_pdbx_struct_conn_angle.ptnr2_label_alt_id 
_pdbx_struct_conn_angle.ptnr2_label_asym_id 
_pdbx_struct_conn_angle.ptnr2_label_comp_id 
_pdbx_struct_conn_angle.ptnr2_label_seq_id 
_pdbx_struct_conn_angle.ptnr2_auth_atom_id 
_pdbx_struct_conn_angle.ptnr2_auth_asym_id 
_pdbx_struct_conn_angle.ptnr2_auth_comp_id 
_pdbx_struct_conn_angle.ptnr2_auth_seq_id 
_pdbx_struct_conn_angle.ptnr2_PDB_ins_code 
_pdbx_struct_conn_angle.ptnr2_symmetry 
_pdbx_struct_conn_angle.ptnr3_label_atom_id 
_pdbx_struct_conn_angle.ptnr3_label_alt_id 
_pdbx_struct_conn_angle.ptnr3_label_asym_id 
_pdbx_struct_conn_angle.ptnr3_label_comp_id 
_pdbx_struct_conn_angle.ptnr3_label_seq_id 
_pdbx_struct_conn_angle.ptnr3_auth_atom_id 
_pdbx_struct_conn_angle.ptnr3_auth_asym_id 
_pdbx_struct_conn_angle.ptnr3_auth_comp_id 
_pdbx_struct_conn_angle.ptnr3_auth_seq_id 
_pdbx_struct_conn_angle.ptnr3_PDB_ins_code 
_pdbx_struct_conn_angle.ptnr3_symmetry 
_pdbx_struct_conn_angle.value 
_pdbx_struct_conn_angle.value_esd 
1  SG  ? A CYS 7  ? A CYS 1113 ? 1_555 ZN ? D ZN . ? A ZN 1303 ? 1_555 ND1 ? A HIS 9  ? A HIS 1115 ? 1_555 110.6 ? 
2  SG  ? A CYS 7  ? A CYS 1113 ? 1_555 ZN ? D ZN . ? A ZN 1303 ? 1_555 SG  ? A CYS 77 ? A CYS 1183 ? 1_555 116.2 ? 
3  ND1 ? A HIS 9  ? A HIS 1115 ? 1_555 ZN ? D ZN . ? A ZN 1303 ? 1_555 SG  ? A CYS 77 ? A CYS 1183 ? 1_555 96.9  ? 
4  SG  ? A CYS 7  ? A CYS 1113 ? 1_555 ZN ? D ZN . ? A ZN 1303 ? 1_555 SG  ? A CYS 80 ? A CYS 1186 ? 1_555 113.6 ? 
5  ND1 ? A HIS 9  ? A HIS 1115 ? 1_555 ZN ? D ZN . ? A ZN 1303 ? 1_555 SG  ? A CYS 80 ? A CYS 1186 ? 1_555 104.9 ? 
6  SG  ? A CYS 77 ? A CYS 1183 ? 1_555 ZN ? D ZN . ? A ZN 1303 ? 1_555 SG  ? A CYS 80 ? A CYS 1186 ? 1_555 112.8 ? 
7  SG  ? A CYS 27 ? A CYS 1133 ? 1_555 ZN ? C ZN . ? A ZN 1302 ? 1_555 SG  ? A CYS 30 ? A CYS 1136 ? 1_555 110.1 ? 
8  SG  ? A CYS 27 ? A CYS 1133 ? 1_555 ZN ? C ZN . ? A ZN 1302 ? 1_555 SG  ? A CYS 47 ? A CYS 1153 ? 1_555 113.1 ? 
9  SG  ? A CYS 30 ? A CYS 1136 ? 1_555 ZN ? C ZN . ? A ZN 1302 ? 1_555 SG  ? A CYS 47 ? A CYS 1153 ? 1_555 115.5 ? 
10 SG  ? A CYS 27 ? A CYS 1133 ? 1_555 ZN ? C ZN . ? A ZN 1302 ? 1_555 ND1 ? A HIS 54 ? A HIS 1160 ? 1_555 105.8 ? 
11 SG  ? A CYS 30 ? A CYS 1136 ? 1_555 ZN ? C ZN . ? A ZN 1302 ? 1_555 ND1 ? A HIS 54 ? A HIS 1160 ? 1_555 110.1 ? 
12 SG  ? A CYS 47 ? A CYS 1153 ? 1_555 ZN ? C ZN . ? A ZN 1302 ? 1_555 ND1 ? A HIS 54 ? A HIS 1160 ? 1_555 101.4 ? 
13 SG  ? A CYS 39 ? A CYS 1145 ? 1_555 ZN ? B ZN . ? A ZN 1301 ? 1_555 SG  ? A CYS 42 ? A CYS 1148 ? 1_555 116.3 ? 
14 SG  ? A CYS 39 ? A CYS 1145 ? 1_555 ZN ? B ZN . ? A ZN 1301 ? 1_555 NE2 ? A HIS 58 ? A HIS 1164 ? 1_555 114.8 ? 
15 SG  ? A CYS 42 ? A CYS 1148 ? 1_555 ZN ? B ZN . ? A ZN 1301 ? 1_555 NE2 ? A HIS 58 ? A HIS 1164 ? 1_555 100.0 ? 
16 SG  ? A CYS 39 ? A CYS 1145 ? 1_555 ZN ? B ZN . ? A ZN 1301 ? 1_555 ND1 ? A HIS 64 ? A HIS 1170 ? 1_555 107.4 ? 
17 SG  ? A CYS 42 ? A CYS 1148 ? 1_555 ZN ? B ZN . ? A ZN 1301 ? 1_555 ND1 ? A HIS 64 ? A HIS 1170 ? 1_555 109.5 ? 
18 NE2 ? A HIS 58 ? A HIS 1164 ? 1_555 ZN ? B ZN . ? A ZN 1301 ? 1_555 ND1 ? A HIS 64 ? A HIS 1170 ? 1_555 108.4 ? 
# 
loop_
_pdbx_audit_revision_history.ordinal 
_pdbx_audit_revision_history.data_content_type 
_pdbx_audit_revision_history.major_revision 
_pdbx_audit_revision_history.minor_revision 
_pdbx_audit_revision_history.revision_date 
1 'Structure model' 1 0 2018-02-28 
2 'Structure model' 1 1 2018-05-16 
3 'Structure model' 1 2 2018-05-30 
4 'Structure model' 1 3 2023-10-04 
# 
_pdbx_audit_revision_details.ordinal             1 
_pdbx_audit_revision_details.revision_ordinal    1 
_pdbx_audit_revision_details.data_content_type   'Structure model' 
_pdbx_audit_revision_details.provider            repository 
_pdbx_audit_revision_details.type                'Initial release' 
_pdbx_audit_revision_details.description         ? 
_pdbx_audit_revision_details.details             ? 
# 
loop_
_pdbx_audit_revision_group.ordinal 
_pdbx_audit_revision_group.revision_ordinal 
_pdbx_audit_revision_group.data_content_type 
_pdbx_audit_revision_group.group 
1 2 'Structure model' 'Data collection'        
2 2 'Structure model' 'Database references'    
3 3 'Structure model' 'Data collection'        
4 3 'Structure model' 'Database references'    
5 4 'Structure model' 'Data collection'        
6 4 'Structure model' 'Database references'    
7 4 'Structure model' 'Refinement description' 
# 
loop_
_pdbx_audit_revision_category.ordinal 
_pdbx_audit_revision_category.revision_ordinal 
_pdbx_audit_revision_category.data_content_type 
_pdbx_audit_revision_category.category 
1 2 'Structure model' citation                      
2 2 'Structure model' citation_author               
3 3 'Structure model' citation                      
4 4 'Structure model' chem_comp_atom                
5 4 'Structure model' chem_comp_bond                
6 4 'Structure model' database_2                    
7 4 'Structure model' pdbx_initial_refinement_model 
# 
loop_
_pdbx_audit_revision_item.ordinal 
_pdbx_audit_revision_item.revision_ordinal 
_pdbx_audit_revision_item.data_content_type 
_pdbx_audit_revision_item.item 
1  2 'Structure model' '_citation.country'                   
2  2 'Structure model' '_citation.journal_abbrev'            
3  2 'Structure model' '_citation.journal_id_ASTM'           
4  2 'Structure model' '_citation.journal_id_CSD'            
5  2 'Structure model' '_citation.journal_id_ISSN'           
6  2 'Structure model' '_citation.pdbx_database_id_DOI'      
7  2 'Structure model' '_citation.pdbx_database_id_PubMed'   
8  2 'Structure model' '_citation.title'                     
9  2 'Structure model' '_citation.year'                      
10 3 'Structure model' '_citation.journal_volume'            
11 3 'Structure model' '_citation.page_first'                
12 3 'Structure model' '_citation.page_last'                 
13 4 'Structure model' '_database_2.pdbx_DOI'                
14 4 'Structure model' '_database_2.pdbx_database_accession' 
# 
loop_
_software.citation_id 
_software.classification 
_software.compiler_name 
_software.compiler_version 
_software.contact_author 
_software.contact_author_email 
_software.date 
_software.description 
_software.dependencies 
_software.hardware 
_software.language 
_software.location 
_software.mods 
_software.name 
_software.os 
_software.os_version 
_software.type 
_software.version 
_software.pdbx_ordinal 
? refinement        ? ? ? ? ? ? ? ? ? ? ? REFMAC      ? ? ? 5.8.0189 1 
? 'data scaling'    ? ? ? ? ? ? ? ? ? ? ? Aimless     ? ? ? 0.6.2    2 
? 'data extraction' ? ? ? ? ? ? ? ? ? ? ? PDB_EXTRACT ? ? ? 3.24     3 
? 'data reduction'  ? ? ? ? ? ? ? ? ? ? ? xia2        ? ? ? .        4 
# 
loop_
_pdbx_validate_torsion.id 
_pdbx_validate_torsion.PDB_model_num 
_pdbx_validate_torsion.auth_comp_id 
_pdbx_validate_torsion.auth_asym_id 
_pdbx_validate_torsion.auth_seq_id 
_pdbx_validate_torsion.PDB_ins_code 
_pdbx_validate_torsion.label_alt_id 
_pdbx_validate_torsion.phi 
_pdbx_validate_torsion.psi 
1 1 ASP A 1135 ? ? -94.59  -62.40  
2 1 ILE A 1157 ? ? -100.07 -101.82 
# 
loop_
_pdbx_unobs_or_zero_occ_atoms.id 
_pdbx_unobs_or_zero_occ_atoms.PDB_model_num 
_pdbx_unobs_or_zero_occ_atoms.polymer_flag 
_pdbx_unobs_or_zero_occ_atoms.occupancy_flag 
_pdbx_unobs_or_zero_occ_atoms.auth_asym_id 
_pdbx_unobs_or_zero_occ_atoms.auth_comp_id 
_pdbx_unobs_or_zero_occ_atoms.auth_seq_id 
_pdbx_unobs_or_zero_occ_atoms.PDB_ins_code 
_pdbx_unobs_or_zero_occ_atoms.auth_atom_id 
_pdbx_unobs_or_zero_occ_atoms.label_alt_id 
_pdbx_unobs_or_zero_occ_atoms.label_asym_id 
_pdbx_unobs_or_zero_occ_atoms.label_comp_id 
_pdbx_unobs_or_zero_occ_atoms.label_seq_id 
_pdbx_unobs_or_zero_occ_atoms.label_atom_id 
1 1 Y 1 A LEU 1196 ? CG  ? A LEU 90 CG  
2 1 Y 1 A LEU 1196 ? CD1 ? A LEU 90 CD1 
3 1 Y 1 A LEU 1196 ? CD2 ? A LEU 90 CD2 
4 1 Y 1 A ILE 1201 ? CD1 ? A ILE 95 CD1 
5 1 Y 1 A GLN 1204 ? CD  ? A GLN 98 CD  
6 1 Y 1 A GLN 1204 ? OE1 ? A GLN 98 OE1 
7 1 Y 1 A GLN 1204 ? NE2 ? A GLN 98 NE2 
# 
loop_
_pdbx_unobs_or_zero_occ_residues.id 
_pdbx_unobs_or_zero_occ_residues.PDB_model_num 
_pdbx_unobs_or_zero_occ_residues.polymer_flag 
_pdbx_unobs_or_zero_occ_residues.occupancy_flag 
_pdbx_unobs_or_zero_occ_residues.auth_asym_id 
_pdbx_unobs_or_zero_occ_residues.auth_comp_id 
_pdbx_unobs_or_zero_occ_residues.auth_seq_id 
_pdbx_unobs_or_zero_occ_residues.PDB_ins_code 
_pdbx_unobs_or_zero_occ_residues.label_asym_id 
_pdbx_unobs_or_zero_occ_residues.label_comp_id 
_pdbx_unobs_or_zero_occ_residues.label_seq_id 
1 1 Y 1 A GLY 1107 ? A GLY 1   
2 1 Y 1 A GLY 1208 ? A GLY 102 
3 1 Y 1 A GLU 1209 ? A GLU 103 
4 1 Y 1 A ASP 1210 ? A ASP 104 
5 1 Y 1 A MET 1211 ? A MET 105 
6 1 Y 1 A PRO 1212 ? A PRO 106 
7 1 Y 1 A HIS 1213 ? A HIS 107 
# 
loop_
_chem_comp_atom.comp_id 
_chem_comp_atom.atom_id 
_chem_comp_atom.type_symbol 
_chem_comp_atom.pdbx_aromatic_flag 
_chem_comp_atom.pdbx_stereo_config 
_chem_comp_atom.pdbx_ordinal 
ALA N    N  N N 1   
ALA CA   C  N S 2   
ALA C    C  N N 3   
ALA O    O  N N 4   
ALA CB   C  N N 5   
ALA OXT  O  N N 6   
ALA H    H  N N 7   
ALA H2   H  N N 8   
ALA HA   H  N N 9   
ALA HB1  H  N N 10  
ALA HB2  H  N N 11  
ALA HB3  H  N N 12  
ALA HXT  H  N N 13  
ARG N    N  N N 14  
ARG CA   C  N S 15  
ARG C    C  N N 16  
ARG O    O  N N 17  
ARG CB   C  N N 18  
ARG CG   C  N N 19  
ARG CD   C  N N 20  
ARG NE   N  N N 21  
ARG CZ   C  N N 22  
ARG NH1  N  N N 23  
ARG NH2  N  N N 24  
ARG OXT  O  N N 25  
ARG H    H  N N 26  
ARG H2   H  N N 27  
ARG HA   H  N N 28  
ARG HB2  H  N N 29  
ARG HB3  H  N N 30  
ARG HG2  H  N N 31  
ARG HG3  H  N N 32  
ARG HD2  H  N N 33  
ARG HD3  H  N N 34  
ARG HE   H  N N 35  
ARG HH11 H  N N 36  
ARG HH12 H  N N 37  
ARG HH21 H  N N 38  
ARG HH22 H  N N 39  
ARG HXT  H  N N 40  
ASN N    N  N N 41  
ASN CA   C  N S 42  
ASN C    C  N N 43  
ASN O    O  N N 44  
ASN CB   C  N N 45  
ASN CG   C  N N 46  
ASN OD1  O  N N 47  
ASN ND2  N  N N 48  
ASN OXT  O  N N 49  
ASN H    H  N N 50  
ASN H2   H  N N 51  
ASN HA   H  N N 52  
ASN HB2  H  N N 53  
ASN HB3  H  N N 54  
ASN HD21 H  N N 55  
ASN HD22 H  N N 56  
ASN HXT  H  N N 57  
ASP N    N  N N 58  
ASP CA   C  N S 59  
ASP C    C  N N 60  
ASP O    O  N N 61  
ASP CB   C  N N 62  
ASP CG   C  N N 63  
ASP OD1  O  N N 64  
ASP OD2  O  N N 65  
ASP OXT  O  N N 66  
ASP H    H  N N 67  
ASP H2   H  N N 68  
ASP HA   H  N N 69  
ASP HB2  H  N N 70  
ASP HB3  H  N N 71  
ASP HD2  H  N N 72  
ASP HXT  H  N N 73  
CYS N    N  N N 74  
CYS CA   C  N R 75  
CYS C    C  N N 76  
CYS O    O  N N 77  
CYS CB   C  N N 78  
CYS SG   S  N N 79  
CYS OXT  O  N N 80  
CYS H    H  N N 81  
CYS H2   H  N N 82  
CYS HA   H  N N 83  
CYS HB2  H  N N 84  
CYS HB3  H  N N 85  
CYS HG   H  N N 86  
CYS HXT  H  N N 87  
EYM C8   C  Y N 88  
EYM C5   C  N N 89  
EYM C6   C  Y N 90  
EYM N1   N  N N 91  
EYM C2   C  N N 92  
EYM C4   C  N N 93  
EYM O2   O  N N 94  
EYM C1   C  N N 95  
EYM C3   C  N N 96  
EYM O1   O  N N 97  
EYM O    O  N N 98  
EYM C11  C  Y N 99  
EYM N    N  N N 100 
EYM C    C  N N 101 
EYM C10  C  Y N 102 
EYM C9   C  Y N 103 
EYM C7   C  Y N 104 
EYM H1   H  N N 105 
EYM H2   H  N N 106 
EYM H3   H  N N 107 
EYM H4   H  N N 108 
EYM H5   H  N N 109 
EYM H6   H  N N 110 
EYM H7   H  N N 111 
EYM H8   H  N N 112 
EYM H9   H  N N 113 
EYM H10  H  N N 114 
EYM H11  H  N N 115 
EYM H12  H  N N 116 
GLN N    N  N N 117 
GLN CA   C  N S 118 
GLN C    C  N N 119 
GLN O    O  N N 120 
GLN CB   C  N N 121 
GLN CG   C  N N 122 
GLN CD   C  N N 123 
GLN OE1  O  N N 124 
GLN NE2  N  N N 125 
GLN OXT  O  N N 126 
GLN H    H  N N 127 
GLN H2   H  N N 128 
GLN HA   H  N N 129 
GLN HB2  H  N N 130 
GLN HB3  H  N N 131 
GLN HG2  H  N N 132 
GLN HG3  H  N N 133 
GLN HE21 H  N N 134 
GLN HE22 H  N N 135 
GLN HXT  H  N N 136 
GLU N    N  N N 137 
GLU CA   C  N S 138 
GLU C    C  N N 139 
GLU O    O  N N 140 
GLU CB   C  N N 141 
GLU CG   C  N N 142 
GLU CD   C  N N 143 
GLU OE1  O  N N 144 
GLU OE2  O  N N 145 
GLU OXT  O  N N 146 
GLU H    H  N N 147 
GLU H2   H  N N 148 
GLU HA   H  N N 149 
GLU HB2  H  N N 150 
GLU HB3  H  N N 151 
GLU HG2  H  N N 152 
GLU HG3  H  N N 153 
GLU HE2  H  N N 154 
GLU HXT  H  N N 155 
GLY N    N  N N 156 
GLY CA   C  N N 157 
GLY C    C  N N 158 
GLY O    O  N N 159 
GLY OXT  O  N N 160 
GLY H    H  N N 161 
GLY H2   H  N N 162 
GLY HA2  H  N N 163 
GLY HA3  H  N N 164 
GLY HXT  H  N N 165 
HIS N    N  N N 166 
HIS CA   C  N S 167 
HIS C    C  N N 168 
HIS O    O  N N 169 
HIS CB   C  N N 170 
HIS CG   C  Y N 171 
HIS ND1  N  Y N 172 
HIS CD2  C  Y N 173 
HIS CE1  C  Y N 174 
HIS NE2  N  Y N 175 
HIS OXT  O  N N 176 
HIS H    H  N N 177 
HIS H2   H  N N 178 
HIS HA   H  N N 179 
HIS HB2  H  N N 180 
HIS HB3  H  N N 181 
HIS HD1  H  N N 182 
HIS HD2  H  N N 183 
HIS HE1  H  N N 184 
HIS HE2  H  N N 185 
HIS HXT  H  N N 186 
HOH O    O  N N 187 
HOH H1   H  N N 188 
HOH H2   H  N N 189 
ILE N    N  N N 190 
ILE CA   C  N S 191 
ILE C    C  N N 192 
ILE O    O  N N 193 
ILE CB   C  N S 194 
ILE CG1  C  N N 195 
ILE CG2  C  N N 196 
ILE CD1  C  N N 197 
ILE OXT  O  N N 198 
ILE H    H  N N 199 
ILE H2   H  N N 200 
ILE HA   H  N N 201 
ILE HB   H  N N 202 
ILE HG12 H  N N 203 
ILE HG13 H  N N 204 
ILE HG21 H  N N 205 
ILE HG22 H  N N 206 
ILE HG23 H  N N 207 
ILE HD11 H  N N 208 
ILE HD12 H  N N 209 
ILE HD13 H  N N 210 
ILE HXT  H  N N 211 
LEU N    N  N N 212 
LEU CA   C  N S 213 
LEU C    C  N N 214 
LEU O    O  N N 215 
LEU CB   C  N N 216 
LEU CG   C  N N 217 
LEU CD1  C  N N 218 
LEU CD2  C  N N 219 
LEU OXT  O  N N 220 
LEU H    H  N N 221 
LEU H2   H  N N 222 
LEU HA   H  N N 223 
LEU HB2  H  N N 224 
LEU HB3  H  N N 225 
LEU HG   H  N N 226 
LEU HD11 H  N N 227 
LEU HD12 H  N N 228 
LEU HD13 H  N N 229 
LEU HD21 H  N N 230 
LEU HD22 H  N N 231 
LEU HD23 H  N N 232 
LEU HXT  H  N N 233 
LYS N    N  N N 234 
LYS CA   C  N S 235 
LYS C    C  N N 236 
LYS O    O  N N 237 
LYS CB   C  N N 238 
LYS CG   C  N N 239 
LYS CD   C  N N 240 
LYS CE   C  N N 241 
LYS NZ   N  N N 242 
LYS OXT  O  N N 243 
LYS H    H  N N 244 
LYS H2   H  N N 245 
LYS HA   H  N N 246 
LYS HB2  H  N N 247 
LYS HB3  H  N N 248 
LYS HG2  H  N N 249 
LYS HG3  H  N N 250 
LYS HD2  H  N N 251 
LYS HD3  H  N N 252 
LYS HE2  H  N N 253 
LYS HE3  H  N N 254 
LYS HZ1  H  N N 255 
LYS HZ2  H  N N 256 
LYS HZ3  H  N N 257 
LYS HXT  H  N N 258 
MET N    N  N N 259 
MET CA   C  N S 260 
MET C    C  N N 261 
MET O    O  N N 262 
MET CB   C  N N 263 
MET CG   C  N N 264 
MET SD   S  N N 265 
MET CE   C  N N 266 
MET OXT  O  N N 267 
MET H    H  N N 268 
MET H2   H  N N 269 
MET HA   H  N N 270 
MET HB2  H  N N 271 
MET HB3  H  N N 272 
MET HG2  H  N N 273 
MET HG3  H  N N 274 
MET HE1  H  N N 275 
MET HE2  H  N N 276 
MET HE3  H  N N 277 
MET HXT  H  N N 278 
PHE N    N  N N 279 
PHE CA   C  N S 280 
PHE C    C  N N 281 
PHE O    O  N N 282 
PHE CB   C  N N 283 
PHE CG   C  Y N 284 
PHE CD1  C  Y N 285 
PHE CD2  C  Y N 286 
PHE CE1  C  Y N 287 
PHE CE2  C  Y N 288 
PHE CZ   C  Y N 289 
PHE OXT  O  N N 290 
PHE H    H  N N 291 
PHE H2   H  N N 292 
PHE HA   H  N N 293 
PHE HB2  H  N N 294 
PHE HB3  H  N N 295 
PHE HD1  H  N N 296 
PHE HD2  H  N N 297 
PHE HE1  H  N N 298 
PHE HE2  H  N N 299 
PHE HZ   H  N N 300 
PHE HXT  H  N N 301 
PRO N    N  N N 302 
PRO CA   C  N S 303 
PRO C    C  N N 304 
PRO O    O  N N 305 
PRO CB   C  N N 306 
PRO CG   C  N N 307 
PRO CD   C  N N 308 
PRO OXT  O  N N 309 
PRO H    H  N N 310 
PRO HA   H  N N 311 
PRO HB2  H  N N 312 
PRO HB3  H  N N 313 
PRO HG2  H  N N 314 
PRO HG3  H  N N 315 
PRO HD2  H  N N 316 
PRO HD3  H  N N 317 
PRO HXT  H  N N 318 
SER N    N  N N 319 
SER CA   C  N S 320 
SER C    C  N N 321 
SER O    O  N N 322 
SER CB   C  N N 323 
SER OG   O  N N 324 
SER OXT  O  N N 325 
SER H    H  N N 326 
SER H2   H  N N 327 
SER HA   H  N N 328 
SER HB2  H  N N 329 
SER HB3  H  N N 330 
SER HG   H  N N 331 
SER HXT  H  N N 332 
THR N    N  N N 333 
THR CA   C  N S 334 
THR C    C  N N 335 
THR O    O  N N 336 
THR CB   C  N R 337 
THR OG1  O  N N 338 
THR CG2  C  N N 339 
THR OXT  O  N N 340 
THR H    H  N N 341 
THR H2   H  N N 342 
THR HA   H  N N 343 
THR HB   H  N N 344 
THR HG1  H  N N 345 
THR HG21 H  N N 346 
THR HG22 H  N N 347 
THR HG23 H  N N 348 
THR HXT  H  N N 349 
TRP N    N  N N 350 
TRP CA   C  N S 351 
TRP C    C  N N 352 
TRP O    O  N N 353 
TRP CB   C  N N 354 
TRP CG   C  Y N 355 
TRP CD1  C  Y N 356 
TRP CD2  C  Y N 357 
TRP NE1  N  Y N 358 
TRP CE2  C  Y N 359 
TRP CE3  C  Y N 360 
TRP CZ2  C  Y N 361 
TRP CZ3  C  Y N 362 
TRP CH2  C  Y N 363 
TRP OXT  O  N N 364 
TRP H    H  N N 365 
TRP H2   H  N N 366 
TRP HA   H  N N 367 
TRP HB2  H  N N 368 
TRP HB3  H  N N 369 
TRP HD1  H  N N 370 
TRP HE1  H  N N 371 
TRP HE3  H  N N 372 
TRP HZ2  H  N N 373 
TRP HZ3  H  N N 374 
TRP HH2  H  N N 375 
TRP HXT  H  N N 376 
TYR N    N  N N 377 
TYR CA   C  N S 378 
TYR C    C  N N 379 
TYR O    O  N N 380 
TYR CB   C  N N 381 
TYR CG   C  Y N 382 
TYR CD1  C  Y N 383 
TYR CD2  C  Y N 384 
TYR CE1  C  Y N 385 
TYR CE2  C  Y N 386 
TYR CZ   C  Y N 387 
TYR OH   O  N N 388 
TYR OXT  O  N N 389 
TYR H    H  N N 390 
TYR H2   H  N N 391 
TYR HA   H  N N 392 
TYR HB2  H  N N 393 
TYR HB3  H  N N 394 
TYR HD1  H  N N 395 
TYR HD2  H  N N 396 
TYR HE1  H  N N 397 
TYR HE2  H  N N 398 
TYR HH   H  N N 399 
TYR HXT  H  N N 400 
VAL N    N  N N 401 
VAL CA   C  N S 402 
VAL C    C  N N 403 
VAL O    O  N N 404 
VAL CB   C  N N 405 
VAL CG1  C  N N 406 
VAL CG2  C  N N 407 
VAL OXT  O  N N 408 
VAL H    H  N N 409 
VAL H2   H  N N 410 
VAL HA   H  N N 411 
VAL HB   H  N N 412 
VAL HG11 H  N N 413 
VAL HG12 H  N N 414 
VAL HG13 H  N N 415 
VAL HG21 H  N N 416 
VAL HG22 H  N N 417 
VAL HG23 H  N N 418 
VAL HXT  H  N N 419 
ZN  ZN   ZN N N 420 
# 
loop_
_chem_comp_bond.comp_id 
_chem_comp_bond.atom_id_1 
_chem_comp_bond.atom_id_2 
_chem_comp_bond.value_order 
_chem_comp_bond.pdbx_aromatic_flag 
_chem_comp_bond.pdbx_stereo_config 
_chem_comp_bond.pdbx_ordinal 
ALA N   CA   sing N N 1   
ALA N   H    sing N N 2   
ALA N   H2   sing N N 3   
ALA CA  C    sing N N 4   
ALA CA  CB   sing N N 5   
ALA CA  HA   sing N N 6   
ALA C   O    doub N N 7   
ALA C   OXT  sing N N 8   
ALA CB  HB1  sing N N 9   
ALA CB  HB2  sing N N 10  
ALA CB  HB3  sing N N 11  
ALA OXT HXT  sing N N 12  
ARG N   CA   sing N N 13  
ARG N   H    sing N N 14  
ARG N   H2   sing N N 15  
ARG CA  C    sing N N 16  
ARG CA  CB   sing N N 17  
ARG CA  HA   sing N N 18  
ARG C   O    doub N N 19  
ARG C   OXT  sing N N 20  
ARG CB  CG   sing N N 21  
ARG CB  HB2  sing N N 22  
ARG CB  HB3  sing N N 23  
ARG CG  CD   sing N N 24  
ARG CG  HG2  sing N N 25  
ARG CG  HG3  sing N N 26  
ARG CD  NE   sing N N 27  
ARG CD  HD2  sing N N 28  
ARG CD  HD3  sing N N 29  
ARG NE  CZ   sing N N 30  
ARG NE  HE   sing N N 31  
ARG CZ  NH1  sing N N 32  
ARG CZ  NH2  doub N N 33  
ARG NH1 HH11 sing N N 34  
ARG NH1 HH12 sing N N 35  
ARG NH2 HH21 sing N N 36  
ARG NH2 HH22 sing N N 37  
ARG OXT HXT  sing N N 38  
ASN N   CA   sing N N 39  
ASN N   H    sing N N 40  
ASN N   H2   sing N N 41  
ASN CA  C    sing N N 42  
ASN CA  CB   sing N N 43  
ASN CA  HA   sing N N 44  
ASN C   O    doub N N 45  
ASN C   OXT  sing N N 46  
ASN CB  CG   sing N N 47  
ASN CB  HB2  sing N N 48  
ASN CB  HB3  sing N N 49  
ASN CG  OD1  doub N N 50  
ASN CG  ND2  sing N N 51  
ASN ND2 HD21 sing N N 52  
ASN ND2 HD22 sing N N 53  
ASN OXT HXT  sing N N 54  
ASP N   CA   sing N N 55  
ASP N   H    sing N N 56  
ASP N   H2   sing N N 57  
ASP CA  C    sing N N 58  
ASP CA  CB   sing N N 59  
ASP CA  HA   sing N N 60  
ASP C   O    doub N N 61  
ASP C   OXT  sing N N 62  
ASP CB  CG   sing N N 63  
ASP CB  HB2  sing N N 64  
ASP CB  HB3  sing N N 65  
ASP CG  OD1  doub N N 66  
ASP CG  OD2  sing N N 67  
ASP OD2 HD2  sing N N 68  
ASP OXT HXT  sing N N 69  
CYS N   CA   sing N N 70  
CYS N   H    sing N N 71  
CYS N   H2   sing N N 72  
CYS CA  C    sing N N 73  
CYS CA  CB   sing N N 74  
CYS CA  HA   sing N N 75  
CYS C   O    doub N N 76  
CYS C   OXT  sing N N 77  
CYS CB  SG   sing N N 78  
CYS CB  HB2  sing N N 79  
CYS CB  HB3  sing N N 80  
CYS SG  HG   sing N N 81  
CYS OXT HXT  sing N N 82  
EYM C8  C9   doub Y N 83  
EYM C8  C7   sing Y N 84  
EYM C9  C10  sing Y N 85  
EYM C7  C6   doub Y N 86  
EYM C10 C11  doub Y N 87  
EYM C6  C11  sing Y N 88  
EYM C6  N1   sing N N 89  
EYM C11 N    sing N N 90  
EYM N1  C2   doub N N 91  
EYM O   C5   doub N N 92  
EYM N   C    sing N N 93  
EYM N   C1   sing N N 94  
EYM C2  C1   sing N N 95  
EYM C2  C3   sing N N 96  
EYM C4  C5   sing N N 97  
EYM C4  C3   sing N N 98  
EYM C1  O2   doub N N 99  
EYM C5  O1   sing N N 100 
EYM C8  H1   sing N N 101 
EYM C4  H2   sing N N 102 
EYM C4  H3   sing N N 103 
EYM C3  H4   sing N N 104 
EYM C3  H5   sing N N 105 
EYM O1  H6   sing N N 106 
EYM C   H7   sing N N 107 
EYM C   H8   sing N N 108 
EYM C   H9   sing N N 109 
EYM C10 H10  sing N N 110 
EYM C9  H11  sing N N 111 
EYM C7  H12  sing N N 112 
GLN N   CA   sing N N 113 
GLN N   H    sing N N 114 
GLN N   H2   sing N N 115 
GLN CA  C    sing N N 116 
GLN CA  CB   sing N N 117 
GLN CA  HA   sing N N 118 
GLN C   O    doub N N 119 
GLN C   OXT  sing N N 120 
GLN CB  CG   sing N N 121 
GLN CB  HB2  sing N N 122 
GLN CB  HB3  sing N N 123 
GLN CG  CD   sing N N 124 
GLN CG  HG2  sing N N 125 
GLN CG  HG3  sing N N 126 
GLN CD  OE1  doub N N 127 
GLN CD  NE2  sing N N 128 
GLN NE2 HE21 sing N N 129 
GLN NE2 HE22 sing N N 130 
GLN OXT HXT  sing N N 131 
GLU N   CA   sing N N 132 
GLU N   H    sing N N 133 
GLU N   H2   sing N N 134 
GLU CA  C    sing N N 135 
GLU CA  CB   sing N N 136 
GLU CA  HA   sing N N 137 
GLU C   O    doub N N 138 
GLU C   OXT  sing N N 139 
GLU CB  CG   sing N N 140 
GLU CB  HB2  sing N N 141 
GLU CB  HB3  sing N N 142 
GLU CG  CD   sing N N 143 
GLU CG  HG2  sing N N 144 
GLU CG  HG3  sing N N 145 
GLU CD  OE1  doub N N 146 
GLU CD  OE2  sing N N 147 
GLU OE2 HE2  sing N N 148 
GLU OXT HXT  sing N N 149 
GLY N   CA   sing N N 150 
GLY N   H    sing N N 151 
GLY N   H2   sing N N 152 
GLY CA  C    sing N N 153 
GLY CA  HA2  sing N N 154 
GLY CA  HA3  sing N N 155 
GLY C   O    doub N N 156 
GLY C   OXT  sing N N 157 
GLY OXT HXT  sing N N 158 
HIS N   CA   sing N N 159 
HIS N   H    sing N N 160 
HIS N   H2   sing N N 161 
HIS CA  C    sing N N 162 
HIS CA  CB   sing N N 163 
HIS CA  HA   sing N N 164 
HIS C   O    doub N N 165 
HIS C   OXT  sing N N 166 
HIS CB  CG   sing N N 167 
HIS CB  HB2  sing N N 168 
HIS CB  HB3  sing N N 169 
HIS CG  ND1  sing Y N 170 
HIS CG  CD2  doub Y N 171 
HIS ND1 CE1  doub Y N 172 
HIS ND1 HD1  sing N N 173 
HIS CD2 NE2  sing Y N 174 
HIS CD2 HD2  sing N N 175 
HIS CE1 NE2  sing Y N 176 
HIS CE1 HE1  sing N N 177 
HIS NE2 HE2  sing N N 178 
HIS OXT HXT  sing N N 179 
HOH O   H1   sing N N 180 
HOH O   H2   sing N N 181 
ILE N   CA   sing N N 182 
ILE N   H    sing N N 183 
ILE N   H2   sing N N 184 
ILE CA  C    sing N N 185 
ILE CA  CB   sing N N 186 
ILE CA  HA   sing N N 187 
ILE C   O    doub N N 188 
ILE C   OXT  sing N N 189 
ILE CB  CG1  sing N N 190 
ILE CB  CG2  sing N N 191 
ILE CB  HB   sing N N 192 
ILE CG1 CD1  sing N N 193 
ILE CG1 HG12 sing N N 194 
ILE CG1 HG13 sing N N 195 
ILE CG2 HG21 sing N N 196 
ILE CG2 HG22 sing N N 197 
ILE CG2 HG23 sing N N 198 
ILE CD1 HD11 sing N N 199 
ILE CD1 HD12 sing N N 200 
ILE CD1 HD13 sing N N 201 
ILE OXT HXT  sing N N 202 
LEU N   CA   sing N N 203 
LEU N   H    sing N N 204 
LEU N   H2   sing N N 205 
LEU CA  C    sing N N 206 
LEU CA  CB   sing N N 207 
LEU CA  HA   sing N N 208 
LEU C   O    doub N N 209 
LEU C   OXT  sing N N 210 
LEU CB  CG   sing N N 211 
LEU CB  HB2  sing N N 212 
LEU CB  HB3  sing N N 213 
LEU CG  CD1  sing N N 214 
LEU CG  CD2  sing N N 215 
LEU CG  HG   sing N N 216 
LEU CD1 HD11 sing N N 217 
LEU CD1 HD12 sing N N 218 
LEU CD1 HD13 sing N N 219 
LEU CD2 HD21 sing N N 220 
LEU CD2 HD22 sing N N 221 
LEU CD2 HD23 sing N N 222 
LEU OXT HXT  sing N N 223 
LYS N   CA   sing N N 224 
LYS N   H    sing N N 225 
LYS N   H2   sing N N 226 
LYS CA  C    sing N N 227 
LYS CA  CB   sing N N 228 
LYS CA  HA   sing N N 229 
LYS C   O    doub N N 230 
LYS C   OXT  sing N N 231 
LYS CB  CG   sing N N 232 
LYS CB  HB2  sing N N 233 
LYS CB  HB3  sing N N 234 
LYS CG  CD   sing N N 235 
LYS CG  HG2  sing N N 236 
LYS CG  HG3  sing N N 237 
LYS CD  CE   sing N N 238 
LYS CD  HD2  sing N N 239 
LYS CD  HD3  sing N N 240 
LYS CE  NZ   sing N N 241 
LYS CE  HE2  sing N N 242 
LYS CE  HE3  sing N N 243 
LYS NZ  HZ1  sing N N 244 
LYS NZ  HZ2  sing N N 245 
LYS NZ  HZ3  sing N N 246 
LYS OXT HXT  sing N N 247 
MET N   CA   sing N N 248 
MET N   H    sing N N 249 
MET N   H2   sing N N 250 
MET CA  C    sing N N 251 
MET CA  CB   sing N N 252 
MET CA  HA   sing N N 253 
MET C   O    doub N N 254 
MET C   OXT  sing N N 255 
MET CB  CG   sing N N 256 
MET CB  HB2  sing N N 257 
MET CB  HB3  sing N N 258 
MET CG  SD   sing N N 259 
MET CG  HG2  sing N N 260 
MET CG  HG3  sing N N 261 
MET SD  CE   sing N N 262 
MET CE  HE1  sing N N 263 
MET CE  HE2  sing N N 264 
MET CE  HE3  sing N N 265 
MET OXT HXT  sing N N 266 
PHE N   CA   sing N N 267 
PHE N   H    sing N N 268 
PHE N   H2   sing N N 269 
PHE CA  C    sing N N 270 
PHE CA  CB   sing N N 271 
PHE CA  HA   sing N N 272 
PHE C   O    doub N N 273 
PHE C   OXT  sing N N 274 
PHE CB  CG   sing N N 275 
PHE CB  HB2  sing N N 276 
PHE CB  HB3  sing N N 277 
PHE CG  CD1  doub Y N 278 
PHE CG  CD2  sing Y N 279 
PHE CD1 CE1  sing Y N 280 
PHE CD1 HD1  sing N N 281 
PHE CD2 CE2  doub Y N 282 
PHE CD2 HD2  sing N N 283 
PHE CE1 CZ   doub Y N 284 
PHE CE1 HE1  sing N N 285 
PHE CE2 CZ   sing Y N 286 
PHE CE2 HE2  sing N N 287 
PHE CZ  HZ   sing N N 288 
PHE OXT HXT  sing N N 289 
PRO N   CA   sing N N 290 
PRO N   CD   sing N N 291 
PRO N   H    sing N N 292 
PRO CA  C    sing N N 293 
PRO CA  CB   sing N N 294 
PRO CA  HA   sing N N 295 
PRO C   O    doub N N 296 
PRO C   OXT  sing N N 297 
PRO CB  CG   sing N N 298 
PRO CB  HB2  sing N N 299 
PRO CB  HB3  sing N N 300 
PRO CG  CD   sing N N 301 
PRO CG  HG2  sing N N 302 
PRO CG  HG3  sing N N 303 
PRO CD  HD2  sing N N 304 
PRO CD  HD3  sing N N 305 
PRO OXT HXT  sing N N 306 
SER N   CA   sing N N 307 
SER N   H    sing N N 308 
SER N   H2   sing N N 309 
SER CA  C    sing N N 310 
SER CA  CB   sing N N 311 
SER CA  HA   sing N N 312 
SER C   O    doub N N 313 
SER C   OXT  sing N N 314 
SER CB  OG   sing N N 315 
SER CB  HB2  sing N N 316 
SER CB  HB3  sing N N 317 
SER OG  HG   sing N N 318 
SER OXT HXT  sing N N 319 
THR N   CA   sing N N 320 
THR N   H    sing N N 321 
THR N   H2   sing N N 322 
THR CA  C    sing N N 323 
THR CA  CB   sing N N 324 
THR CA  HA   sing N N 325 
THR C   O    doub N N 326 
THR C   OXT  sing N N 327 
THR CB  OG1  sing N N 328 
THR CB  CG2  sing N N 329 
THR CB  HB   sing N N 330 
THR OG1 HG1  sing N N 331 
THR CG2 HG21 sing N N 332 
THR CG2 HG22 sing N N 333 
THR CG2 HG23 sing N N 334 
THR OXT HXT  sing N N 335 
TRP N   CA   sing N N 336 
TRP N   H    sing N N 337 
TRP N   H2   sing N N 338 
TRP CA  C    sing N N 339 
TRP CA  CB   sing N N 340 
TRP CA  HA   sing N N 341 
TRP C   O    doub N N 342 
TRP C   OXT  sing N N 343 
TRP CB  CG   sing N N 344 
TRP CB  HB2  sing N N 345 
TRP CB  HB3  sing N N 346 
TRP CG  CD1  doub Y N 347 
TRP CG  CD2  sing Y N 348 
TRP CD1 NE1  sing Y N 349 
TRP CD1 HD1  sing N N 350 
TRP CD2 CE2  doub Y N 351 
TRP CD2 CE3  sing Y N 352 
TRP NE1 CE2  sing Y N 353 
TRP NE1 HE1  sing N N 354 
TRP CE2 CZ2  sing Y N 355 
TRP CE3 CZ3  doub Y N 356 
TRP CE3 HE3  sing N N 357 
TRP CZ2 CH2  doub Y N 358 
TRP CZ2 HZ2  sing N N 359 
TRP CZ3 CH2  sing Y N 360 
TRP CZ3 HZ3  sing N N 361 
TRP CH2 HH2  sing N N 362 
TRP OXT HXT  sing N N 363 
TYR N   CA   sing N N 364 
TYR N   H    sing N N 365 
TYR N   H2   sing N N 366 
TYR CA  C    sing N N 367 
TYR CA  CB   sing N N 368 
TYR CA  HA   sing N N 369 
TYR C   O    doub N N 370 
TYR C   OXT  sing N N 371 
TYR CB  CG   sing N N 372 
TYR CB  HB2  sing N N 373 
TYR CB  HB3  sing N N 374 
TYR CG  CD1  doub Y N 375 
TYR CG  CD2  sing Y N 376 
TYR CD1 CE1  sing Y N 377 
TYR CD1 HD1  sing N N 378 
TYR CD2 CE2  doub Y N 379 
TYR CD2 HD2  sing N N 380 
TYR CE1 CZ   doub Y N 381 
TYR CE1 HE1  sing N N 382 
TYR CE2 CZ   sing Y N 383 
TYR CE2 HE2  sing N N 384 
TYR CZ  OH   sing N N 385 
TYR OH  HH   sing N N 386 
TYR OXT HXT  sing N N 387 
VAL N   CA   sing N N 388 
VAL N   H    sing N N 389 
VAL N   H2   sing N N 390 
VAL CA  C    sing N N 391 
VAL CA  CB   sing N N 392 
VAL CA  HA   sing N N 393 
VAL C   O    doub N N 394 
VAL C   OXT  sing N N 395 
VAL CB  CG1  sing N N 396 
VAL CB  CG2  sing N N 397 
VAL CB  HB   sing N N 398 
VAL CG1 HG11 sing N N 399 
VAL CG1 HG12 sing N N 400 
VAL CG1 HG13 sing N N 401 
VAL CG2 HG21 sing N N 402 
VAL CG2 HG22 sing N N 403 
VAL CG2 HG23 sing N N 404 
VAL OXT HXT  sing N N 405 
# 
loop_
_pdbx_entity_nonpoly.entity_id 
_pdbx_entity_nonpoly.name 
_pdbx_entity_nonpoly.comp_id 
2 'ZINC ION'                                                    ZN  
3 '3-(4-methyl-3-oxo-3,4-dihydroquinoxalin-2-yl)propanoic acid' EYM 
4 'UNKNOWN ATOM OR ION'                                         UNX 
5 water                                                         HOH 
# 
_pdbx_initial_refinement_model.id               1 
_pdbx_initial_refinement_model.entity_id_list   ? 
_pdbx_initial_refinement_model.type             'experimental model' 
_pdbx_initial_refinement_model.source_name      PDB 
_pdbx_initial_refinement_model.accession_code   5KH3 
_pdbx_initial_refinement_model.details          'pdbid 5KH3' 
# 
_pdbx_struct_assembly_auth_evidence.id                     1 
_pdbx_struct_assembly_auth_evidence.assembly_id            1 
_pdbx_struct_assembly_auth_evidence.experimental_support   'gel filtration' 
_pdbx_struct_assembly_auth_evidence.details                ? 
# 
